data_7CS5
#
_entry.id   7CS5
#
_cell.length_a   244.953
_cell.length_b   244.953
_cell.length_c   75.744
_cell.angle_alpha   90.000
_cell.angle_beta   90.000
_cell.angle_gamma   120.000
#
_symmetry.space_group_name_H-M   'P 61'
#
loop_
_entity.id
_entity.type
_entity.pdbx_description
1 polymer 'Pinoresinol-lariciresinol reductase'
2 non-polymer 4-[(3R,3aS,6R,6aS)-6-(3-methoxy-4-oxidanyl-phenyl)-1,3,3a,4,6,6a-hexahydrofuro[3,4-c]furan-3-yl]-2-methoxy-phenol
3 non-polymer 'NADPH DIHYDRO-NICOTINAMIDE-ADENINE-DINUCLEOTIDE PHOSPHATE'
4 water water
#
_entity_poly.entity_id   1
_entity_poly.type   'polypeptide(L)'
_entity_poly.pdbx_seq_one_letter_code
;MRENNSGEKTRVLVVGGTGTMGRRIVRACLAEGHETYVLQQPETRVDIEKVQLLYSYKRLGARLIEASFSDHQSLVSAVK
QVDIVVAAMSGVHFRSHSILVQLKLVEAIKEAGNIKRFLPSEFGMDPSRMGHAMPPGRETFDQKLEVRNAIEAAGIPHTY
VVGACFAAYFAGNLSQMGTLIPPKKKVNIYGDGNVKVVYVDEDDIAEYTAKTLDDPRTINKTVYVRPTENVLTQMELVQI
WEKLTGKELEKTNISANDFLADIEDKEIPHQAGLGHFYHIFYEGCLTDHEVGDDEEASKLYPDVKYTRMDEYLKIFL
;
_entity_poly.pdbx_strand_id   E,A,F,D,C,B
#
# COMPACT_ATOMS: atom_id res chain seq x y z
N SER A 6 -2.25 5.17 35.79
CA SER A 6 -3.50 5.93 35.80
C SER A 6 -4.69 5.10 35.33
N GLY A 7 -4.54 4.49 34.16
CA GLY A 7 -5.45 3.43 33.80
C GLY A 7 -5.27 2.18 34.62
N GLU A 8 -4.20 2.12 35.41
CA GLU A 8 -3.95 1.00 36.31
C GLU A 8 -4.44 1.28 37.73
N LYS A 9 -5.01 2.45 37.99
CA LYS A 9 -5.61 2.73 39.29
C LYS A 9 -6.84 1.87 39.53
N THR A 10 -6.93 1.34 40.74
CA THR A 10 -8.21 0.81 41.21
C THR A 10 -9.20 1.96 41.32
N ARG A 11 -10.43 1.76 40.83
CA ARG A 11 -11.49 2.74 40.97
C ARG A 11 -12.38 2.37 42.16
N VAL A 12 -12.52 3.29 43.11
CA VAL A 12 -13.21 3.02 44.38
C VAL A 12 -14.38 3.98 44.52
N LEU A 13 -15.55 3.42 44.86
CA LEU A 13 -16.70 4.23 45.26
C LEU A 13 -16.81 4.19 46.78
N VAL A 14 -16.79 5.36 47.40
CA VAL A 14 -17.01 5.49 48.83
C VAL A 14 -18.46 5.88 49.07
N VAL A 15 -19.18 5.05 49.80
CA VAL A 15 -20.57 5.28 50.16
C VAL A 15 -20.60 5.73 51.61
N GLY A 16 -21.14 6.91 51.86
CA GLY A 16 -21.07 7.48 53.19
C GLY A 16 -19.89 8.40 53.37
N GLY A 17 -19.47 9.07 52.30
CA GLY A 17 -18.21 9.78 52.25
C GLY A 17 -18.11 11.05 53.03
N THR A 18 -19.22 11.57 53.59
CA THR A 18 -19.13 12.70 54.50
C THR A 18 -19.30 12.31 55.96
N GLY A 19 -19.35 11.00 56.25
CA GLY A 19 -19.34 10.52 57.61
C GLY A 19 -17.97 10.61 58.26
N THR A 20 -17.93 10.27 59.56
CA THR A 20 -16.69 10.35 60.32
C THR A 20 -15.62 9.45 59.74
N MET A 21 -15.94 8.18 59.55
CA MET A 21 -15.00 7.25 58.95
C MET A 21 -14.92 7.46 57.44
N GLY A 22 -16.08 7.72 56.81
CA GLY A 22 -16.13 7.84 55.37
C GLY A 22 -15.26 8.94 54.82
N ARG A 23 -15.24 10.11 55.47
CA ARG A 23 -14.41 11.20 54.97
C ARG A 23 -12.94 10.83 55.00
N ARG A 24 -12.52 10.12 56.05
CA ARG A 24 -11.14 9.67 56.12
C ARG A 24 -10.84 8.61 55.07
N ILE A 25 -11.82 7.76 54.75
CA ILE A 25 -11.57 6.76 53.73
C ILE A 25 -11.42 7.44 52.36
N VAL A 26 -12.25 8.45 52.08
CA VAL A 26 -12.11 9.22 50.84
C VAL A 26 -10.68 9.72 50.69
N ARG A 27 -10.18 10.43 51.70
CA ARG A 27 -8.83 10.99 51.62
C ARG A 27 -7.76 9.92 51.58
N ALA A 28 -7.92 8.84 52.36
CA ALA A 28 -6.93 7.78 52.31
C ALA A 28 -6.92 7.11 50.94
N CYS A 29 -8.08 6.98 50.29
CA CYS A 29 -8.11 6.40 48.96
C CYS A 29 -7.35 7.29 47.97
N LEU A 30 -7.54 8.60 48.07
CA LEU A 30 -6.79 9.53 47.21
C LEU A 30 -5.30 9.44 47.49
N ALA A 31 -4.92 9.53 48.78
CA ALA A 31 -3.51 9.49 49.13
C ALA A 31 -2.86 8.19 48.69
N GLU A 32 -3.62 7.11 48.61
CA GLU A 32 -3.08 5.86 48.12
C GLU A 32 -2.94 5.85 46.60
N GLY A 33 -3.51 6.82 45.91
CA GLY A 33 -3.48 6.83 44.46
C GLY A 33 -4.67 6.21 43.78
N HIS A 34 -5.70 5.81 44.52
CA HIS A 34 -6.87 5.24 43.87
C HIS A 34 -7.65 6.34 43.16
N GLU A 35 -8.28 5.97 42.05
CA GLU A 35 -9.23 6.86 41.39
C GLU A 35 -10.51 6.81 42.21
N THR A 36 -10.87 7.92 42.84
CA THR A 36 -11.80 7.89 43.95
C THR A 36 -13.12 8.57 43.58
N TYR A 37 -14.22 7.87 43.82
CA TYR A 37 -15.56 8.38 43.57
C TYR A 37 -16.30 8.42 44.89
N VAL A 38 -17.17 9.42 45.03
CA VAL A 38 -17.94 9.61 46.25
C VAL A 38 -19.41 9.66 45.88
N LEU A 39 -20.21 8.78 46.49
CA LEU A 39 -21.66 8.84 46.32
C LEU A 39 -22.20 10.16 46.84
N GLN A 40 -22.92 10.88 45.98
CA GLN A 40 -23.57 12.13 46.36
C GLN A 40 -25.06 11.85 46.44
N GLN A 41 -25.58 11.76 47.65
CA GLN A 41 -26.99 11.54 47.82
C GLN A 41 -27.74 12.86 47.74
N PRO A 42 -29.04 12.82 47.43
CA PRO A 42 -29.83 14.05 47.43
C PRO A 42 -29.76 14.74 48.78
N GLU A 43 -29.70 16.06 48.77
CA GLU A 43 -29.80 16.84 49.99
C GLU A 43 -31.12 16.53 50.69
N THR A 44 -31.04 16.31 52.00
CA THR A 44 -32.24 16.19 52.84
C THR A 44 -32.56 17.49 53.57
N ARG A 45 -31.70 18.49 53.48
CA ARG A 45 -31.89 19.78 54.12
C ARG A 45 -30.79 20.70 53.60
N VAL A 46 -30.87 21.97 53.97
CA VAL A 46 -29.73 22.86 53.79
C VAL A 46 -28.65 22.45 54.79
N ASP A 47 -27.50 22.02 54.30
CA ASP A 47 -26.42 21.48 55.16
C ASP A 47 -25.09 21.97 54.61
N ILE A 48 -24.68 23.15 55.06
CA ILE A 48 -23.51 23.83 54.52
C ILE A 48 -22.26 22.99 54.71
N GLU A 49 -22.11 22.35 55.87
CA GLU A 49 -20.89 21.60 56.15
C GLU A 49 -20.81 20.34 55.30
N LYS A 50 -21.94 19.65 55.12
CA LYS A 50 -21.95 18.43 54.32
C LYS A 50 -21.66 18.72 52.85
N VAL A 51 -22.35 19.70 52.28
CA VAL A 51 -22.15 20.07 50.88
C VAL A 51 -20.71 20.47 50.63
N GLN A 52 -20.14 21.28 51.53
CA GLN A 52 -18.81 21.81 51.29
C GLN A 52 -17.74 20.74 51.45
N LEU A 53 -17.93 19.81 52.39
CA LEU A 53 -17.05 18.66 52.48
C LEU A 53 -17.08 17.84 51.19
N LEU A 54 -18.27 17.56 50.68
CA LEU A 54 -18.39 16.76 49.46
C LEU A 54 -17.65 17.40 48.30
N TYR A 55 -17.85 18.70 48.08
CA TYR A 55 -17.24 19.34 46.92
C TYR A 55 -15.76 19.58 47.14
N SER A 56 -15.31 19.70 48.39
CA SER A 56 -13.87 19.82 48.65
C SER A 56 -13.11 18.62 48.11
N TYR A 57 -13.75 17.44 48.06
CA TYR A 57 -13.07 16.27 47.51
C TYR A 57 -12.68 16.46 46.05
N LYS A 58 -13.49 17.20 45.28
CA LYS A 58 -13.20 17.43 43.86
C LYS A 58 -11.88 18.14 43.67
N ARG A 59 -11.54 19.08 44.55
CA ARG A 59 -10.26 19.78 44.44
C ARG A 59 -9.09 18.83 44.68
N LEU A 60 -9.32 17.74 45.41
CA LEU A 60 -8.31 16.72 45.60
C LEU A 60 -8.31 15.68 44.49
N GLY A 61 -9.19 15.81 43.49
CA GLY A 61 -9.23 14.88 42.39
C GLY A 61 -10.32 13.82 42.44
N ALA A 62 -11.14 13.80 43.48
CA ALA A 62 -12.24 12.85 43.52
C ALA A 62 -13.36 13.31 42.59
N ARG A 63 -14.20 12.36 42.20
CA ARG A 63 -15.39 12.66 41.44
C ARG A 63 -16.62 12.29 42.23
N LEU A 64 -17.71 13.02 42.00
CA LEU A 64 -18.97 12.77 42.65
C LEU A 64 -19.90 12.03 41.69
N ILE A 65 -20.57 11.00 42.20
CA ILE A 65 -21.60 10.30 41.44
C ILE A 65 -22.91 10.47 42.20
N GLU A 66 -23.87 11.11 41.57
CA GLU A 66 -25.19 11.30 42.17
C GLU A 66 -26.00 10.01 42.06
N ALA A 67 -26.54 9.57 43.18
CA ALA A 67 -27.43 8.42 43.21
C ALA A 67 -28.23 8.48 44.50
N SER A 68 -29.27 7.66 44.55
CA SER A 68 -30.19 7.63 45.69
C SER A 68 -30.50 6.19 46.04
N PHE A 69 -30.56 5.91 47.34
CA PHE A 69 -30.88 4.56 47.78
C PHE A 69 -32.32 4.15 47.48
N SER A 70 -33.22 5.11 47.28
CA SER A 70 -34.59 4.75 46.91
C SER A 70 -34.77 4.58 45.40
N ASP A 71 -33.72 4.79 44.61
CA ASP A 71 -33.74 4.65 43.15
C ASP A 71 -32.75 3.54 42.78
N HIS A 72 -33.25 2.30 42.71
CA HIS A 72 -32.40 1.16 42.41
C HIS A 72 -31.51 1.39 41.20
N GLN A 73 -32.07 1.93 40.12
CA GLN A 73 -31.29 2.03 38.89
C GLN A 73 -30.18 3.06 39.01
N SER A 74 -30.37 4.10 39.84
CA SER A 74 -29.28 5.04 40.04
C SER A 74 -28.13 4.42 40.81
N LEU A 75 -28.40 3.41 41.64
CA LEU A 75 -27.32 2.73 42.36
C LEU A 75 -26.58 1.78 41.43
N VAL A 76 -27.32 1.05 40.59
CA VAL A 76 -26.70 0.25 39.55
C VAL A 76 -25.80 1.12 38.67
N SER A 77 -26.33 2.26 38.20
CA SER A 77 -25.52 3.16 37.37
C SER A 77 -24.24 3.58 38.09
N ALA A 78 -24.33 3.85 39.39
CA ALA A 78 -23.15 4.33 40.10
C ALA A 78 -22.08 3.23 40.20
N VAL A 79 -22.47 2.02 40.58
CA VAL A 79 -21.43 1.03 40.84
C VAL A 79 -20.84 0.47 39.56
N LYS A 80 -21.55 0.62 38.44
CA LYS A 80 -20.96 0.23 37.16
C LYS A 80 -19.79 1.12 36.76
N GLN A 81 -19.58 2.24 37.43
CA GLN A 81 -18.49 3.15 37.08
C GLN A 81 -17.22 2.87 37.85
N VAL A 82 -17.22 1.91 38.78
CA VAL A 82 -16.06 1.68 39.63
C VAL A 82 -15.75 0.18 39.65
N ASP A 83 -14.67 -0.15 40.35
CA ASP A 83 -14.23 -1.53 40.55
C ASP A 83 -14.50 -2.05 41.94
N ILE A 84 -14.48 -1.17 42.93
CA ILE A 84 -14.60 -1.54 44.34
C ILE A 84 -15.46 -0.50 45.05
N VAL A 85 -16.30 -0.98 45.97
CA VAL A 85 -17.21 -0.14 46.74
C VAL A 85 -16.84 -0.28 48.22
N VAL A 86 -16.73 0.84 48.90
CA VAL A 86 -16.51 0.87 50.35
C VAL A 86 -17.63 1.68 50.97
N ALA A 87 -18.33 1.07 51.94
CA ALA A 87 -19.42 1.74 52.63
C ALA A 87 -19.04 2.01 54.09
N ALA A 88 -19.39 3.22 54.57
CA ALA A 88 -19.17 3.58 55.97
C ALA A 88 -20.38 4.40 56.45
N MET A 89 -21.51 3.71 56.63
CA MET A 89 -22.75 4.31 57.09
C MET A 89 -22.82 4.29 58.60
N SER A 90 -23.64 5.18 59.15
CA SER A 90 -23.76 5.32 60.59
C SER A 90 -24.19 4.00 61.23
N GLY A 91 -23.70 3.75 62.44
CA GLY A 91 -24.02 2.53 63.15
C GLY A 91 -25.45 2.47 63.68
N HIS A 97 -30.94 0.19 60.51
CA HIS A 97 -31.55 1.08 59.53
C HIS A 97 -30.50 1.57 58.55
N SER A 98 -29.68 2.52 59.01
CA SER A 98 -28.54 2.98 58.23
C SER A 98 -27.73 1.80 57.71
N ILE A 99 -27.40 0.85 58.57
CA ILE A 99 -26.63 -0.30 58.11
C ILE A 99 -27.44 -1.09 57.07
N LEU A 100 -28.75 -1.26 57.32
CA LEU A 100 -29.55 -2.10 56.43
C LEU A 100 -29.76 -1.45 55.06
N VAL A 101 -29.55 -0.15 54.94
CA VAL A 101 -29.60 0.49 53.62
C VAL A 101 -28.63 -0.18 52.67
N GLN A 102 -27.54 -0.76 53.19
CA GLN A 102 -26.57 -1.46 52.37
C GLN A 102 -27.17 -2.65 51.63
N LEU A 103 -28.30 -3.19 52.09
CA LEU A 103 -28.93 -4.29 51.34
C LEU A 103 -29.34 -3.83 49.95
N LYS A 104 -29.83 -2.58 49.83
CA LYS A 104 -30.04 -1.98 48.52
C LYS A 104 -28.76 -2.00 47.70
N LEU A 105 -27.65 -1.59 48.31
CA LEU A 105 -26.38 -1.52 47.61
C LEU A 105 -25.96 -2.90 47.12
N VAL A 106 -26.17 -3.93 47.94
CA VAL A 106 -25.80 -5.28 47.55
C VAL A 106 -26.59 -5.72 46.32
N GLU A 107 -27.90 -5.45 46.33
CA GLU A 107 -28.75 -5.79 45.19
C GLU A 107 -28.27 -5.08 43.92
N ALA A 108 -27.87 -3.81 44.06
CA ALA A 108 -27.35 -3.07 42.91
C ALA A 108 -26.02 -3.64 42.45
N ILE A 109 -25.15 -4.02 43.38
CA ILE A 109 -23.86 -4.59 43.01
C ILE A 109 -24.06 -5.94 42.33
N LYS A 110 -25.03 -6.72 42.83
CA LYS A 110 -25.29 -8.03 42.23
C LYS A 110 -25.80 -7.90 40.81
N GLU A 111 -26.69 -6.94 40.54
CA GLU A 111 -27.19 -6.75 39.19
C GLU A 111 -26.12 -6.19 38.27
N ALA A 112 -25.27 -5.28 38.79
CA ALA A 112 -24.26 -4.63 37.96
C ALA A 112 -23.24 -5.62 37.44
N GLY A 113 -22.74 -6.50 38.31
CA GLY A 113 -21.90 -7.61 37.90
C GLY A 113 -20.42 -7.31 37.79
N ASN A 114 -20.00 -6.03 37.79
CA ASN A 114 -18.62 -5.64 37.53
C ASN A 114 -17.75 -5.46 38.77
N ILE A 115 -18.31 -5.54 39.96
CA ILE A 115 -17.57 -5.11 41.14
C ILE A 115 -16.60 -6.22 41.58
N LYS A 116 -15.34 -5.85 41.78
CA LYS A 116 -14.33 -6.81 42.23
C LYS A 116 -14.37 -7.03 43.74
N ARG A 117 -14.75 -6.02 44.52
CA ARG A 117 -14.80 -6.21 45.97
C ARG A 117 -15.73 -5.18 46.59
N PHE A 118 -16.36 -5.59 47.69
CA PHE A 118 -17.22 -4.73 48.49
C PHE A 118 -16.75 -4.85 49.93
N LEU A 119 -16.40 -3.71 50.52
CA LEU A 119 -16.11 -3.61 51.94
C LEU A 119 -17.31 -2.94 52.58
N PRO A 120 -18.17 -3.68 53.29
CA PRO A 120 -19.32 -3.06 53.94
C PRO A 120 -18.93 -2.29 55.18
N SER A 121 -19.91 -1.62 55.78
CA SER A 121 -19.70 -0.71 56.90
C SER A 121 -19.51 -1.53 58.17
N GLU A 122 -18.24 -1.81 58.49
CA GLU A 122 -17.85 -2.61 59.64
C GLU A 122 -17.11 -1.74 60.66
N PHE A 123 -15.77 -1.82 60.66
CA PHE A 123 -14.92 -0.82 61.33
C PHE A 123 -15.11 -0.78 62.84
N GLY A 124 -15.49 -1.90 63.44
CA GLY A 124 -15.59 -1.98 64.89
C GLY A 124 -15.62 -3.41 65.39
N MET A 125 -16.49 -3.68 66.35
CA MET A 125 -16.62 -5.04 66.88
C MET A 125 -17.00 -6.02 65.78
N ASP A 126 -16.46 -7.24 65.88
CA ASP A 126 -16.80 -8.29 64.92
C ASP A 126 -18.23 -8.75 65.19
N PRO A 127 -19.17 -8.53 64.28
CA PRO A 127 -20.54 -8.96 64.54
C PRO A 127 -20.75 -10.46 64.42
N SER A 128 -19.80 -11.22 63.89
CA SER A 128 -19.93 -12.67 63.91
C SER A 128 -19.63 -13.20 65.31
N ARG A 129 -18.85 -12.44 66.07
CA ARG A 129 -18.97 -12.18 67.51
C ARG A 129 -17.71 -12.48 68.32
N ASP A 142 -29.06 -8.97 64.23
CA ASP A 142 -28.01 -7.98 64.09
C ASP A 142 -27.80 -7.55 62.62
N GLN A 143 -27.74 -6.24 62.42
CA GLN A 143 -27.84 -5.69 61.07
C GLN A 143 -26.57 -5.92 60.27
N LYS A 144 -25.40 -5.76 60.87
CA LYS A 144 -24.17 -5.98 60.10
C LYS A 144 -24.10 -7.42 59.61
N LEU A 145 -24.47 -8.38 60.46
CA LEU A 145 -24.41 -9.76 60.06
C LEU A 145 -25.38 -10.05 58.92
N GLU A 146 -26.51 -9.37 58.93
CA GLU A 146 -27.49 -9.54 57.86
C GLU A 146 -26.94 -9.03 56.53
N VAL A 147 -26.17 -7.94 56.58
CA VAL A 147 -25.51 -7.44 55.38
C VAL A 147 -24.46 -8.43 54.91
N ARG A 148 -23.68 -8.98 55.84
CA ARG A 148 -22.70 -9.98 55.47
C ARG A 148 -23.36 -11.17 54.76
N ASN A 149 -24.48 -11.65 55.30
CA ASN A 149 -25.11 -12.83 54.71
C ASN A 149 -25.56 -12.55 53.28
N ALA A 150 -26.11 -11.37 53.04
CA ALA A 150 -26.56 -11.00 51.71
C ALA A 150 -25.40 -10.83 50.75
N ILE A 151 -24.29 -10.26 51.22
CA ILE A 151 -23.07 -10.16 50.41
C ILE A 151 -22.61 -11.55 50.00
N GLU A 152 -22.56 -12.47 50.96
CA GLU A 152 -22.01 -13.78 50.67
C GLU A 152 -22.97 -14.61 49.84
N ALA A 153 -24.28 -14.46 50.08
CA ALA A 153 -25.27 -15.15 49.24
C ALA A 153 -25.18 -14.71 47.79
N ALA A 154 -24.92 -13.41 47.56
CA ALA A 154 -24.83 -12.91 46.20
C ALA A 154 -23.49 -13.21 45.55
N GLY A 155 -22.56 -13.85 46.26
CA GLY A 155 -21.24 -14.15 45.72
C GLY A 155 -20.37 -12.93 45.43
N ILE A 156 -20.57 -11.84 46.15
CA ILE A 156 -19.79 -10.62 45.96
C ILE A 156 -18.53 -10.74 46.81
N PRO A 157 -17.33 -10.67 46.24
CA PRO A 157 -16.12 -10.75 47.06
C PRO A 157 -16.05 -9.59 48.03
N HIS A 158 -15.50 -9.85 49.21
CA HIS A 158 -15.63 -8.91 50.32
C HIS A 158 -14.34 -8.82 51.12
N THR A 159 -14.20 -7.71 51.85
CA THR A 159 -13.26 -7.63 52.96
C THR A 159 -13.96 -6.96 54.13
N TYR A 160 -13.88 -7.59 55.33
CA TYR A 160 -14.46 -7.07 56.56
C TYR A 160 -13.35 -6.52 57.44
N VAL A 161 -13.31 -5.20 57.62
CA VAL A 161 -12.28 -4.52 58.41
C VAL A 161 -12.86 -4.31 59.81
N VAL A 162 -12.26 -4.92 60.83
CA VAL A 162 -12.85 -4.97 62.16
C VAL A 162 -11.77 -4.84 63.22
N GLY A 163 -12.20 -4.66 64.47
CA GLY A 163 -11.41 -4.99 65.64
C GLY A 163 -10.79 -3.85 66.44
N ALA A 164 -11.15 -2.59 66.19
CA ALA A 164 -10.54 -1.49 66.90
C ALA A 164 -11.58 -0.50 67.42
N CYS A 165 -11.25 0.17 68.53
CA CYS A 165 -11.97 1.34 69.01
C CYS A 165 -11.41 2.59 68.35
N PHE A 166 -12.31 3.41 67.80
CA PHE A 166 -11.87 4.71 67.30
C PHE A 166 -11.23 5.48 68.44
N ALA A 167 -10.04 6.02 68.19
CA ALA A 167 -9.34 6.74 69.24
C ALA A 167 -10.16 7.95 69.72
N ALA A 168 -10.90 8.58 68.80
CA ALA A 168 -11.63 9.79 69.20
C ALA A 168 -12.77 9.45 70.15
N TYR A 169 -13.33 8.25 70.04
CA TYR A 169 -14.46 7.85 70.85
C TYR A 169 -14.04 7.14 72.14
N PHE A 170 -12.83 6.63 72.23
CA PHE A 170 -12.43 5.83 73.38
C PHE A 170 -11.09 6.18 73.98
N ALA A 171 -10.19 6.85 73.26
CA ALA A 171 -8.88 7.13 73.84
C ALA A 171 -8.77 8.55 74.37
N GLY A 172 -9.24 9.53 73.60
CA GLY A 172 -9.11 10.92 73.99
C GLY A 172 -9.91 11.27 75.22
N ASN A 173 -10.93 10.48 75.55
CA ASN A 173 -11.72 10.66 76.75
C ASN A 173 -11.31 9.68 77.86
N LEU A 174 -10.19 8.97 77.68
CA LEU A 174 -9.83 7.90 78.60
C LEU A 174 -11.00 6.94 78.78
N SER A 175 -11.77 6.74 77.71
CA SER A 175 -12.87 5.78 77.67
C SER A 175 -14.01 6.15 78.62
N GLN A 176 -14.10 7.41 79.03
CA GLN A 176 -15.27 7.86 79.77
C GLN A 176 -16.42 8.09 78.79
N MET A 177 -17.64 7.91 79.27
CA MET A 177 -18.81 8.15 78.45
C MET A 177 -19.25 9.60 78.55
N GLY A 178 -19.89 10.10 77.50
CA GLY A 178 -20.48 11.41 77.54
C GLY A 178 -19.55 12.54 77.21
N THR A 179 -18.26 12.28 77.01
CA THR A 179 -17.29 13.32 76.73
C THR A 179 -16.32 12.77 75.71
N LEU A 180 -15.62 13.68 75.03
CA LEU A 180 -14.59 13.30 74.07
C LEU A 180 -13.22 13.85 74.45
N ILE A 181 -13.06 14.42 75.63
CA ILE A 181 -11.76 14.97 76.02
C ILE A 181 -11.41 14.43 77.40
N PRO A 182 -10.15 14.50 77.79
CA PRO A 182 -9.73 13.89 79.03
C PRO A 182 -10.37 14.58 80.21
N PRO A 183 -10.77 13.81 81.22
CA PRO A 183 -11.34 14.42 82.43
C PRO A 183 -10.24 15.10 83.23
N LYS A 184 -10.64 16.12 84.00
CA LYS A 184 -9.63 16.90 84.70
C LYS A 184 -9.24 16.31 86.06
N LYS A 185 -10.16 15.60 86.74
CA LYS A 185 -9.77 15.12 88.08
C LYS A 185 -10.15 13.67 88.35
N LYS A 186 -11.31 13.22 87.92
CA LYS A 186 -11.84 11.91 88.26
C LYS A 186 -12.01 11.07 87.00
N VAL A 187 -11.85 9.76 87.16
CA VAL A 187 -12.01 8.84 86.06
C VAL A 187 -12.69 7.57 86.58
N ASN A 188 -13.67 7.05 85.83
CA ASN A 188 -14.27 5.75 86.08
C ASN A 188 -13.46 4.67 85.41
N ILE A 189 -13.06 3.65 86.18
CA ILE A 189 -12.34 2.49 85.68
C ILE A 189 -13.31 1.33 85.63
N TYR A 190 -13.35 0.60 84.51
CA TYR A 190 -14.32 -0.49 84.34
C TYR A 190 -13.70 -1.78 84.90
N GLY A 191 -14.35 -2.35 85.91
CA GLY A 191 -13.74 -3.45 86.63
C GLY A 191 -12.44 -2.96 87.25
N ASP A 192 -11.42 -3.83 87.22
CA ASP A 192 -10.08 -3.41 87.59
C ASP A 192 -9.35 -2.72 86.45
N GLY A 193 -9.99 -2.53 85.29
CA GLY A 193 -9.33 -1.86 84.18
C GLY A 193 -8.12 -2.58 83.64
N ASN A 194 -8.10 -3.90 83.71
CA ASN A 194 -7.00 -4.73 83.23
C ASN A 194 -7.42 -5.58 82.03
N VAL A 195 -8.47 -5.19 81.33
CA VAL A 195 -8.90 -5.88 80.12
C VAL A 195 -8.32 -5.18 78.89
N LYS A 196 -7.69 -5.97 78.02
CA LYS A 196 -7.01 -5.42 76.86
C LYS A 196 -8.00 -4.89 75.83
N VAL A 197 -7.75 -3.66 75.37
CA VAL A 197 -8.58 -2.98 74.38
C VAL A 197 -7.66 -2.59 73.23
N VAL A 198 -8.25 -2.28 72.07
CA VAL A 198 -7.49 -1.86 70.90
C VAL A 198 -7.89 -0.42 70.57
N TYR A 199 -6.96 0.51 70.73
CA TYR A 199 -7.18 1.92 70.48
C TYR A 199 -6.43 2.34 69.22
N VAL A 200 -7.16 2.80 68.20
CA VAL A 200 -6.54 3.11 66.91
C VAL A 200 -7.06 4.44 66.37
N ASP A 201 -6.13 5.32 66.02
CA ASP A 201 -6.43 6.56 65.30
C ASP A 201 -7.28 6.26 64.05
N GLU A 202 -8.40 6.97 63.92
CA GLU A 202 -9.29 6.76 62.78
C GLU A 202 -8.56 6.91 61.44
N ASP A 203 -7.57 7.81 61.37
CA ASP A 203 -6.79 7.98 60.14
C ASP A 203 -6.03 6.70 59.79
N ASP A 204 -5.54 5.96 60.79
CA ASP A 204 -4.87 4.70 60.51
C ASP A 204 -5.86 3.64 60.04
N ILE A 205 -7.04 3.59 60.65
CA ILE A 205 -8.05 2.66 60.17
C ILE A 205 -8.36 2.93 58.69
N ALA A 206 -8.51 4.21 58.34
CA ALA A 206 -8.81 4.56 56.96
C ALA A 206 -7.64 4.20 56.01
N GLU A 207 -6.40 4.43 56.45
CA GLU A 207 -5.26 4.09 55.61
C GLU A 207 -5.13 2.58 55.42
N TYR A 208 -5.33 1.81 56.48
CA TYR A 208 -5.35 0.35 56.34
C TYR A 208 -6.44 -0.08 55.38
N THR A 209 -7.62 0.56 55.46
CA THR A 209 -8.71 0.22 54.57
C THR A 209 -8.34 0.48 53.11
N ALA A 210 -7.74 1.65 52.83
CA ALA A 210 -7.34 1.98 51.46
C ALA A 210 -6.28 1.01 50.93
N LYS A 211 -5.38 0.53 51.80
CA LYS A 211 -4.34 -0.40 51.37
C LYS A 211 -4.87 -1.82 51.20
N THR A 212 -5.90 -2.21 51.96
CA THR A 212 -6.34 -3.58 51.89
C THR A 212 -7.39 -3.83 50.82
N LEU A 213 -8.06 -2.78 50.32
CA LEU A 213 -9.23 -3.00 49.50
C LEU A 213 -8.92 -3.64 48.14
N ASP A 214 -7.69 -3.50 47.63
CA ASP A 214 -7.30 -4.23 46.42
C ASP A 214 -6.12 -5.15 46.70
N ASP A 215 -5.87 -5.48 47.95
CA ASP A 215 -4.81 -6.41 48.29
C ASP A 215 -5.29 -7.83 47.99
N PRO A 216 -4.67 -8.54 47.04
CA PRO A 216 -5.08 -9.93 46.79
C PRO A 216 -5.05 -10.79 48.04
N ARG A 217 -4.20 -10.49 49.01
CA ARG A 217 -4.10 -11.32 50.22
C ARG A 217 -5.34 -11.24 51.12
N THR A 218 -6.23 -10.26 50.95
CA THR A 218 -7.34 -10.09 51.87
C THR A 218 -8.69 -10.28 51.19
N ILE A 219 -8.71 -10.86 49.99
CA ILE A 219 -9.97 -11.16 49.33
C ILE A 219 -10.74 -12.18 50.16
N ASN A 220 -12.03 -11.90 50.37
CA ASN A 220 -12.91 -12.73 51.20
C ASN A 220 -12.33 -13.00 52.59
N LYS A 221 -11.61 -12.05 53.16
CA LYS A 221 -11.08 -12.24 54.50
C LYS A 221 -11.58 -11.17 55.45
N THR A 222 -11.48 -11.48 56.76
CA THR A 222 -11.59 -10.47 57.79
C THR A 222 -10.19 -9.94 58.09
N VAL A 223 -10.05 -8.63 58.08
CA VAL A 223 -8.80 -7.96 58.43
C VAL A 223 -9.01 -7.33 59.81
N TYR A 224 -8.20 -7.75 60.79
CA TYR A 224 -8.24 -7.19 62.13
C TYR A 224 -7.24 -6.04 62.22
N VAL A 225 -7.71 -4.89 62.67
CA VAL A 225 -6.87 -3.72 62.86
C VAL A 225 -6.46 -3.75 64.34
N ARG A 226 -5.29 -4.33 64.61
CA ARG A 226 -4.82 -4.53 65.98
C ARG A 226 -3.33 -4.19 66.04
N PRO A 227 -2.97 -2.93 65.79
CA PRO A 227 -1.56 -2.53 65.90
C PRO A 227 -1.01 -2.87 67.27
N THR A 228 0.12 -3.57 67.30
CA THR A 228 0.54 -4.28 68.50
C THR A 228 0.67 -3.35 69.69
N GLU A 229 1.34 -2.23 69.53
CA GLU A 229 1.61 -1.37 70.66
C GLU A 229 0.41 -0.57 71.11
N ASN A 230 -0.71 -0.66 70.39
CA ASN A 230 -1.94 0.00 70.80
C ASN A 230 -2.94 -0.97 71.43
N VAL A 231 -2.51 -2.20 71.75
CA VAL A 231 -3.32 -3.12 72.55
C VAL A 231 -3.04 -2.79 74.00
N LEU A 232 -4.01 -2.17 74.67
CA LEU A 232 -3.80 -1.56 75.99
C LEU A 232 -5.03 -1.78 76.83
N THR A 233 -4.83 -2.01 78.14
CA THR A 233 -5.92 -1.92 79.09
C THR A 233 -6.31 -0.46 79.32
N GLN A 234 -7.52 -0.25 79.83
CA GLN A 234 -7.93 1.11 80.19
C GLN A 234 -6.97 1.73 81.19
N MET A 235 -6.54 0.94 82.18
CA MET A 235 -5.60 1.45 83.15
C MET A 235 -4.29 1.85 82.49
N GLU A 236 -3.80 1.05 81.54
CA GLU A 236 -2.59 1.43 80.82
C GLU A 236 -2.80 2.73 80.04
N LEU A 237 -3.99 2.90 79.45
CA LEU A 237 -4.29 4.14 78.76
C LEU A 237 -4.30 5.31 79.75
N VAL A 238 -4.98 5.14 80.88
CA VAL A 238 -5.01 6.20 81.89
C VAL A 238 -3.59 6.54 82.33
N GLN A 239 -2.74 5.53 82.51
CA GLN A 239 -1.39 5.77 82.99
C GLN A 239 -0.53 6.46 81.94
N ILE A 240 -0.80 6.23 80.65
CA ILE A 240 -0.15 7.02 79.62
C ILE A 240 -0.46 8.49 79.80
N TRP A 241 -1.73 8.80 80.07
CA TRP A 241 -2.15 10.20 80.25
C TRP A 241 -1.51 10.79 81.50
N GLU A 242 -1.56 10.05 82.61
CA GLU A 242 -0.97 10.55 83.85
C GLU A 242 0.52 10.84 83.69
N LYS A 243 1.22 10.06 82.88
CA LYS A 243 2.64 10.32 82.65
C LYS A 243 2.85 11.59 81.84
N LEU A 244 2.00 11.83 80.83
CA LEU A 244 2.10 13.07 80.07
C LEU A 244 1.77 14.29 80.94
N THR A 245 0.73 14.21 81.78
CA THR A 245 0.31 15.35 82.58
C THR A 245 1.06 15.48 83.91
N GLY A 246 1.65 14.40 84.41
CA GLY A 246 2.20 14.42 85.74
C GLY A 246 1.17 14.57 86.84
N LYS A 247 -0.09 14.24 86.58
CA LYS A 247 -1.16 14.34 87.56
C LYS A 247 -1.85 12.98 87.72
N GLU A 248 -1.97 12.52 88.95
CA GLU A 248 -2.67 11.28 89.22
C GLU A 248 -4.16 11.56 89.26
N LEU A 249 -4.95 10.76 88.54
CA LEU A 249 -6.39 10.91 88.54
C LEU A 249 -7.04 10.08 89.65
N GLU A 250 -8.10 10.63 90.24
CA GLU A 250 -8.88 9.90 91.23
C GLU A 250 -9.74 8.84 90.55
N LYS A 251 -9.60 7.58 90.96
CA LYS A 251 -10.17 6.46 90.21
C LYS A 251 -11.29 5.78 91.00
N THR A 252 -12.41 5.57 90.34
CA THR A 252 -13.55 4.83 90.87
C THR A 252 -13.76 3.58 90.02
N ASN A 253 -13.58 2.40 90.64
CA ASN A 253 -13.81 1.14 89.94
C ASN A 253 -15.29 0.79 89.90
N ILE A 254 -15.80 0.51 88.71
CA ILE A 254 -17.19 0.17 88.50
C ILE A 254 -17.25 -1.32 88.20
N SER A 255 -17.95 -2.06 89.05
CA SER A 255 -17.97 -3.51 88.89
C SER A 255 -18.85 -3.91 87.72
N ALA A 256 -18.63 -5.13 87.23
CA ALA A 256 -19.46 -5.65 86.14
C ALA A 256 -20.93 -5.62 86.53
N ASN A 257 -21.25 -6.06 87.75
CA ASN A 257 -22.64 -6.11 88.19
C ASN A 257 -23.26 -4.72 88.23
N ASP A 258 -22.54 -3.73 88.75
CA ASP A 258 -23.08 -2.38 88.84
C ASP A 258 -23.22 -1.75 87.45
N PHE A 259 -22.22 -1.90 86.59
CA PHE A 259 -22.38 -1.47 85.20
C PHE A 259 -23.60 -2.16 84.59
N LEU A 260 -23.65 -3.47 84.73
CA LEU A 260 -24.88 -4.27 84.67
C LEU A 260 -24.70 -5.38 83.65
N GLN A 271 -27.83 2.52 76.44
CA GLN A 271 -28.02 1.07 76.56
C GLN A 271 -27.33 0.33 75.41
N ALA A 272 -27.66 0.67 74.17
CA ALA A 272 -26.83 0.21 73.06
C ALA A 272 -25.39 0.67 73.30
N GLY A 273 -25.21 1.96 73.57
CA GLY A 273 -23.91 2.46 73.98
C GLY A 273 -23.37 1.72 75.20
N LEU A 274 -24.20 1.54 76.22
CA LEU A 274 -23.76 0.79 77.40
C LEU A 274 -23.38 -0.64 77.03
N GLY A 275 -24.16 -1.29 76.16
CA GLY A 275 -23.82 -2.63 75.72
C GLY A 275 -22.50 -2.69 74.98
N HIS A 276 -22.19 -1.66 74.19
CA HIS A 276 -20.90 -1.61 73.50
C HIS A 276 -19.75 -1.56 74.51
N PHE A 277 -19.78 -0.61 75.43
CA PHE A 277 -18.72 -0.53 76.43
C PHE A 277 -18.63 -1.83 77.22
N TYR A 278 -19.75 -2.47 77.52
CA TYR A 278 -19.69 -3.68 78.32
C TYR A 278 -18.91 -4.78 77.58
N HIS A 279 -19.25 -5.03 76.32
CA HIS A 279 -18.53 -6.04 75.55
C HIS A 279 -17.04 -5.71 75.43
N ILE A 280 -16.71 -4.44 75.23
CA ILE A 280 -15.31 -4.06 75.02
C ILE A 280 -14.54 -4.17 76.33
N PHE A 281 -15.03 -3.51 77.38
CA PHE A 281 -14.20 -3.29 78.55
C PHE A 281 -14.34 -4.36 79.63
N TYR A 282 -15.47 -5.06 79.68
CA TYR A 282 -15.62 -6.16 80.63
C TYR A 282 -15.36 -7.52 79.99
N GLU A 283 -15.97 -7.82 78.85
CA GLU A 283 -15.76 -9.09 78.18
C GLU A 283 -14.48 -9.14 77.34
N GLY A 284 -13.88 -7.99 77.03
CA GLY A 284 -12.64 -7.97 76.25
C GLY A 284 -12.80 -8.53 74.86
N CYS A 285 -13.92 -8.23 74.21
CA CYS A 285 -14.24 -8.85 72.93
C CYS A 285 -13.31 -8.43 71.80
N LEU A 286 -12.53 -7.35 71.95
CA LEU A 286 -11.60 -6.98 70.88
C LEU A 286 -10.30 -7.75 70.92
N THR A 287 -9.98 -8.40 72.06
CA THR A 287 -8.66 -8.97 72.29
C THR A 287 -8.68 -10.40 72.83
N ASP A 288 -9.84 -11.05 72.90
CA ASP A 288 -9.84 -12.35 73.55
C ASP A 288 -9.40 -13.48 72.62
N HIS A 289 -9.33 -13.23 71.32
CA HIS A 289 -8.80 -14.21 70.37
C HIS A 289 -7.57 -13.64 69.69
N GLU A 290 -6.52 -14.46 69.58
CA GLU A 290 -5.32 -14.00 68.92
C GLU A 290 -5.53 -14.00 67.41
N VAL A 291 -4.75 -13.19 66.70
CA VAL A 291 -4.90 -13.01 65.27
C VAL A 291 -3.55 -13.27 64.60
N GLY A 292 -3.60 -13.94 63.45
CA GLY A 292 -2.38 -14.23 62.72
C GLY A 292 -1.87 -13.04 61.93
N ASP A 293 -0.56 -13.06 61.67
CA ASP A 293 0.05 -11.99 60.90
C ASP A 293 -0.61 -11.81 59.56
N ASP A 294 -1.14 -12.88 58.97
CA ASP A 294 -1.72 -12.79 57.64
C ASP A 294 -3.12 -12.18 57.63
N GLU A 295 -3.64 -11.77 58.79
CA GLU A 295 -4.99 -11.20 58.86
C GLU A 295 -5.04 -9.96 59.76
N GLU A 296 -3.88 -9.39 60.11
CA GLU A 296 -3.82 -8.26 61.00
C GLU A 296 -3.18 -7.09 60.26
N ALA A 297 -3.85 -5.93 60.30
CA ALA A 297 -3.47 -4.80 59.46
C ALA A 297 -2.01 -4.38 59.66
N SER A 298 -1.55 -4.31 60.90
CA SER A 298 -0.23 -3.71 61.09
C SER A 298 0.87 -4.64 60.55
N LYS A 299 0.63 -5.94 60.52
CA LYS A 299 1.57 -6.87 59.92
C LYS A 299 1.42 -6.93 58.41
N LEU A 300 0.19 -6.83 57.89
CA LEU A 300 -0.02 -6.82 56.44
C LEU A 300 0.55 -5.56 55.80
N TYR A 301 0.52 -4.44 56.50
CA TYR A 301 0.98 -3.15 55.98
C TYR A 301 1.89 -2.55 57.02
N PRO A 302 3.12 -3.06 57.12
CA PRO A 302 4.05 -2.60 58.16
C PRO A 302 4.61 -1.22 57.87
N ASP A 303 4.40 -0.69 56.67
CA ASP A 303 4.84 0.65 56.34
C ASP A 303 3.97 1.74 56.95
N VAL A 304 2.76 1.41 57.40
CA VAL A 304 1.89 2.37 58.09
C VAL A 304 2.43 2.61 59.50
N LYS A 305 2.98 3.79 59.74
CA LYS A 305 3.51 4.14 61.06
C LYS A 305 2.36 4.65 61.92
N TYR A 306 1.61 3.72 62.46
CA TYR A 306 0.38 4.09 63.15
C TYR A 306 0.68 4.96 64.37
N THR A 307 -0.26 5.83 64.68
CA THR A 307 -0.15 6.68 65.85
C THR A 307 -0.30 5.85 67.11
N ARG A 308 0.75 5.83 67.94
CA ARG A 308 0.66 5.28 69.28
C ARG A 308 -0.14 6.24 70.15
N MET A 309 -0.69 5.72 71.24
CA MET A 309 -1.61 6.53 72.03
C MET A 309 -0.90 7.61 72.83
N ASP A 310 0.39 7.46 73.13
CA ASP A 310 1.05 8.57 73.80
C ASP A 310 1.14 9.78 72.86
N GLU A 311 1.38 9.54 71.58
CA GLU A 311 1.35 10.63 70.61
C GLU A 311 -0.07 11.13 70.38
N TYR A 312 -1.04 10.22 70.22
CA TYR A 312 -2.43 10.64 70.05
C TYR A 312 -2.89 11.59 71.16
N LEU A 313 -2.58 11.27 72.40
CA LEU A 313 -3.09 12.06 73.52
C LEU A 313 -2.42 13.42 73.65
N LYS A 314 -1.30 13.66 72.98
CA LYS A 314 -0.57 14.91 73.21
C LYS A 314 -1.36 16.13 72.76
N ILE A 315 -2.23 15.98 71.75
CA ILE A 315 -3.00 17.12 71.28
C ILE A 315 -3.92 17.69 72.37
N PHE A 316 -4.20 16.93 73.44
CA PHE A 316 -5.09 17.38 74.50
C PHE A 316 -4.38 18.10 75.64
N LEU A 317 -3.06 18.05 75.69
CA LEU A 317 -2.30 18.59 76.81
C LEU A 317 -2.50 20.10 76.99
N SER B 6 9.13 19.77 -62.56
CA SER B 6 9.26 18.97 -61.35
C SER B 6 10.10 19.73 -60.31
N GLY B 7 11.30 20.15 -60.73
CA GLY B 7 12.07 21.14 -59.98
C GLY B 7 11.52 22.55 -60.06
N GLU B 8 10.42 22.76 -60.78
CA GLU B 8 9.72 24.04 -60.84
C GLU B 8 8.52 24.09 -59.92
N LYS B 9 8.13 22.97 -59.31
CA LYS B 9 7.01 22.95 -58.39
C LYS B 9 7.34 23.74 -57.13
N THR B 10 6.40 24.57 -56.69
CA THR B 10 6.45 25.10 -55.33
C THR B 10 6.32 23.93 -54.36
N ARG B 11 7.12 23.96 -53.29
CA ARG B 11 7.03 22.94 -52.25
C ARG B 11 6.31 23.51 -51.05
N VAL B 12 5.36 22.75 -50.50
CA VAL B 12 4.44 23.25 -49.49
C VAL B 12 4.40 22.29 -48.32
N LEU B 13 4.56 22.83 -47.12
CA LEU B 13 4.30 22.08 -45.90
C LEU B 13 2.95 22.50 -45.35
N VAL B 14 2.07 21.52 -45.14
CA VAL B 14 0.78 21.78 -44.50
C VAL B 14 0.87 21.33 -43.07
N VAL B 15 0.50 22.22 -42.15
CA VAL B 15 0.51 21.97 -40.72
C VAL B 15 -0.94 21.94 -40.24
N GLY B 16 -1.30 20.89 -39.53
CA GLY B 16 -2.69 20.63 -39.29
C GLY B 16 -3.36 19.83 -40.40
N GLY B 17 -2.62 18.91 -41.02
CA GLY B 17 -3.09 18.27 -42.23
C GLY B 17 -4.23 17.28 -42.06
N THR B 18 -4.52 16.83 -40.83
CA THR B 18 -5.68 15.96 -40.60
C THR B 18 -6.90 16.72 -40.08
N GLY B 19 -6.82 18.04 -39.93
CA GLY B 19 -7.98 18.85 -39.63
C GLY B 19 -8.95 18.95 -40.78
N THR B 20 -10.06 19.68 -40.52
CA THR B 20 -11.13 19.79 -41.52
C THR B 20 -10.68 20.61 -42.73
N MET B 21 -10.18 21.83 -42.51
CA MET B 21 -9.63 22.59 -43.62
C MET B 21 -8.26 22.03 -44.03
N GLY B 22 -7.50 21.52 -43.05
CA GLY B 22 -6.16 21.01 -43.33
C GLY B 22 -6.15 19.89 -44.35
N ARG B 23 -7.01 18.88 -44.16
CA ARG B 23 -7.03 17.77 -45.13
C ARG B 23 -7.38 18.27 -46.53
N ARG B 24 -8.24 19.27 -46.63
CA ARG B 24 -8.63 19.77 -47.95
C ARG B 24 -7.51 20.56 -48.61
N ILE B 25 -6.71 21.28 -47.82
CA ILE B 25 -5.56 22.00 -48.35
C ILE B 25 -4.51 21.03 -48.87
N VAL B 26 -4.27 19.93 -48.14
CA VAL B 26 -3.36 18.89 -48.62
C VAL B 26 -3.78 18.43 -50.02
N ARG B 27 -5.05 18.05 -50.17
CA ARG B 27 -5.51 17.54 -51.45
C ARG B 27 -5.52 18.63 -52.52
N ALA B 28 -5.88 19.86 -52.15
CA ALA B 28 -5.86 20.95 -53.11
C ALA B 28 -4.45 21.28 -53.56
N CYS B 29 -3.48 21.19 -52.65
CA CYS B 29 -2.10 21.42 -53.04
C CYS B 29 -1.62 20.36 -54.03
N LEU B 30 -1.98 19.11 -53.80
CA LEU B 30 -1.59 18.06 -54.72
C LEU B 30 -2.24 18.28 -56.09
N ALA B 31 -3.55 18.53 -56.09
CA ALA B 31 -4.27 18.76 -57.34
C ALA B 31 -3.70 19.94 -58.11
N GLU B 32 -3.07 20.87 -57.42
CA GLU B 32 -2.51 22.04 -58.06
C GLU B 32 -1.12 21.79 -58.62
N GLY B 33 -0.56 20.60 -58.38
CA GLY B 33 0.76 20.27 -58.85
C GLY B 33 1.89 20.58 -57.89
N HIS B 34 1.58 21.02 -56.67
CA HIS B 34 2.61 21.30 -55.70
C HIS B 34 3.18 20.00 -55.14
N GLU B 35 4.48 19.98 -54.93
CA GLU B 35 5.11 18.94 -54.15
C GLU B 35 4.73 19.17 -52.69
N THR B 36 3.93 18.28 -52.12
CA THR B 36 3.20 18.57 -50.90
C THR B 36 3.71 17.72 -49.76
N TYR B 37 4.05 18.37 -48.65
CA TYR B 37 4.50 17.74 -47.41
C TYR B 37 3.46 18.02 -46.33
N VAL B 38 3.33 17.06 -45.41
CA VAL B 38 2.34 17.12 -44.34
C VAL B 38 3.07 16.87 -43.03
N LEU B 39 2.96 17.80 -42.10
CA LEU B 39 3.59 17.62 -40.80
C LEU B 39 2.92 16.46 -40.07
N GLN B 40 3.71 15.55 -39.53
CA GLN B 40 3.21 14.36 -38.84
C GLN B 40 3.67 14.48 -37.38
N GLN B 41 2.74 14.85 -36.51
CA GLN B 41 3.02 14.98 -35.10
C GLN B 41 3.06 13.60 -34.44
N PRO B 42 3.68 13.51 -33.26
CA PRO B 42 3.67 12.25 -32.52
C PRO B 42 2.25 11.87 -32.15
N GLU B 43 1.97 10.57 -32.17
CA GLU B 43 0.66 10.09 -31.74
C GLU B 43 0.45 10.47 -30.27
N THR B 44 -0.75 10.97 -29.96
CA THR B 44 -1.10 11.22 -28.57
C THR B 44 -1.97 10.14 -27.98
N ARG B 45 -2.46 9.23 -28.82
CA ARG B 45 -3.32 8.12 -28.43
C ARG B 45 -3.39 7.20 -29.64
N VAL B 46 -4.09 6.08 -29.49
CA VAL B 46 -4.43 5.25 -30.64
C VAL B 46 -5.58 5.93 -31.37
N ASP B 47 -5.36 6.29 -32.63
CA ASP B 47 -6.32 7.10 -33.39
C ASP B 47 -6.29 6.63 -34.83
N ILE B 48 -7.09 5.61 -35.13
CA ILE B 48 -7.01 4.99 -36.45
C ILE B 48 -7.41 5.99 -37.53
N GLU B 49 -8.35 6.89 -37.22
CA GLU B 49 -8.82 7.86 -38.21
C GLU B 49 -7.70 8.79 -38.64
N LYS B 50 -6.99 9.35 -37.67
CA LYS B 50 -5.92 10.28 -37.98
C LYS B 50 -4.75 9.59 -38.68
N VAL B 51 -4.37 8.40 -38.22
CA VAL B 51 -3.23 7.72 -38.83
C VAL B 51 -3.57 7.33 -40.27
N GLN B 52 -4.76 6.81 -40.50
CA GLN B 52 -5.03 6.37 -41.86
C GLN B 52 -5.27 7.53 -42.79
N LEU B 53 -5.74 8.67 -42.28
CA LEU B 53 -5.82 9.86 -43.12
C LEU B 53 -4.43 10.32 -43.52
N LEU B 54 -3.49 10.41 -42.56
CA LEU B 54 -2.13 10.80 -42.88
C LEU B 54 -1.53 9.93 -43.98
N TYR B 55 -1.56 8.60 -43.78
CA TYR B 55 -0.91 7.73 -44.75
C TYR B 55 -1.64 7.73 -46.09
N SER B 56 -2.96 8.03 -46.10
CA SER B 56 -3.63 8.13 -47.39
C SER B 56 -3.07 9.26 -48.24
N TYR B 57 -2.56 10.33 -47.62
CA TYR B 57 -1.88 11.37 -48.41
C TYR B 57 -0.70 10.81 -49.22
N LYS B 58 0.05 9.87 -48.65
CA LYS B 58 1.21 9.32 -49.38
C LYS B 58 0.78 8.65 -50.68
N ARG B 59 -0.37 7.97 -50.68
CA ARG B 59 -0.85 7.36 -51.91
C ARG B 59 -1.19 8.38 -52.95
N LEU B 60 -1.60 9.57 -52.52
CA LEU B 60 -1.83 10.64 -53.48
C LEU B 60 -0.57 11.35 -53.88
N GLY B 61 0.58 10.99 -53.31
CA GLY B 61 1.83 11.61 -53.70
C GLY B 61 2.40 12.60 -52.70
N ALA B 62 1.74 12.83 -51.58
CA ALA B 62 2.33 13.66 -50.54
C ALA B 62 3.45 12.93 -49.80
N ARG B 63 4.29 13.70 -49.13
CA ARG B 63 5.30 13.20 -48.21
C ARG B 63 4.96 13.62 -46.79
N LEU B 64 5.24 12.77 -45.83
CA LEU B 64 5.06 13.09 -44.42
C LEU B 64 6.40 13.49 -43.82
N ILE B 65 6.40 14.52 -42.98
CA ILE B 65 7.58 14.89 -42.20
C ILE B 65 7.23 14.81 -40.72
N GLU B 66 7.93 13.96 -39.99
CA GLU B 66 7.73 13.88 -38.56
C GLU B 66 8.40 15.07 -37.88
N ALA B 67 7.65 15.73 -37.00
CA ALA B 67 8.16 16.83 -36.22
C ALA B 67 7.22 16.98 -35.04
N SER B 68 7.68 17.69 -34.04
CA SER B 68 6.93 17.95 -32.84
C SER B 68 7.07 19.42 -32.48
N PHE B 69 5.97 20.03 -32.03
CA PHE B 69 6.01 21.45 -31.67
C PHE B 69 6.84 21.74 -30.44
N SER B 70 7.09 20.75 -29.60
CA SER B 70 7.97 20.88 -28.46
C SER B 70 9.43 20.54 -28.80
N ASP B 71 9.76 20.46 -30.09
CA ASP B 71 11.11 20.09 -30.53
C ASP B 71 11.49 21.09 -31.62
N HIS B 72 12.08 22.21 -31.22
CA HIS B 72 12.34 23.32 -32.14
C HIS B 72 13.16 22.85 -33.35
N GLN B 73 14.17 22.03 -33.11
CA GLN B 73 15.01 21.57 -34.22
C GLN B 73 14.22 20.72 -35.22
N SER B 74 13.28 19.91 -34.75
CA SER B 74 12.47 19.16 -35.70
C SER B 74 11.61 20.09 -36.55
N LEU B 75 11.16 21.23 -35.99
CA LEU B 75 10.39 22.18 -36.79
C LEU B 75 11.27 22.87 -37.81
N VAL B 76 12.48 23.27 -37.42
CA VAL B 76 13.40 23.90 -38.35
C VAL B 76 13.68 22.97 -39.51
N SER B 77 13.97 21.70 -39.22
CA SER B 77 14.31 20.76 -40.28
C SER B 77 13.14 20.55 -41.24
N ALA B 78 11.91 20.55 -40.74
CA ALA B 78 10.76 20.36 -41.62
C ALA B 78 10.60 21.53 -42.58
N VAL B 79 10.64 22.76 -42.06
CA VAL B 79 10.42 23.92 -42.94
C VAL B 79 11.60 24.15 -43.88
N LYS B 80 12.79 23.62 -43.58
CA LYS B 80 13.88 23.82 -44.51
C LYS B 80 13.68 23.06 -45.81
N GLN B 81 12.81 22.05 -45.82
CA GLN B 81 12.56 21.26 -47.02
C GLN B 81 11.51 21.83 -47.94
N VAL B 82 10.91 22.98 -47.63
CA VAL B 82 9.81 23.49 -48.44
C VAL B 82 10.05 24.96 -48.73
N ASP B 83 9.20 25.53 -49.58
CA ASP B 83 9.18 26.96 -49.86
C ASP B 83 8.03 27.69 -49.18
N ILE B 84 6.93 27.00 -48.92
CA ILE B 84 5.73 27.64 -48.40
C ILE B 84 5.15 26.78 -47.30
N VAL B 85 4.70 27.41 -46.22
CA VAL B 85 4.03 26.74 -45.12
C VAL B 85 2.61 27.25 -45.03
N VAL B 86 1.65 26.33 -44.89
CA VAL B 86 0.25 26.65 -44.65
C VAL B 86 -0.15 25.95 -43.36
N ALA B 87 -0.77 26.68 -42.44
CA ALA B 87 -1.21 26.09 -41.18
C ALA B 87 -2.72 26.23 -41.07
N ALA B 88 -3.36 25.17 -40.61
CA ALA B 88 -4.79 25.14 -40.42
C ALA B 88 -5.12 24.31 -39.18
N MET B 89 -4.81 24.82 -38.01
CA MET B 89 -5.16 24.12 -36.79
C MET B 89 -6.38 24.76 -36.13
N SER B 90 -6.94 24.02 -35.19
CA SER B 90 -8.24 24.38 -34.64
C SER B 90 -8.13 25.71 -33.92
N GLY B 91 -9.19 26.53 -34.07
CA GLY B 91 -9.22 27.84 -33.44
C GLY B 91 -10.04 27.85 -32.17
N HIS B 97 -3.52 28.21 -26.15
CA HIS B 97 -4.30 27.22 -26.89
C HIS B 97 -3.72 27.01 -28.31
N SER B 98 -4.54 26.42 -29.17
CA SER B 98 -4.06 25.74 -30.37
C SER B 98 -3.49 26.72 -31.41
N ILE B 99 -4.19 27.83 -31.66
CA ILE B 99 -3.67 28.84 -32.56
C ILE B 99 -2.27 29.28 -32.14
N LEU B 100 -2.03 29.40 -30.84
CA LEU B 100 -0.77 29.99 -30.41
C LEU B 100 0.41 29.07 -30.64
N VAL B 101 0.17 27.79 -30.93
CA VAL B 101 1.27 26.90 -31.26
C VAL B 101 2.02 27.38 -32.51
N GLN B 102 1.36 28.17 -33.38
CA GLN B 102 2.02 28.69 -34.56
C GLN B 102 3.16 29.65 -34.23
N LEU B 103 3.21 30.19 -33.01
CA LEU B 103 4.37 30.99 -32.60
C LEU B 103 5.65 30.17 -32.61
N LYS B 104 5.57 28.90 -32.20
CA LYS B 104 6.74 28.03 -32.36
C LYS B 104 7.07 27.82 -33.83
N LEU B 105 6.07 27.75 -34.70
CA LEU B 105 6.32 27.61 -36.12
C LEU B 105 7.00 28.87 -36.66
N VAL B 106 6.55 30.04 -36.20
CA VAL B 106 7.17 31.28 -36.65
C VAL B 106 8.65 31.32 -36.26
N GLU B 107 8.98 30.93 -35.03
CA GLU B 107 10.38 30.93 -34.60
C GLU B 107 11.23 29.97 -35.46
N ALA B 108 10.67 28.81 -35.81
CA ALA B 108 11.39 27.87 -36.66
C ALA B 108 11.55 28.40 -38.08
N ILE B 109 10.52 29.04 -38.62
CA ILE B 109 10.62 29.62 -39.96
C ILE B 109 11.67 30.72 -39.97
N LYS B 110 11.61 31.62 -38.98
CA LYS B 110 12.58 32.71 -38.90
C LYS B 110 14.01 32.16 -38.93
N GLU B 111 14.30 31.13 -38.14
CA GLU B 111 15.65 30.60 -38.10
C GLU B 111 16.04 29.90 -39.41
N ALA B 112 15.09 29.23 -40.06
CA ALA B 112 15.42 28.48 -41.27
C ALA B 112 15.80 29.41 -42.42
N GLY B 113 15.09 30.52 -42.58
CA GLY B 113 15.44 31.55 -43.54
C GLY B 113 14.96 31.33 -44.96
N ASN B 114 14.58 30.12 -45.33
CA ASN B 114 14.27 29.80 -46.71
C ASN B 114 12.80 29.95 -47.10
N ILE B 115 11.93 30.36 -46.19
CA ILE B 115 10.49 30.31 -46.45
C ILE B 115 10.05 31.56 -47.20
N LYS B 116 9.46 31.36 -48.37
CA LYS B 116 8.98 32.46 -49.20
C LYS B 116 7.63 32.99 -48.78
N ARG B 117 6.80 32.18 -48.13
CA ARG B 117 5.52 32.66 -47.66
C ARG B 117 4.95 31.71 -46.60
N PHE B 118 4.27 32.28 -45.61
CA PHE B 118 3.58 31.54 -44.58
C PHE B 118 2.10 31.97 -44.60
N LEU B 119 1.20 30.99 -44.74
CA LEU B 119 -0.23 31.25 -44.56
C LEU B 119 -0.66 30.70 -43.21
N PRO B 120 -0.92 31.53 -42.21
CA PRO B 120 -1.32 31.03 -40.90
C PRO B 120 -2.78 30.58 -40.91
N SER B 121 -3.20 30.00 -39.79
CA SER B 121 -4.52 29.40 -39.65
C SER B 121 -5.54 30.52 -39.50
N GLU B 122 -6.11 30.93 -40.63
CA GLU B 122 -7.09 32.00 -40.64
C GLU B 122 -8.43 31.40 -41.05
N PHE B 123 -8.83 31.60 -42.32
CA PHE B 123 -9.91 30.87 -42.98
C PHE B 123 -11.27 31.14 -42.37
N GLY B 124 -11.45 32.29 -41.73
CA GLY B 124 -12.73 32.66 -41.13
C GLY B 124 -12.91 34.15 -41.11
N MET B 125 -13.61 34.63 -40.08
CA MET B 125 -13.74 36.05 -39.85
C MET B 125 -12.36 36.68 -39.81
N ASP B 126 -12.24 37.86 -40.38
CA ASP B 126 -10.99 38.58 -40.27
C ASP B 126 -10.76 39.01 -38.83
N PRO B 127 -9.79 38.46 -38.11
CA PRO B 127 -9.61 38.85 -36.69
C PRO B 127 -9.29 40.33 -36.48
N SER B 128 -8.80 41.02 -37.51
CA SER B 128 -8.55 42.46 -37.41
C SER B 128 -9.81 43.29 -37.59
N ARG B 129 -10.97 42.67 -37.41
CA ARG B 129 -12.27 43.17 -37.87
C ARG B 129 -12.14 44.16 -39.01
N ASP B 142 -7.52 38.48 -30.04
CA ASP B 142 -7.40 37.21 -30.73
C ASP B 142 -5.98 36.66 -30.61
N GLN B 143 -5.89 35.35 -30.39
CA GLN B 143 -4.64 34.64 -30.61
C GLN B 143 -4.20 34.74 -32.07
N LYS B 144 -5.15 34.83 -33.00
CA LYS B 144 -4.79 34.95 -34.41
C LYS B 144 -4.03 36.25 -34.70
N LEU B 145 -4.46 37.35 -34.09
CA LEU B 145 -3.73 38.61 -34.25
C LEU B 145 -2.35 38.50 -33.66
N GLU B 146 -2.23 37.85 -32.51
CA GLU B 146 -0.92 37.65 -31.91
C GLU B 146 -0.02 36.88 -32.85
N VAL B 147 -0.58 35.93 -33.62
CA VAL B 147 0.25 35.23 -34.60
C VAL B 147 0.61 36.15 -35.76
N ARG B 148 -0.35 36.95 -36.22
CA ARG B 148 -0.01 37.92 -37.26
C ARG B 148 1.15 38.83 -36.82
N ASN B 149 1.11 39.32 -35.58
CA ASN B 149 2.17 40.22 -35.11
C ASN B 149 3.52 39.54 -35.14
N ALA B 150 3.60 38.28 -34.70
CA ALA B 150 4.88 37.60 -34.69
C ALA B 150 5.40 37.32 -36.11
N ILE B 151 4.48 36.97 -37.03
CA ILE B 151 4.83 36.78 -38.43
C ILE B 151 5.45 38.04 -39.01
N GLU B 152 4.77 39.17 -38.85
CA GLU B 152 5.21 40.41 -39.47
C GLU B 152 6.45 40.96 -38.78
N ALA B 153 6.51 40.89 -37.44
CA ALA B 153 7.73 41.27 -36.74
C ALA B 153 8.95 40.48 -37.22
N ALA B 154 8.76 39.24 -37.66
CA ALA B 154 9.88 38.45 -38.15
C ALA B 154 10.18 38.72 -39.62
N GLY B 155 9.38 39.53 -40.29
CA GLY B 155 9.60 39.78 -41.71
C GLY B 155 9.27 38.62 -42.60
N ILE B 156 8.46 37.68 -42.12
CA ILE B 156 8.07 36.51 -42.91
C ILE B 156 6.94 36.95 -43.83
N PRO B 157 7.07 36.82 -45.15
CA PRO B 157 5.96 37.16 -46.04
C PRO B 157 4.76 36.26 -45.78
N HIS B 158 3.56 36.81 -45.93
CA HIS B 158 2.35 36.17 -45.46
C HIS B 158 1.22 36.36 -46.47
N THR B 159 0.21 35.51 -46.37
CA THR B 159 -1.09 35.74 -46.95
C THR B 159 -2.13 35.32 -45.92
N TYR B 160 -3.11 36.18 -45.68
CA TYR B 160 -4.20 35.91 -44.74
C TYR B 160 -5.45 35.62 -45.57
N VAL B 161 -5.91 34.38 -45.55
CA VAL B 161 -7.13 33.97 -46.25
C VAL B 161 -8.31 34.04 -45.29
N VAL B 162 -9.27 34.93 -45.57
CA VAL B 162 -10.35 35.22 -44.63
C VAL B 162 -11.65 35.42 -45.40
N GLY B 163 -12.75 35.42 -44.66
CA GLY B 163 -13.94 36.11 -45.11
C GLY B 163 -15.14 35.27 -45.48
N ALA B 164 -15.16 33.98 -45.14
CA ALA B 164 -16.24 33.11 -45.57
C ALA B 164 -16.64 32.15 -44.47
N CYS B 165 -17.93 31.81 -44.45
CA CYS B 165 -18.46 30.72 -43.63
C CYS B 165 -18.28 29.39 -44.35
N PHE B 166 -17.79 28.37 -43.65
CA PHE B 166 -17.77 27.03 -44.22
C PHE B 166 -19.21 26.61 -44.55
N ALA B 167 -19.44 26.21 -45.79
CA ALA B 167 -20.77 25.78 -46.16
C ALA B 167 -21.25 24.63 -45.27
N ALA B 168 -20.32 23.77 -44.83
CA ALA B 168 -20.73 22.62 -44.02
C ALA B 168 -21.26 23.04 -42.66
N TYR B 169 -20.71 24.11 -42.07
CA TYR B 169 -21.15 24.56 -40.75
C TYR B 169 -22.31 25.56 -40.79
N PHE B 170 -22.64 26.13 -41.95
CA PHE B 170 -23.59 27.22 -42.01
C PHE B 170 -24.63 27.07 -43.11
N ALA B 171 -24.28 26.43 -44.22
CA ALA B 171 -25.21 26.32 -45.34
C ALA B 171 -26.04 25.04 -45.25
N GLY B 172 -25.37 23.91 -45.04
CA GLY B 172 -26.05 22.62 -45.06
C GLY B 172 -27.13 22.50 -44.01
N ASN B 173 -27.01 23.23 -42.91
CA ASN B 173 -28.00 23.21 -41.84
C ASN B 173 -28.92 24.44 -41.88
N LEU B 174 -28.97 25.16 -43.01
CA LEU B 174 -29.69 26.42 -43.10
C LEU B 174 -29.35 27.35 -41.94
N SER B 175 -28.13 27.23 -41.42
CA SER B 175 -27.55 28.10 -40.41
C SER B 175 -28.11 27.86 -39.03
N GLN B 176 -28.79 26.73 -38.82
CA GLN B 176 -29.24 26.35 -37.49
C GLN B 176 -28.10 25.80 -36.66
N MET B 177 -28.07 26.14 -35.38
CA MET B 177 -27.01 25.65 -34.52
C MET B 177 -27.31 24.24 -34.01
N GLY B 178 -26.24 23.55 -33.58
CA GLY B 178 -26.39 22.23 -33.01
C GLY B 178 -26.63 21.12 -34.01
N THR B 179 -26.64 21.42 -35.31
CA THR B 179 -26.93 20.41 -36.30
C THR B 179 -26.20 20.79 -37.59
N LEU B 180 -26.03 19.80 -38.46
CA LEU B 180 -25.35 20.03 -39.73
C LEU B 180 -26.19 19.61 -40.93
N ILE B 181 -27.47 19.27 -40.74
CA ILE B 181 -28.33 18.87 -41.85
C ILE B 181 -29.59 19.73 -41.83
N PRO B 182 -30.28 19.85 -42.96
CA PRO B 182 -31.43 20.77 -43.04
C PRO B 182 -32.54 20.35 -42.09
N PRO B 183 -33.20 21.30 -41.44
CA PRO B 183 -34.32 20.96 -40.56
C PRO B 183 -35.49 20.44 -41.39
N LYS B 184 -36.31 19.63 -40.73
CA LYS B 184 -37.43 19.07 -41.49
C LYS B 184 -38.63 20.00 -41.55
N LYS B 185 -38.94 20.72 -40.49
CA LYS B 185 -40.17 21.51 -40.50
C LYS B 185 -39.94 22.96 -40.11
N LYS B 186 -39.25 23.20 -39.00
CA LYS B 186 -39.13 24.53 -38.41
C LYS B 186 -37.70 25.04 -38.55
N VAL B 187 -37.55 26.26 -39.04
CA VAL B 187 -36.25 26.92 -39.18
C VAL B 187 -36.28 28.21 -38.37
N ASN B 188 -35.24 28.43 -37.56
CA ASN B 188 -35.04 29.73 -36.91
C ASN B 188 -34.43 30.72 -37.90
N ILE B 189 -34.97 31.94 -37.94
CA ILE B 189 -34.43 33.04 -38.72
C ILE B 189 -33.85 34.05 -37.76
N TYR B 190 -32.61 34.48 -38.03
CA TYR B 190 -31.92 35.43 -37.15
C TYR B 190 -32.31 36.84 -37.56
N GLY B 191 -32.83 37.61 -36.61
CA GLY B 191 -33.43 38.89 -36.97
C GLY B 191 -34.41 38.73 -38.11
N ASP B 192 -34.24 39.56 -39.14
CA ASP B 192 -35.07 39.47 -40.33
C ASP B 192 -34.46 38.58 -41.41
N GLY B 193 -33.31 37.96 -41.16
CA GLY B 193 -32.67 37.13 -42.16
C GLY B 193 -32.40 37.86 -43.46
N ASN B 194 -32.18 39.17 -43.38
CA ASN B 194 -31.82 39.99 -44.55
C ASN B 194 -30.38 40.52 -44.46
N VAL B 195 -29.56 39.89 -43.61
CA VAL B 195 -28.17 40.27 -43.43
C VAL B 195 -27.29 39.38 -44.33
N LYS B 196 -26.49 40.02 -45.18
CA LYS B 196 -25.69 39.27 -46.14
C LYS B 196 -24.59 38.45 -45.43
N VAL B 197 -24.45 37.20 -45.86
CA VAL B 197 -23.46 36.26 -45.35
C VAL B 197 -22.77 35.62 -46.55
N VAL B 198 -21.55 35.10 -46.31
CA VAL B 198 -20.75 34.49 -47.37
C VAL B 198 -20.69 32.98 -47.10
N TYR B 199 -21.29 32.20 -47.99
CA TYR B 199 -21.40 30.75 -47.87
C TYR B 199 -20.49 30.13 -48.91
N VAL B 200 -19.45 29.42 -48.47
CA VAL B 200 -18.48 28.87 -49.40
C VAL B 200 -18.15 27.43 -49.03
N ASP B 201 -18.27 26.55 -50.02
CA ASP B 201 -17.78 25.18 -49.92
C ASP B 201 -16.33 25.16 -49.44
N GLU B 202 -16.07 24.40 -48.36
CA GLU B 202 -14.71 24.29 -47.84
C GLU B 202 -13.73 23.85 -48.90
N ASP B 203 -14.15 22.97 -49.82
CA ASP B 203 -13.27 22.56 -50.91
C ASP B 203 -12.83 23.76 -51.74
N ASP B 204 -13.74 24.73 -51.96
CA ASP B 204 -13.37 25.91 -52.73
C ASP B 204 -12.41 26.81 -51.96
N ILE B 205 -12.61 26.95 -50.65
CA ILE B 205 -11.65 27.69 -49.83
C ILE B 205 -10.25 27.10 -49.97
N ALA B 206 -10.16 25.77 -49.95
CA ALA B 206 -8.85 25.12 -49.99
C ALA B 206 -8.20 25.27 -51.36
N GLU B 207 -9.00 25.19 -52.43
CA GLU B 207 -8.45 25.40 -53.76
C GLU B 207 -8.03 26.85 -53.99
N TYR B 208 -8.84 27.82 -53.55
CA TYR B 208 -8.37 29.21 -53.55
C TYR B 208 -7.07 29.36 -52.76
N THR B 209 -6.99 28.71 -51.60
CA THR B 209 -5.75 28.70 -50.84
C THR B 209 -4.59 28.11 -51.65
N ALA B 210 -4.82 26.98 -52.32
CA ALA B 210 -3.72 26.35 -53.05
C ALA B 210 -3.30 27.21 -54.24
N LYS B 211 -4.22 27.99 -54.80
CA LYS B 211 -3.89 28.88 -55.92
C LYS B 211 -3.23 30.17 -55.47
N THR B 212 -3.58 30.68 -54.29
CA THR B 212 -3.03 31.96 -53.88
C THR B 212 -1.63 31.86 -53.27
N LEU B 213 -1.23 30.68 -52.76
CA LEU B 213 -0.08 30.65 -51.86
C LEU B 213 1.24 30.95 -52.55
N ASP B 214 1.33 30.87 -53.87
CA ASP B 214 2.51 31.35 -54.58
C ASP B 214 2.13 32.35 -55.68
N ASP B 215 1.02 33.03 -55.52
CA ASP B 215 0.60 34.08 -56.44
C ASP B 215 1.32 35.39 -56.09
N PRO B 216 2.14 35.94 -56.98
CA PRO B 216 2.81 37.21 -56.68
C PRO B 216 1.84 38.30 -56.27
N ARG B 217 0.62 38.26 -56.79
CA ARG B 217 -0.35 39.31 -56.51
C ARG B 217 -0.83 39.32 -55.06
N THR B 218 -0.63 38.25 -54.30
CA THR B 218 -1.23 38.22 -52.97
C THR B 218 -0.19 38.14 -51.86
N ILE B 219 1.09 38.38 -52.16
CA ILE B 219 2.10 38.31 -51.12
C ILE B 219 1.92 39.49 -50.17
N ASN B 220 1.95 39.20 -48.86
CA ASN B 220 1.77 40.21 -47.83
C ASN B 220 0.41 40.88 -47.94
N LYS B 221 -0.61 40.12 -48.34
CA LYS B 221 -1.96 40.65 -48.48
C LYS B 221 -2.97 39.75 -47.79
N THR B 222 -4.10 40.35 -47.43
CA THR B 222 -5.29 39.61 -47.06
C THR B 222 -6.08 39.27 -48.33
N VAL B 223 -6.47 38.01 -48.46
CA VAL B 223 -7.33 37.55 -49.55
C VAL B 223 -8.69 37.22 -48.97
N TYR B 224 -9.72 37.90 -49.45
CA TYR B 224 -11.10 37.64 -49.04
C TYR B 224 -11.72 36.60 -49.96
N VAL B 225 -12.31 35.56 -49.40
CA VAL B 225 -13.01 34.56 -50.17
C VAL B 225 -14.50 34.95 -50.15
N ARG B 226 -14.95 35.64 -51.19
CA ARG B 226 -16.31 36.17 -51.26
C ARG B 226 -16.88 35.95 -52.66
N PRO B 227 -17.08 34.69 -53.05
CA PRO B 227 -17.62 34.42 -54.38
C PRO B 227 -18.99 35.08 -54.53
N THR B 228 -19.17 35.82 -55.62
CA THR B 228 -20.25 36.81 -55.66
C THR B 228 -21.62 36.17 -55.52
N GLU B 229 -21.88 35.08 -56.24
CA GLU B 229 -23.20 34.45 -56.20
C GLU B 229 -23.45 33.74 -54.89
N ASN B 230 -22.48 33.71 -53.98
CA ASN B 230 -22.65 33.05 -52.68
C ASN B 230 -22.76 34.04 -51.53
N VAL B 231 -22.82 35.33 -51.83
CA VAL B 231 -23.23 36.32 -50.83
C VAL B 231 -24.76 36.29 -50.77
N LEU B 232 -25.29 35.80 -49.66
CA LEU B 232 -26.70 35.47 -49.53
C LEU B 232 -27.15 35.78 -48.11
N THR B 233 -28.31 36.41 -48.00
CA THR B 233 -28.93 36.48 -46.69
C THR B 233 -29.35 35.07 -46.26
N GLN B 234 -29.51 34.88 -44.97
CA GLN B 234 -30.03 33.59 -44.51
C GLN B 234 -31.36 33.27 -45.18
N MET B 235 -32.23 34.26 -45.36
CA MET B 235 -33.51 33.98 -46.00
C MET B 235 -33.33 33.59 -47.46
N GLU B 236 -32.35 34.17 -48.15
CA GLU B 236 -32.10 33.69 -49.51
C GLU B 236 -31.61 32.24 -49.51
N LEU B 237 -30.90 31.84 -48.46
CA LEU B 237 -30.44 30.46 -48.39
C LEU B 237 -31.61 29.51 -48.13
N VAL B 238 -32.42 29.84 -47.13
CA VAL B 238 -33.64 29.07 -46.85
C VAL B 238 -34.49 28.91 -48.11
N GLN B 239 -34.64 29.98 -48.87
CA GLN B 239 -35.49 29.91 -50.07
C GLN B 239 -34.85 29.10 -51.18
N ILE B 240 -33.52 28.96 -51.20
CA ILE B 240 -32.90 28.02 -52.12
C ILE B 240 -33.33 26.60 -51.79
N TRP B 241 -33.39 26.29 -50.49
CA TRP B 241 -33.77 24.94 -50.06
C TRP B 241 -35.25 24.69 -50.32
N GLU B 242 -36.10 25.62 -49.87
CA GLU B 242 -37.53 25.53 -50.13
C GLU B 242 -37.80 25.34 -51.62
N LYS B 243 -37.10 26.07 -52.47
CA LYS B 243 -37.26 25.84 -53.90
C LYS B 243 -36.85 24.42 -54.29
N LEU B 244 -35.83 23.87 -53.63
CA LEU B 244 -35.38 22.53 -53.99
C LEU B 244 -36.35 21.46 -53.52
N THR B 245 -36.87 21.62 -52.29
CA THR B 245 -37.82 20.68 -51.74
C THR B 245 -39.23 20.90 -52.27
N GLY B 246 -39.62 22.16 -52.42
CA GLY B 246 -40.99 22.54 -52.72
C GLY B 246 -41.87 22.79 -51.52
N LYS B 247 -41.31 22.75 -50.30
CA LYS B 247 -42.09 22.90 -49.07
C LYS B 247 -41.59 24.10 -48.31
N GLU B 248 -42.47 25.06 -48.05
CA GLU B 248 -42.14 26.18 -47.19
C GLU B 248 -41.91 25.67 -45.78
N LEU B 249 -40.82 26.11 -45.15
CA LEU B 249 -40.61 25.83 -43.74
C LEU B 249 -41.29 26.89 -42.89
N GLU B 250 -41.63 26.50 -41.68
CA GLU B 250 -42.22 27.39 -40.70
C GLU B 250 -41.10 28.15 -39.98
N LYS B 251 -41.16 29.48 -40.00
CA LYS B 251 -40.06 30.34 -39.60
C LYS B 251 -40.38 31.13 -38.33
N THR B 252 -39.35 31.32 -37.49
CA THR B 252 -39.44 32.09 -36.26
C THR B 252 -38.30 33.10 -36.26
N ASN B 253 -38.62 34.38 -36.11
CA ASN B 253 -37.68 35.47 -36.39
C ASN B 253 -36.98 35.98 -35.12
N ILE B 254 -36.25 35.07 -34.46
CA ILE B 254 -35.48 35.40 -33.25
C ILE B 254 -34.83 36.78 -33.33
N SER B 255 -35.06 37.59 -32.29
CA SER B 255 -34.49 38.93 -32.24
C SER B 255 -33.05 38.90 -31.69
N ALA B 256 -32.36 40.04 -31.82
CA ALA B 256 -30.98 40.14 -31.37
C ALA B 256 -30.88 39.96 -29.87
N ASN B 257 -31.75 40.65 -29.12
CA ASN B 257 -31.73 40.52 -27.67
C ASN B 257 -32.14 39.11 -27.24
N ASP B 258 -33.08 38.51 -27.97
CA ASP B 258 -33.42 37.11 -27.68
C ASP B 258 -32.22 36.19 -27.94
N PHE B 259 -31.45 36.47 -29.00
CA PHE B 259 -30.32 35.59 -29.31
C PHE B 259 -29.35 35.47 -28.12
N LEU B 260 -28.94 36.60 -27.57
CA LEU B 260 -28.16 36.57 -26.32
C LEU B 260 -29.08 36.71 -25.10
N ALA B 272 -19.37 29.19 -26.78
CA ALA B 272 -19.03 29.62 -28.13
C ALA B 272 -19.97 29.02 -29.19
N GLY B 273 -19.79 29.50 -30.42
CA GLY B 273 -20.83 29.41 -31.41
C GLY B 273 -21.59 30.72 -31.39
N LEU B 274 -22.16 31.05 -30.24
CA LEU B 274 -23.08 32.18 -30.13
C LEU B 274 -22.42 33.48 -30.59
N GLY B 275 -21.27 33.81 -30.00
CA GLY B 275 -20.55 35.00 -30.46
C GLY B 275 -20.33 35.00 -31.96
N HIS B 276 -19.93 33.86 -32.52
CA HIS B 276 -19.67 33.78 -33.95
C HIS B 276 -20.95 34.02 -34.74
N PHE B 277 -21.98 33.24 -34.46
CA PHE B 277 -23.23 33.42 -35.17
C PHE B 277 -23.71 34.85 -35.05
N TYR B 278 -23.55 35.44 -33.87
CA TYR B 278 -24.00 36.81 -33.65
C TYR B 278 -23.28 37.79 -34.57
N HIS B 279 -21.95 37.77 -34.54
CA HIS B 279 -21.16 38.62 -35.44
C HIS B 279 -21.59 38.43 -36.88
N ILE B 280 -21.80 37.19 -37.30
CA ILE B 280 -22.07 36.91 -38.72
C ILE B 280 -23.48 37.35 -39.09
N PHE B 281 -24.48 36.91 -38.32
CA PHE B 281 -25.87 37.04 -38.76
C PHE B 281 -26.57 38.28 -38.21
N TYR B 282 -26.03 38.94 -37.21
CA TYR B 282 -26.61 40.18 -36.70
C TYR B 282 -25.79 41.39 -37.07
N GLU B 283 -24.48 41.41 -36.74
CA GLU B 283 -23.62 42.50 -37.14
C GLU B 283 -23.27 42.45 -38.62
N GLY B 284 -23.36 41.30 -39.27
CA GLY B 284 -23.01 41.21 -40.69
C GLY B 284 -21.54 41.42 -40.96
N CYS B 285 -20.68 40.84 -40.13
CA CYS B 285 -19.25 41.16 -40.19
C CYS B 285 -18.59 40.69 -41.47
N LEU B 286 -19.17 39.72 -42.19
CA LEU B 286 -18.57 39.23 -43.41
C LEU B 286 -18.86 40.10 -44.62
N THR B 287 -19.80 41.05 -44.50
CA THR B 287 -20.26 41.79 -45.67
C THR B 287 -20.35 43.30 -45.47
N ASP B 288 -19.95 43.83 -44.32
CA ASP B 288 -20.11 45.25 -44.00
C ASP B 288 -18.97 46.10 -44.55
N HIS B 289 -18.21 45.56 -45.50
CA HIS B 289 -17.06 46.26 -46.07
C HIS B 289 -16.91 45.76 -47.50
N GLU B 290 -16.61 46.67 -48.42
CA GLU B 290 -16.36 46.22 -49.78
C GLU B 290 -14.94 45.68 -49.89
N VAL B 291 -14.75 44.81 -50.87
CA VAL B 291 -13.44 44.22 -51.15
C VAL B 291 -13.14 44.37 -52.64
N GLY B 292 -11.91 44.76 -52.94
CA GLY B 292 -11.52 44.95 -54.32
C GLY B 292 -11.33 43.64 -55.04
N ASP B 293 -11.55 43.68 -56.35
CA ASP B 293 -11.30 42.51 -57.18
C ASP B 293 -9.89 41.98 -57.00
N ASP B 294 -8.91 42.87 -56.81
CA ASP B 294 -7.52 42.46 -56.67
C ASP B 294 -7.22 41.78 -55.33
N GLU B 295 -8.19 41.73 -54.40
CA GLU B 295 -8.01 41.03 -53.13
C GLU B 295 -9.12 40.01 -52.88
N GLU B 296 -9.87 39.60 -53.90
CA GLU B 296 -11.01 38.72 -53.73
C GLU B 296 -10.81 37.45 -54.55
N ALA B 297 -10.89 36.31 -53.88
CA ALA B 297 -10.43 35.07 -54.49
C ALA B 297 -11.20 34.71 -55.77
N SER B 298 -12.51 34.93 -55.80
CA SER B 298 -13.22 34.50 -57.01
C SER B 298 -12.80 35.36 -58.21
N LYS B 299 -12.42 36.62 -57.97
CA LYS B 299 -11.90 37.47 -59.03
C LYS B 299 -10.43 37.15 -59.35
N LEU B 300 -9.64 36.85 -58.33
CA LEU B 300 -8.24 36.50 -58.57
C LEU B 300 -8.12 35.19 -59.34
N TYR B 301 -9.04 34.26 -59.09
CA TYR B 301 -8.94 32.90 -59.61
C TYR B 301 -10.29 32.57 -60.24
N PRO B 302 -10.56 33.15 -61.41
CA PRO B 302 -11.88 33.00 -62.02
C PRO B 302 -12.11 31.62 -62.59
N ASP B 303 -11.05 30.85 -62.82
CA ASP B 303 -11.18 29.49 -63.32
C ASP B 303 -11.69 28.50 -62.28
N VAL B 304 -11.77 28.91 -61.01
CA VAL B 304 -12.34 28.09 -59.95
C VAL B 304 -13.87 28.23 -60.04
N LYS B 305 -14.55 27.16 -60.45
CA LYS B 305 -15.99 27.20 -60.61
C LYS B 305 -16.63 26.83 -59.28
N TYR B 306 -16.75 27.82 -58.41
CA TYR B 306 -17.14 27.53 -57.04
C TYR B 306 -18.55 26.97 -56.98
N THR B 307 -18.78 26.12 -55.98
CA THR B 307 -20.08 25.52 -55.77
C THR B 307 -21.08 26.59 -55.33
N ARG B 308 -22.10 26.83 -56.15
CA ARG B 308 -23.22 27.63 -55.69
C ARG B 308 -24.03 26.85 -54.68
N MET B 309 -24.73 27.57 -53.81
CA MET B 309 -25.38 26.89 -52.70
C MET B 309 -26.55 26.02 -53.16
N ASP B 310 -27.18 26.34 -54.30
CA ASP B 310 -28.21 25.45 -54.81
C ASP B 310 -27.63 24.07 -55.11
N GLU B 311 -26.46 24.03 -55.75
CA GLU B 311 -25.82 22.75 -55.98
C GLU B 311 -25.33 22.13 -54.68
N TYR B 312 -24.78 22.92 -53.76
CA TYR B 312 -24.25 22.39 -52.51
C TYR B 312 -25.32 21.66 -51.72
N LEU B 313 -26.54 22.19 -51.73
CA LEU B 313 -27.59 21.65 -50.88
C LEU B 313 -28.26 20.41 -51.46
N LYS B 314 -28.02 20.11 -52.74
CA LYS B 314 -28.70 19.00 -53.39
C LYS B 314 -28.36 17.64 -52.77
N ILE B 315 -27.21 17.51 -52.11
CA ILE B 315 -26.84 16.23 -51.51
C ILE B 315 -27.75 15.87 -50.34
N PHE B 316 -28.38 16.85 -49.69
CA PHE B 316 -29.31 16.53 -48.60
C PHE B 316 -30.70 16.17 -49.10
N LEU B 317 -30.96 16.23 -50.40
CA LEU B 317 -32.30 15.92 -50.88
C LEU B 317 -32.60 14.44 -50.74
N SER C 6 23.77 -5.40 12.79
CA SER C 6 24.00 -6.75 12.25
C SER C 6 23.23 -6.95 10.93
N GLY C 7 21.95 -6.57 10.93
CA GLY C 7 21.13 -6.54 9.73
C GLY C 7 21.39 -5.39 8.80
N GLU C 8 22.24 -4.45 9.20
CA GLU C 8 22.66 -3.34 8.36
C GLU C 8 24.10 -3.49 7.90
N LYS C 9 24.71 -4.64 8.13
CA LYS C 9 25.99 -4.96 7.52
C LYS C 9 25.81 -5.18 6.02
N THR C 10 26.71 -4.61 5.23
CA THR C 10 26.83 -5.01 3.84
C THR C 10 27.22 -6.49 3.77
N ARG C 11 26.60 -7.23 2.86
CA ARG C 11 26.92 -8.64 2.68
C ARG C 11 27.76 -8.80 1.42
N VAL C 12 28.90 -9.47 1.55
CA VAL C 12 29.89 -9.55 0.47
C VAL C 12 30.20 -11.01 0.18
N LEU C 13 30.11 -11.40 -1.09
CA LEU C 13 30.63 -12.68 -1.56
C LEU C 13 31.99 -12.46 -2.21
N VAL C 14 33.00 -13.17 -1.73
CA VAL C 14 34.33 -13.13 -2.32
C VAL C 14 34.51 -14.36 -3.19
N VAL C 15 34.88 -14.12 -4.44
CA VAL C 15 35.08 -15.17 -5.43
C VAL C 15 36.58 -15.25 -5.70
N GLY C 16 37.14 -16.45 -5.57
CA GLY C 16 38.57 -16.59 -5.57
C GLY C 16 39.17 -16.35 -4.21
N GLY C 17 38.50 -16.77 -3.16
CA GLY C 17 38.88 -16.46 -1.78
C GLY C 17 40.15 -17.15 -1.26
N THR C 18 40.68 -18.16 -1.95
CA THR C 18 41.96 -18.70 -1.52
C THR C 18 43.14 -18.20 -2.34
N GLY C 19 42.92 -17.25 -3.26
CA GLY C 19 44.00 -16.65 -4.03
C GLY C 19 44.87 -15.73 -3.19
N THR C 20 45.95 -15.25 -3.80
CA THR C 20 46.83 -14.30 -3.11
C THR C 20 46.06 -13.05 -2.68
N MET C 21 45.37 -12.41 -3.62
CA MET C 21 44.61 -11.22 -3.22
C MET C 21 43.28 -11.62 -2.59
N GLY C 22 42.66 -12.71 -3.09
CA GLY C 22 41.38 -13.14 -2.54
C GLY C 22 41.40 -13.39 -1.05
N ARG C 23 42.41 -14.10 -0.55
CA ARG C 23 42.45 -14.39 0.89
C ARG C 23 42.54 -13.10 1.70
N ARG C 24 43.25 -12.09 1.18
CA ARG C 24 43.35 -10.84 1.91
C ARG C 24 42.05 -10.05 1.84
N ILE C 25 41.34 -10.15 0.73
CA ILE C 25 40.04 -9.51 0.67
C ILE C 25 39.07 -10.15 1.65
N VAL C 26 39.13 -11.47 1.83
CA VAL C 26 38.24 -12.11 2.79
C VAL C 26 38.47 -11.53 4.18
N ARG C 27 39.73 -11.54 4.62
CA ARG C 27 40.03 -11.06 5.95
C ARG C 27 39.74 -9.57 6.10
N ALA C 28 39.95 -8.79 5.03
CA ALA C 28 39.69 -7.35 5.11
C ALA C 28 38.21 -7.06 5.22
N CYS C 29 37.39 -7.81 4.47
CA CYS C 29 35.94 -7.67 4.59
C CYS C 29 35.48 -8.01 6.00
N LEU C 30 36.04 -9.06 6.59
CA LEU C 30 35.70 -9.40 7.96
C LEU C 30 36.13 -8.31 8.92
N ALA C 31 37.38 -7.83 8.79
CA ALA C 31 37.86 -6.80 9.70
C ALA C 31 37.02 -5.54 9.60
N GLU C 32 36.42 -5.29 8.42
CA GLU C 32 35.59 -4.12 8.22
C GLU C 32 34.17 -4.30 8.74
N GLY C 33 33.83 -5.49 9.24
CA GLY C 33 32.50 -5.76 9.75
C GLY C 33 31.48 -6.24 8.73
N HIS C 34 31.87 -6.53 7.51
CA HIS C 34 30.90 -7.06 6.56
C HIS C 34 30.57 -8.51 6.90
N GLU C 35 29.32 -8.88 6.66
CA GLU C 35 28.95 -10.29 6.69
C GLU C 35 29.56 -10.94 5.45
N THR C 36 30.55 -11.81 5.64
CA THR C 36 31.43 -12.19 4.55
C THR C 36 31.21 -13.65 4.15
N TYR C 37 30.98 -13.87 2.85
CA TYR C 37 30.78 -15.18 2.26
C TYR C 37 31.88 -15.45 1.25
N VAL C 38 32.34 -16.69 1.20
CA VAL C 38 33.42 -17.12 0.34
C VAL C 38 32.91 -18.23 -0.57
N LEU C 39 33.07 -18.05 -1.87
CA LEU C 39 32.68 -19.08 -2.79
C LEU C 39 33.56 -20.31 -2.61
N GLN C 40 32.94 -21.47 -2.45
CA GLN C 40 33.62 -22.75 -2.31
C GLN C 40 33.36 -23.56 -3.56
N GLN C 41 34.38 -23.64 -4.44
CA GLN C 41 34.33 -24.40 -5.66
C GLN C 41 34.64 -25.87 -5.38
N PRO C 42 34.11 -26.78 -6.20
CA PRO C 42 34.42 -28.20 -6.02
C PRO C 42 35.92 -28.43 -6.10
N GLU C 43 36.40 -29.39 -5.33
CA GLU C 43 37.82 -29.72 -5.37
C GLU C 43 38.19 -30.27 -6.74
N THR C 44 39.35 -29.83 -7.24
CA THR C 44 39.91 -30.38 -8.47
C THR C 44 40.98 -31.43 -8.19
N ARG C 45 41.47 -31.51 -6.96
CA ARG C 45 42.45 -32.51 -6.53
C ARG C 45 42.40 -32.55 -5.00
N VAL C 46 43.25 -33.41 -4.43
CA VAL C 46 43.54 -33.34 -3.00
C VAL C 46 44.46 -32.15 -2.80
N ASP C 47 43.98 -31.13 -2.08
CA ASP C 47 44.71 -29.86 -1.94
C ASP C 47 44.50 -29.38 -0.49
N ILE C 48 45.34 -29.87 0.41
CA ILE C 48 45.09 -29.62 1.82
C ILE C 48 45.18 -28.12 2.15
N GLU C 49 46.13 -27.41 1.54
CA GLU C 49 46.33 -26.01 1.91
C GLU C 49 45.13 -25.16 1.53
N LYS C 50 44.56 -25.43 0.37
CA LYS C 50 43.36 -24.72 -0.06
C LYS C 50 42.16 -25.03 0.85
N VAL C 51 41.95 -26.31 1.19
CA VAL C 51 40.82 -26.66 2.04
C VAL C 51 40.97 -26.02 3.41
N GLN C 52 42.15 -26.14 4.01
CA GLN C 52 42.31 -25.58 5.34
C GLN C 52 42.19 -24.06 5.35
N LEU C 53 42.66 -23.40 4.28
CA LEU C 53 42.46 -21.95 4.18
C LEU C 53 40.98 -21.59 4.15
N LEU C 54 40.20 -22.29 3.31
CA LEU C 54 38.77 -22.02 3.22
C LEU C 54 38.08 -22.19 4.56
N TYR C 55 38.34 -23.30 5.24
CA TYR C 55 37.65 -23.54 6.50
C TYR C 55 38.18 -22.67 7.62
N SER C 56 39.42 -22.16 7.51
CA SER C 56 39.89 -21.21 8.52
C SER C 56 39.09 -19.92 8.48
N TYR C 57 38.51 -19.56 7.32
CA TYR C 57 37.66 -18.38 7.29
C TYR C 57 36.42 -18.55 8.15
N LYS C 58 35.90 -19.78 8.25
CA LYS C 58 34.73 -20.02 9.08
C LYS C 58 35.00 -19.66 10.54
N ARG C 59 36.17 -20.03 11.05
CA ARG C 59 36.53 -19.67 12.42
C ARG C 59 36.55 -18.17 12.61
N LEU C 60 36.91 -17.43 11.58
CA LEU C 60 36.91 -15.98 11.66
C LEU C 60 35.52 -15.37 11.50
N GLY C 61 34.51 -16.19 11.18
CA GLY C 61 33.17 -15.66 11.04
C GLY C 61 32.64 -15.57 9.62
N ALA C 62 33.37 -16.07 8.63
CA ALA C 62 32.85 -16.09 7.28
C ALA C 62 31.98 -17.31 7.08
N ARG C 63 31.14 -17.25 6.06
CA ARG C 63 30.38 -18.41 5.60
C ARG C 63 30.91 -18.85 4.25
N LEU C 64 30.81 -20.14 4.00
CA LEU C 64 31.18 -20.73 2.72
C LEU C 64 29.90 -21.00 1.96
N ILE C 65 29.91 -20.69 0.66
CA ILE C 65 28.82 -21.06 -0.24
C ILE C 65 29.40 -21.90 -1.35
N GLU C 66 28.94 -23.15 -1.44
CA GLU C 66 29.37 -24.05 -2.47
C GLU C 66 28.66 -23.67 -3.77
N ALA C 67 29.43 -23.57 -4.83
CA ALA C 67 28.90 -23.29 -6.15
C ALA C 67 29.95 -23.70 -7.15
N SER C 68 29.54 -23.81 -8.39
CA SER C 68 30.43 -24.19 -9.46
C SER C 68 30.18 -23.24 -10.63
N PHE C 69 31.27 -22.79 -11.26
CA PHE C 69 31.12 -21.91 -12.43
C PHE C 69 30.44 -22.60 -13.58
N SER C 70 30.48 -23.93 -13.62
CA SER C 70 29.84 -24.71 -14.66
C SER C 70 28.37 -25.01 -14.34
N ASP C 71 27.86 -24.50 -13.24
CA ASP C 71 26.47 -24.72 -12.83
C ASP C 71 25.85 -23.35 -12.55
N HIS C 72 25.21 -22.80 -13.59
CA HIS C 72 24.67 -21.45 -13.57
C HIS C 72 23.70 -21.23 -12.42
N GLN C 73 22.83 -22.21 -12.16
CA GLN C 73 21.91 -22.13 -11.04
C GLN C 73 22.67 -21.96 -9.71
N SER C 74 23.77 -22.69 -9.53
CA SER C 74 24.51 -22.57 -8.27
C SER C 74 25.11 -21.17 -8.10
N LEU C 75 25.53 -20.53 -9.20
CA LEU C 75 26.03 -19.16 -9.10
C LEU C 75 24.91 -18.19 -8.78
N VAL C 76 23.75 -18.34 -9.43
CA VAL C 76 22.61 -17.47 -9.15
C VAL C 76 22.23 -17.56 -7.68
N SER C 77 22.16 -18.78 -7.13
CA SER C 77 21.78 -18.92 -5.73
C SER C 77 22.81 -18.29 -4.80
N ALA C 78 24.10 -18.41 -5.13
CA ALA C 78 25.11 -17.81 -4.28
C ALA C 78 24.96 -16.30 -4.23
N VAL C 79 24.82 -15.66 -5.39
CA VAL C 79 24.81 -14.20 -5.41
C VAL C 79 23.51 -13.61 -4.87
N LYS C 80 22.43 -14.38 -4.84
CA LYS C 80 21.20 -13.92 -4.25
C LYS C 80 21.31 -13.72 -2.74
N GLN C 81 22.35 -14.27 -2.10
CA GLN C 81 22.46 -14.17 -0.65
C GLN C 81 23.27 -12.96 -0.20
N VAL C 82 23.74 -12.12 -1.12
CA VAL C 82 24.64 -11.03 -0.74
C VAL C 82 24.21 -9.75 -1.44
N ASP C 83 24.86 -8.65 -1.06
CA ASP C 83 24.66 -7.37 -1.73
C ASP C 83 25.80 -7.00 -2.65
N ILE C 84 27.00 -7.49 -2.40
CA ILE C 84 28.15 -7.09 -3.19
C ILE C 84 29.02 -8.31 -3.48
N VAL C 85 29.55 -8.35 -4.69
CA VAL C 85 30.44 -9.43 -5.13
C VAL C 85 31.79 -8.83 -5.43
N VAL C 86 32.85 -9.48 -4.93
CA VAL C 86 34.23 -9.13 -5.27
C VAL C 86 34.93 -10.39 -5.79
N ALA C 87 35.49 -10.32 -6.99
CA ALA C 87 36.23 -11.44 -7.56
C ALA C 87 37.70 -11.08 -7.68
N ALA C 88 38.56 -12.07 -7.42
CA ALA C 88 40.01 -11.93 -7.47
C ALA C 88 40.62 -13.21 -8.07
N MET C 89 40.35 -13.46 -9.35
CA MET C 89 40.79 -14.68 -10.03
C MET C 89 42.17 -14.50 -10.66
N SER C 90 42.87 -15.63 -10.79
CA SER C 90 44.21 -15.65 -11.35
C SER C 90 44.27 -14.95 -12.70
N GLY C 91 45.35 -14.21 -12.93
CA GLY C 91 45.50 -13.51 -14.21
C GLY C 91 46.92 -13.15 -14.61
N SER C 98 42.26 -16.99 -15.29
CA SER C 98 40.85 -17.38 -15.28
C SER C 98 39.93 -16.15 -15.29
N ILE C 99 40.45 -15.03 -15.76
CA ILE C 99 39.67 -13.81 -15.86
C ILE C 99 38.32 -14.06 -16.53
N LEU C 100 38.31 -14.77 -17.66
CA LEU C 100 37.08 -14.89 -18.45
C LEU C 100 36.01 -15.72 -17.77
N VAL C 101 36.37 -16.54 -16.78
CA VAL C 101 35.33 -17.27 -16.05
C VAL C 101 34.36 -16.30 -15.40
N GLN C 102 34.78 -15.04 -15.20
CA GLN C 102 33.88 -14.06 -14.60
C GLN C 102 32.66 -13.77 -15.46
N LEU C 103 32.73 -14.05 -16.76
CA LEU C 103 31.56 -13.82 -17.60
C LEU C 103 30.38 -14.66 -17.12
N LYS C 104 30.64 -15.90 -16.69
CA LYS C 104 29.58 -16.71 -16.11
C LYS C 104 29.04 -16.06 -14.84
N LEU C 105 29.92 -15.43 -14.06
CA LEU C 105 29.48 -14.73 -12.86
C LEU C 105 28.62 -13.52 -13.20
N VAL C 106 29.02 -12.76 -14.22
CA VAL C 106 28.21 -11.62 -14.64
C VAL C 106 26.81 -12.07 -15.03
N GLU C 107 26.73 -13.13 -15.83
CA GLU C 107 25.42 -13.64 -16.24
C GLU C 107 24.54 -13.98 -15.04
N ALA C 108 25.14 -14.62 -14.01
CA ALA C 108 24.39 -14.97 -12.82
C ALA C 108 23.95 -13.73 -12.05
N ILE C 109 24.82 -12.73 -11.98
CA ILE C 109 24.47 -11.51 -11.27
C ILE C 109 23.31 -10.81 -11.97
N LYS C 110 23.42 -10.68 -13.29
CA LYS C 110 22.36 -10.09 -14.10
C LYS C 110 21.01 -10.76 -13.83
N GLU C 111 20.99 -12.10 -13.79
CA GLU C 111 19.72 -12.79 -13.55
C GLU C 111 19.25 -12.61 -12.12
N ALA C 112 20.15 -12.70 -11.14
CA ALA C 112 19.74 -12.57 -9.75
C ALA C 112 19.09 -11.22 -9.48
N GLY C 113 19.68 -10.14 -10.00
CA GLY C 113 19.08 -8.82 -9.95
C GLY C 113 19.30 -8.04 -8.67
N ASN C 114 19.82 -8.65 -7.61
CA ASN C 114 19.85 -8.03 -6.29
C ASN C 114 21.19 -7.39 -5.94
N ILE C 115 22.18 -7.43 -6.82
CA ILE C 115 23.55 -7.08 -6.45
C ILE C 115 23.76 -5.57 -6.55
N LYS C 116 24.15 -4.97 -5.43
CA LYS C 116 24.36 -3.52 -5.42
C LYS C 116 25.63 -3.11 -6.15
N ARG C 117 26.63 -3.99 -6.21
CA ARG C 117 27.88 -3.62 -6.86
C ARG C 117 28.71 -4.87 -7.12
N PHE C 118 29.47 -4.84 -8.21
CA PHE C 118 30.39 -5.92 -8.57
C PHE C 118 31.79 -5.35 -8.74
N LEU C 119 32.77 -5.93 -8.02
CA LEU C 119 34.16 -5.55 -8.21
C LEU C 119 34.89 -6.69 -8.90
N PRO C 120 35.20 -6.59 -10.20
CA PRO C 120 35.84 -7.71 -10.90
C PRO C 120 37.31 -7.79 -10.55
N SER C 121 37.95 -8.84 -11.06
CA SER C 121 39.34 -9.16 -10.73
C SER C 121 40.25 -8.22 -11.52
N GLU C 122 40.58 -7.09 -10.89
CA GLU C 122 41.45 -6.08 -11.50
C GLU C 122 42.83 -6.06 -10.80
N PHE C 123 42.98 -5.13 -9.83
CA PHE C 123 44.06 -5.09 -8.85
C PHE C 123 45.44 -5.02 -9.46
N GLY C 124 45.53 -4.54 -10.70
CA GLY C 124 46.83 -4.34 -11.33
C GLY C 124 46.85 -3.10 -12.19
N MET C 125 47.67 -3.11 -13.23
CA MET C 125 47.64 -2.07 -14.24
C MET C 125 46.19 -1.82 -14.68
N ASP C 126 45.90 -0.59 -15.04
CA ASP C 126 44.59 -0.31 -15.61
C ASP C 126 44.58 -0.81 -17.06
N PRO C 127 43.86 -1.89 -17.37
CA PRO C 127 43.89 -2.41 -18.75
C PRO C 127 43.39 -1.43 -19.78
N SER C 128 42.50 -0.50 -19.40
CA SER C 128 41.97 0.46 -20.37
C SER C 128 43.03 1.46 -20.84
N ARG C 129 44.15 1.60 -20.14
CA ARG C 129 45.24 2.47 -20.55
C ARG C 129 46.33 1.73 -21.32
N MET C 130 46.18 0.43 -21.55
CA MET C 130 47.21 -0.33 -22.21
C MET C 130 47.00 -0.48 -23.71
N ASP C 142 42.27 -7.50 -24.03
CA ASP C 142 42.41 -8.04 -22.68
C ASP C 142 41.11 -8.72 -22.31
N GLN C 143 41.25 -9.83 -21.60
CA GLN C 143 40.12 -10.48 -20.98
C GLN C 143 39.45 -9.57 -19.95
N LYS C 144 40.24 -8.76 -19.23
CA LYS C 144 39.65 -7.86 -18.23
C LYS C 144 38.70 -6.85 -18.88
N LEU C 145 39.09 -6.25 -20.01
CA LEU C 145 38.20 -5.31 -20.69
C LEU C 145 36.96 -6.02 -21.19
N GLU C 146 37.11 -7.25 -21.67
CA GLU C 146 35.97 -8.08 -22.02
C GLU C 146 35.04 -8.27 -20.82
N VAL C 147 35.60 -8.49 -19.63
CA VAL C 147 34.76 -8.58 -18.44
C VAL C 147 34.12 -7.23 -18.12
N ARG C 148 34.88 -6.14 -18.21
CA ARG C 148 34.29 -4.83 -17.96
C ARG C 148 33.12 -4.57 -18.91
N ASN C 149 33.27 -4.90 -20.19
CA ASN C 149 32.21 -4.62 -21.15
C ASN C 149 30.93 -5.38 -20.80
N ALA C 150 31.07 -6.64 -20.36
CA ALA C 150 29.89 -7.41 -19.98
C ALA C 150 29.25 -6.84 -18.71
N ILE C 151 30.05 -6.44 -17.73
CA ILE C 151 29.48 -5.81 -16.53
C ILE C 151 28.60 -4.63 -16.94
N GLU C 152 29.16 -3.74 -17.74
CA GLU C 152 28.48 -2.49 -18.09
C GLU C 152 27.29 -2.74 -19.01
N ALA C 153 27.47 -3.59 -20.02
CA ALA C 153 26.34 -3.97 -20.86
C ALA C 153 25.15 -4.49 -20.03
N ALA C 154 25.43 -5.25 -18.96
CA ALA C 154 24.38 -5.79 -18.11
C ALA C 154 23.82 -4.77 -17.13
N GLY C 155 24.39 -3.58 -17.06
CA GLY C 155 23.91 -2.61 -16.09
C GLY C 155 24.28 -2.90 -14.66
N ILE C 156 25.26 -3.76 -14.43
CA ILE C 156 25.71 -4.07 -13.07
C ILE C 156 26.61 -2.94 -12.57
N PRO C 157 26.29 -2.29 -11.46
CA PRO C 157 27.15 -1.23 -10.94
C PRO C 157 28.48 -1.81 -10.47
N HIS C 158 29.55 -1.03 -10.63
CA HIS C 158 30.88 -1.59 -10.55
C HIS C 158 31.86 -0.64 -9.85
N THR C 159 32.97 -1.22 -9.37
CA THR C 159 34.16 -0.45 -9.01
C THR C 159 35.38 -1.23 -9.48
N TYR C 160 36.29 -0.54 -10.14
CA TYR C 160 37.51 -1.14 -10.66
C TYR C 160 38.68 -0.64 -9.83
N VAL C 161 39.36 -1.55 -9.15
CA VAL C 161 40.49 -1.21 -8.28
C VAL C 161 41.78 -1.51 -9.03
N VAL C 162 42.53 -0.45 -9.36
CA VAL C 162 43.71 -0.56 -10.22
C VAL C 162 44.85 0.28 -9.66
N GLY C 163 46.02 0.15 -10.30
CA GLY C 163 47.05 1.17 -10.22
C GLY C 163 48.28 0.90 -9.37
N ALA C 164 48.44 -0.30 -8.80
CA ALA C 164 49.56 -0.59 -7.91
C ALA C 164 50.25 -1.91 -8.25
N CYS C 165 51.57 -1.95 -8.03
CA CYS C 165 52.32 -3.20 -7.99
C CYS C 165 52.19 -3.84 -6.61
N PHE C 166 51.98 -5.16 -6.57
CA PHE C 166 52.01 -5.87 -5.29
C PHE C 166 53.41 -5.75 -4.72
N ALA C 167 53.50 -5.30 -3.47
CA ALA C 167 54.82 -5.14 -2.87
C ALA C 167 55.58 -6.45 -2.83
N ALA C 168 54.89 -7.57 -2.61
CA ALA C 168 55.55 -8.87 -2.54
C ALA C 168 56.22 -9.24 -3.87
N TYR C 169 55.65 -8.80 -4.98
CA TYR C 169 56.14 -9.17 -6.29
C TYR C 169 57.13 -8.16 -6.88
N PHE C 170 57.15 -6.93 -6.38
CA PHE C 170 58.00 -5.88 -6.98
C PHE C 170 58.88 -5.13 -6.00
N ALA C 171 58.53 -5.09 -4.72
CA ALA C 171 59.31 -4.38 -3.72
C ALA C 171 60.26 -5.30 -2.97
N GLY C 172 59.74 -6.44 -2.47
CA GLY C 172 60.58 -7.34 -1.68
C GLY C 172 61.82 -7.83 -2.39
N ASN C 173 61.77 -7.86 -3.73
CA ASN C 173 62.89 -8.31 -4.54
C ASN C 173 63.63 -7.14 -5.17
N LEU C 174 63.37 -5.92 -4.72
CA LEU C 174 63.94 -4.73 -5.36
C LEU C 174 63.67 -4.77 -6.86
N SER C 175 62.54 -5.36 -7.23
CA SER C 175 62.03 -5.39 -8.60
C SER C 175 62.86 -6.26 -9.53
N GLN C 176 63.61 -7.21 -8.98
CA GLN C 176 64.32 -8.20 -9.79
C GLN C 176 63.39 -9.35 -10.16
N MET C 177 63.48 -9.81 -11.40
CA MET C 177 62.64 -10.92 -11.81
C MET C 177 63.21 -12.24 -11.28
N GLY C 178 62.32 -13.22 -11.14
CA GLY C 178 62.72 -14.57 -10.77
C GLY C 178 62.96 -14.80 -9.30
N THR C 179 62.74 -13.81 -8.45
CA THR C 179 62.96 -13.95 -7.02
C THR C 179 62.00 -13.04 -6.28
N LEU C 180 61.82 -13.32 -5.00
CA LEU C 180 60.96 -12.50 -4.15
C LEU C 180 61.70 -11.94 -2.94
N ILE C 181 63.02 -12.07 -2.89
CA ILE C 181 63.76 -11.58 -1.74
C ILE C 181 64.88 -10.69 -2.25
N PRO C 182 65.37 -9.79 -1.40
CA PRO C 182 66.40 -8.83 -1.84
C PRO C 182 67.68 -9.54 -2.23
N PRO C 183 68.31 -9.13 -3.33
CA PRO C 183 69.57 -9.75 -3.73
C PRO C 183 70.68 -9.41 -2.75
N LYS C 184 71.71 -10.26 -2.74
CA LYS C 184 72.77 -10.11 -1.75
C LYS C 184 73.83 -9.08 -2.14
N LYS C 185 74.14 -8.94 -3.43
CA LYS C 185 75.16 -7.95 -3.77
C LYS C 185 74.94 -7.26 -5.13
N LYS C 186 74.32 -7.94 -6.10
CA LYS C 186 74.09 -7.39 -7.44
C LYS C 186 72.62 -7.09 -7.65
N VAL C 187 72.33 -6.03 -8.41
CA VAL C 187 70.95 -5.64 -8.69
C VAL C 187 70.87 -5.00 -10.07
N ASN C 188 69.98 -5.51 -10.91
CA ASN C 188 69.70 -4.89 -12.20
C ASN C 188 68.84 -3.65 -12.03
N ILE C 189 69.22 -2.57 -12.71
CA ILE C 189 68.45 -1.32 -12.72
C ILE C 189 67.89 -1.15 -14.13
N TYR C 190 66.57 -0.99 -14.23
CA TYR C 190 65.93 -0.84 -15.53
C TYR C 190 66.12 0.59 -16.02
N GLY C 191 66.74 0.73 -17.18
CA GLY C 191 67.07 2.06 -17.66
C GLY C 191 67.95 2.75 -16.65
N ASP C 192 67.59 3.96 -16.28
CA ASP C 192 68.29 4.66 -15.21
C ASP C 192 67.56 4.53 -13.88
N GLY C 193 66.54 3.68 -13.79
CA GLY C 193 65.83 3.52 -12.53
C GLY C 193 65.25 4.80 -11.99
N ASN C 194 64.86 5.72 -12.87
CA ASN C 194 64.26 7.00 -12.47
C ASN C 194 62.81 7.11 -12.92
N VAL C 195 62.17 5.99 -13.25
CA VAL C 195 60.76 5.95 -13.62
C VAL C 195 59.94 5.60 -12.37
N LYS C 196 58.98 6.46 -12.04
CA LYS C 196 58.17 6.28 -10.85
C LYS C 196 57.23 5.08 -10.96
N VAL C 197 57.21 4.26 -9.91
CA VAL C 197 56.42 3.05 -9.81
C VAL C 197 55.61 3.14 -8.54
N VAL C 198 54.50 2.38 -8.46
CA VAL C 198 53.63 2.41 -7.29
C VAL C 198 53.74 1.06 -6.59
N TYR C 199 54.38 1.06 -5.43
CA TYR C 199 54.62 -0.13 -4.62
C TYR C 199 53.67 -0.12 -3.44
N VAL C 200 52.76 -1.10 -3.38
CA VAL C 200 51.74 -1.13 -2.33
C VAL C 200 51.67 -2.51 -1.71
N ASP C 201 51.67 -2.54 -0.38
CA ASP C 201 51.44 -3.77 0.37
C ASP C 201 50.09 -4.38 -0.02
N GLU C 202 50.11 -5.66 -0.41
CA GLU C 202 48.86 -6.34 -0.78
C GLU C 202 47.78 -6.20 0.28
N ASP C 203 48.16 -6.22 1.57
CA ASP C 203 47.17 -6.05 2.63
C ASP C 203 46.42 -4.72 2.49
N ASP C 204 47.14 -3.66 2.11
CA ASP C 204 46.53 -2.34 1.94
C ASP C 204 45.61 -2.32 0.73
N ILE C 205 45.99 -3.01 -0.35
CA ILE C 205 45.09 -3.08 -1.49
C ILE C 205 43.78 -3.74 -1.06
N ALA C 206 43.87 -4.81 -0.28
CA ALA C 206 42.67 -5.49 0.20
C ALA C 206 41.87 -4.61 1.14
N GLU C 207 42.54 -3.88 2.03
CA GLU C 207 41.79 -3.01 2.95
C GLU C 207 41.12 -1.87 2.19
N TYR C 208 41.81 -1.23 1.25
CA TYR C 208 41.15 -0.22 0.44
C TYR C 208 39.94 -0.82 -0.29
N THR C 209 40.07 -2.05 -0.78
CA THR C 209 38.97 -2.70 -1.47
C THR C 209 37.79 -2.91 -0.53
N ALA C 210 38.04 -3.40 0.69
CA ALA C 210 36.96 -3.61 1.63
C ALA C 210 36.27 -2.30 2.00
N LYS C 211 37.02 -1.19 2.02
CA LYS C 211 36.44 0.09 2.36
C LYS C 211 35.67 0.69 1.19
N THR C 212 36.11 0.41 -0.04
CA THR C 212 35.52 1.09 -1.18
C THR C 212 34.27 0.41 -1.72
N LEU C 213 34.05 -0.89 -1.41
CA LEU C 213 33.03 -1.65 -2.14
C LEU C 213 31.61 -1.17 -1.84
N ASP C 214 31.36 -0.55 -0.69
CA ASP C 214 30.05 0.07 -0.42
C ASP C 214 30.17 1.57 -0.17
N ASP C 215 31.23 2.20 -0.67
CA ASP C 215 31.40 3.65 -0.58
C ASP C 215 30.59 4.32 -1.68
N PRO C 216 29.57 5.10 -1.36
CA PRO C 216 28.79 5.74 -2.43
C PRO C 216 29.64 6.57 -3.36
N ARG C 217 30.78 7.08 -2.90
CA ARG C 217 31.61 7.94 -3.73
C ARG C 217 32.29 7.20 -4.87
N THR C 218 32.41 5.88 -4.80
CA THR C 218 33.15 5.14 -5.83
C THR C 218 32.25 4.22 -6.64
N ILE C 219 30.93 4.38 -6.59
CA ILE C 219 30.08 3.54 -7.41
C ILE C 219 30.24 3.93 -8.88
N ASN C 220 30.46 2.93 -9.72
CA ASN C 220 30.68 3.12 -11.15
C ASN C 220 31.92 3.95 -11.43
N LYS C 221 32.94 3.82 -10.57
CA LYS C 221 34.19 4.55 -10.75
C LYS C 221 35.34 3.57 -10.82
N THR C 222 36.45 4.05 -11.38
CA THR C 222 37.74 3.41 -11.23
C THR C 222 38.44 4.02 -10.02
N VAL C 223 38.93 3.19 -9.12
CA VAL C 223 39.63 3.68 -7.93
C VAL C 223 41.12 3.33 -8.08
N TYR C 224 41.97 4.34 -8.05
CA TYR C 224 43.41 4.16 -8.15
C TYR C 224 44.05 4.06 -6.77
N VAL C 225 44.82 3.00 -6.57
CA VAL C 225 45.58 2.78 -5.36
C VAL C 225 46.99 3.34 -5.57
N ARG C 226 47.22 4.58 -5.14
CA ARG C 226 48.48 5.27 -5.34
C ARG C 226 48.83 6.05 -4.09
N PRO C 227 49.14 5.35 -2.99
CA PRO C 227 49.49 6.06 -1.75
C PRO C 227 50.72 6.92 -2.00
N THR C 228 50.63 8.20 -1.61
CA THR C 228 51.56 9.22 -2.10
C THR C 228 53.01 8.86 -1.81
N GLU C 229 53.32 8.46 -0.58
CA GLU C 229 54.70 8.18 -0.24
C GLU C 229 55.23 6.88 -0.83
N ASN C 230 54.40 6.09 -1.52
CA ASN C 230 54.83 4.83 -2.12
C ASN C 230 54.99 4.94 -3.63
N VAL C 231 54.93 6.15 -4.17
CA VAL C 231 55.28 6.41 -5.56
C VAL C 231 56.79 6.62 -5.58
N LEU C 232 57.52 5.61 -6.01
CA LEU C 232 58.98 5.57 -5.87
C LEU C 232 59.57 5.09 -7.18
N THR C 233 60.73 5.65 -7.55
CA THR C 233 61.47 5.02 -8.63
C THR C 233 62.19 3.79 -8.09
N GLN C 234 62.60 2.91 -9.01
CA GLN C 234 63.31 1.71 -8.59
C GLN C 234 64.59 2.05 -7.86
N MET C 235 65.30 3.10 -8.31
CA MET C 235 66.52 3.48 -7.60
C MET C 235 66.19 3.98 -6.20
N GLU C 236 65.08 4.72 -6.06
CA GLU C 236 64.63 5.12 -4.73
C GLU C 236 64.34 3.91 -3.85
N LEU C 237 63.68 2.88 -4.38
CA LEU C 237 63.45 1.68 -3.60
C LEU C 237 64.75 1.00 -3.22
N VAL C 238 65.67 0.85 -4.17
CA VAL C 238 66.96 0.27 -3.87
C VAL C 238 67.66 1.06 -2.77
N GLN C 239 67.51 2.39 -2.80
CA GLN C 239 68.17 3.22 -1.82
C GLN C 239 67.54 3.10 -0.44
N ILE C 240 66.23 2.85 -0.38
CA ILE C 240 65.63 2.52 0.91
C ILE C 240 66.29 1.28 1.49
N TRP C 241 66.55 0.28 0.65
CA TRP C 241 67.14 -0.97 1.12
C TRP C 241 68.61 -0.77 1.49
N GLU C 242 69.35 -0.07 0.64
CA GLU C 242 70.75 0.22 0.98
C GLU C 242 70.84 0.97 2.30
N LYS C 243 69.88 1.85 2.59
CA LYS C 243 69.93 2.55 3.86
C LYS C 243 69.65 1.62 5.03
N LEU C 244 68.75 0.65 4.85
CA LEU C 244 68.44 -0.29 5.93
C LEU C 244 69.58 -1.26 6.20
N THR C 245 70.32 -1.65 5.15
CA THR C 245 71.41 -2.60 5.33
C THR C 245 72.76 -1.94 5.57
N GLY C 246 72.95 -0.70 5.11
CA GLY C 246 74.25 -0.07 5.20
C GLY C 246 75.23 -0.51 4.13
N LYS C 247 74.79 -1.31 3.17
CA LYS C 247 75.63 -1.79 2.08
C LYS C 247 75.10 -1.23 0.78
N GLU C 248 76.00 -0.66 -0.02
CA GLU C 248 75.68 -0.31 -1.39
C GLU C 248 75.69 -1.56 -2.23
N LEU C 249 74.70 -1.71 -3.09
CA LEU C 249 74.68 -2.82 -4.02
C LEU C 249 75.35 -2.43 -5.33
N GLU C 250 75.89 -3.44 -6.02
CA GLU C 250 76.49 -3.28 -7.33
C GLU C 250 75.39 -3.24 -8.39
N LYS C 251 75.32 -2.14 -9.14
CA LYS C 251 74.19 -1.85 -10.02
C LYS C 251 74.58 -1.96 -11.49
N THR C 252 73.77 -2.68 -12.25
CA THR C 252 73.93 -2.80 -13.69
C THR C 252 72.67 -2.26 -14.35
N ASN C 253 72.81 -1.23 -15.18
CA ASN C 253 71.68 -0.66 -15.90
C ASN C 253 71.40 -1.46 -17.16
N ILE C 254 70.11 -1.70 -17.43
CA ILE C 254 69.67 -2.42 -18.62
C ILE C 254 68.86 -1.45 -19.49
N SER C 255 69.28 -1.29 -20.74
CA SER C 255 68.61 -0.38 -21.65
C SER C 255 67.30 -1.01 -22.14
N ALA C 256 66.42 -0.16 -22.67
CA ALA C 256 65.15 -0.64 -23.19
C ALA C 256 65.38 -1.66 -24.30
N ASN C 257 66.38 -1.43 -25.16
CA ASN C 257 66.61 -2.33 -26.28
C ASN C 257 67.12 -3.68 -25.78
N ASP C 258 68.10 -3.65 -24.87
CA ASP C 258 68.58 -4.91 -24.29
C ASP C 258 67.48 -5.64 -23.55
N PHE C 259 66.58 -4.91 -22.89
CA PHE C 259 65.43 -5.56 -22.26
C PHE C 259 64.53 -6.20 -23.31
N LEU C 260 64.47 -5.64 -24.51
CA LEU C 260 63.63 -6.21 -25.57
C LEU C 260 64.45 -6.93 -26.64
N GLN C 271 59.59 -15.68 -22.00
CA GLN C 271 59.59 -15.71 -20.53
C GLN C 271 58.39 -14.96 -19.94
N ALA C 272 57.83 -15.55 -18.90
CA ALA C 272 56.79 -14.93 -18.09
C ALA C 272 57.18 -13.52 -17.65
N GLY C 273 56.35 -12.52 -17.96
CA GLY C 273 56.34 -11.28 -17.24
C GLY C 273 57.03 -10.10 -17.89
N LEU C 274 58.02 -10.32 -18.77
CA LEU C 274 58.60 -9.20 -19.51
C LEU C 274 57.50 -8.56 -20.32
N GLY C 275 57.47 -7.23 -20.32
CA GLY C 275 56.32 -6.58 -20.97
C GLY C 275 55.11 -6.44 -20.10
N HIS C 276 55.15 -6.84 -18.84
CA HIS C 276 54.60 -6.15 -17.70
C HIS C 276 55.66 -5.25 -17.07
N PHE C 277 56.81 -5.86 -16.79
CA PHE C 277 57.96 -5.11 -16.31
C PHE C 277 58.32 -3.98 -17.26
N TYR C 278 58.26 -4.23 -18.57
CA TYR C 278 58.57 -3.16 -19.52
C TYR C 278 57.62 -1.98 -19.35
N HIS C 279 56.30 -2.24 -19.41
CA HIS C 279 55.34 -1.16 -19.25
C HIS C 279 55.56 -0.41 -17.94
N ILE C 280 55.83 -1.14 -16.86
CA ILE C 280 55.93 -0.51 -15.55
C ILE C 280 57.22 0.30 -15.44
N PHE C 281 58.36 -0.34 -15.70
CA PHE C 281 59.64 0.25 -15.38
C PHE C 281 60.26 1.06 -16.52
N TYR C 282 59.84 0.85 -17.76
CA TYR C 282 60.36 1.65 -18.87
C TYR C 282 59.36 2.68 -19.35
N GLU C 283 58.10 2.28 -19.58
CA GLU C 283 57.06 3.23 -19.96
C GLU C 283 56.46 4.00 -18.79
N GLY C 284 56.59 3.48 -17.57
CA GLY C 284 56.01 4.16 -16.43
C GLY C 284 54.50 4.22 -16.48
N CYS C 285 53.86 3.13 -16.92
CA CYS C 285 52.41 3.12 -17.10
C CYS C 285 51.63 3.35 -15.81
N LEU C 286 52.25 3.14 -14.64
CA LEU C 286 51.51 3.33 -13.40
C LEU C 286 51.46 4.79 -12.95
N THR C 287 52.29 5.66 -13.53
CA THR C 287 52.44 7.02 -13.04
C THR C 287 52.41 8.08 -14.13
N ASP C 288 52.11 7.72 -15.38
CA ASP C 288 52.11 8.68 -16.48
C ASP C 288 50.80 9.46 -16.61
N HIS C 289 50.00 9.51 -15.56
CA HIS C 289 48.76 10.26 -15.55
C HIS C 289 48.50 10.69 -14.13
N GLU C 290 47.85 11.83 -13.96
CA GLU C 290 47.44 12.28 -12.64
C GLU C 290 46.15 11.58 -12.23
N VAL C 291 45.93 11.49 -10.92
CA VAL C 291 44.69 10.94 -10.38
C VAL C 291 44.14 11.91 -9.35
N GLY C 292 42.84 12.20 -9.45
CA GLY C 292 42.22 13.08 -8.47
C GLY C 292 42.07 12.44 -7.11
N ASP C 293 41.99 13.30 -6.10
CA ASP C 293 41.79 12.85 -4.74
C ASP C 293 40.49 12.08 -4.59
N ASP C 294 39.46 12.41 -5.37
CA ASP C 294 38.17 11.74 -5.27
C ASP C 294 38.18 10.36 -5.90
N GLU C 295 39.29 9.97 -6.51
CA GLU C 295 39.43 8.65 -7.13
C GLU C 295 40.69 7.93 -6.67
N GLU C 296 41.37 8.41 -5.63
CA GLU C 296 42.61 7.79 -5.18
C GLU C 296 42.41 7.24 -3.77
N ALA C 297 42.72 5.96 -3.60
CA ALA C 297 42.31 5.26 -2.39
C ALA C 297 42.87 5.91 -1.14
N SER C 298 44.15 6.32 -1.16
CA SER C 298 44.71 6.80 0.08
C SER C 298 44.12 8.14 0.48
N LYS C 299 43.59 8.90 -0.48
CA LYS C 299 42.86 10.11 -0.13
C LYS C 299 41.42 9.81 0.24
N LEU C 300 40.78 8.91 -0.50
CA LEU C 300 39.43 8.47 -0.14
C LEU C 300 39.39 7.87 1.26
N TYR C 301 40.45 7.16 1.66
CA TYR C 301 40.46 6.42 2.94
C TYR C 301 41.72 6.78 3.71
N PRO C 302 41.78 7.98 4.29
CA PRO C 302 43.01 8.44 4.93
C PRO C 302 43.29 7.78 6.27
N ASP C 303 42.32 7.09 6.85
CA ASP C 303 42.55 6.39 8.10
C ASP C 303 43.34 5.11 7.90
N VAL C 304 43.44 4.63 6.66
CA VAL C 304 44.27 3.47 6.36
C VAL C 304 45.73 3.93 6.38
N LYS C 305 46.48 3.49 7.39
CA LYS C 305 47.89 3.86 7.51
C LYS C 305 48.69 2.85 6.72
N TYR C 306 48.81 3.11 5.43
CA TYR C 306 49.41 2.13 4.54
C TYR C 306 50.89 1.94 4.88
N THR C 307 51.37 0.73 4.60
CA THR C 307 52.75 0.36 4.89
C THR C 307 53.68 1.07 3.92
N ARG C 308 54.60 1.87 4.45
CA ARG C 308 55.61 2.45 3.59
C ARG C 308 56.68 1.40 3.31
N MET C 309 57.43 1.60 2.23
CA MET C 309 58.32 0.53 1.79
C MET C 309 59.52 0.35 2.71
N ASP C 310 59.93 1.38 3.46
CA ASP C 310 61.00 1.14 4.42
C ASP C 310 60.55 0.16 5.50
N GLU C 311 59.30 0.27 5.96
CA GLU C 311 58.79 -0.71 6.89
C GLU C 311 58.57 -2.07 6.22
N TYR C 312 57.97 -2.08 5.03
CA TYR C 312 57.75 -3.34 4.33
C TYR C 312 59.04 -4.16 4.22
N LEU C 313 60.15 -3.50 3.85
CA LEU C 313 61.39 -4.23 3.63
C LEU C 313 62.02 -4.75 4.92
N LYS C 314 61.66 -4.22 6.09
CA LYS C 314 62.36 -4.61 7.32
C LYS C 314 62.26 -6.10 7.60
N ILE C 315 61.21 -6.77 7.13
CA ILE C 315 61.05 -8.18 7.40
C ILE C 315 62.20 -9.00 6.79
N PHE C 316 62.85 -8.45 5.76
CA PHE C 316 63.89 -9.20 5.09
C PHE C 316 65.27 -9.05 5.73
N LEU C 317 65.44 -8.14 6.68
CA LEU C 317 66.75 -7.86 7.25
C LEU C 317 67.26 -9.04 8.05
N SER D 6 -3.73 13.60 36.30
CA SER D 6 -4.42 12.33 36.58
C SER D 6 -5.94 12.53 36.54
N GLY D 7 -6.46 13.37 37.45
CA GLY D 7 -7.85 13.79 37.36
C GLY D 7 -8.11 14.86 36.32
N GLU D 8 -7.04 15.48 35.82
CA GLU D 8 -7.13 16.47 34.75
C GLU D 8 -6.99 15.85 33.37
N LYS D 9 -6.78 14.53 33.29
CA LYS D 9 -6.76 13.87 32.00
C LYS D 9 -8.15 13.88 31.39
N THR D 10 -8.22 14.15 30.09
CA THR D 10 -9.43 13.83 29.37
C THR D 10 -9.61 12.31 29.38
N ARG D 11 -10.84 11.86 29.56
CA ARG D 11 -11.15 10.44 29.46
C ARG D 11 -11.77 10.21 28.08
N VAL D 12 -11.22 9.25 27.34
CA VAL D 12 -11.64 8.98 25.97
C VAL D 12 -12.08 7.53 25.88
N LEU D 13 -13.27 7.31 25.32
CA LEU D 13 -13.72 5.98 24.93
C LEU D 13 -13.54 5.81 23.42
N VAL D 14 -12.78 4.81 23.02
CA VAL D 14 -12.58 4.50 21.61
C VAL D 14 -13.51 3.36 21.24
N VAL D 15 -14.30 3.57 20.19
CA VAL D 15 -15.26 2.59 19.70
C VAL D 15 -14.76 2.08 18.35
N GLY D 16 -14.64 0.76 18.22
CA GLY D 16 -13.98 0.22 17.04
C GLY D 16 -12.49 0.07 17.25
N GLY D 17 -12.08 -0.29 18.47
CA GLY D 17 -10.69 -0.20 18.86
C GLY D 17 -9.78 -1.31 18.34
N THR D 18 -10.35 -2.39 17.79
CA THR D 18 -9.50 -3.37 17.14
C THR D 18 -9.46 -3.19 15.61
N GLY D 19 -10.11 -2.15 15.09
CA GLY D 19 -10.00 -1.80 13.70
C GLY D 19 -8.65 -1.24 13.33
N THR D 20 -8.46 -1.03 12.02
CA THR D 20 -7.18 -0.52 11.53
C THR D 20 -6.89 0.87 12.09
N MET D 21 -7.84 1.79 11.97
CA MET D 21 -7.61 3.12 12.52
C MET D 21 -7.90 3.12 14.02
N GLY D 22 -8.86 2.30 14.47
CA GLY D 22 -9.20 2.27 15.88
C GLY D 22 -8.01 1.91 16.76
N ARG D 23 -7.27 0.88 16.36
CA ARG D 23 -6.14 0.43 17.18
C ARG D 23 -5.08 1.53 17.32
N ARG D 24 -4.84 2.29 16.26
CA ARG D 24 -3.89 3.38 16.34
C ARG D 24 -4.43 4.56 17.15
N ILE D 25 -5.75 4.79 17.11
CA ILE D 25 -6.32 5.82 17.97
C ILE D 25 -6.18 5.45 19.43
N VAL D 26 -6.40 4.16 19.76
CA VAL D 26 -6.17 3.72 21.14
C VAL D 26 -4.76 4.09 21.58
N ARG D 27 -3.77 3.69 20.78
CA ARG D 27 -2.39 3.92 21.20
C ARG D 27 -2.04 5.39 21.19
N ALA D 28 -2.59 6.15 20.25
CA ALA D 28 -2.29 7.58 20.19
C ALA D 28 -2.88 8.31 21.39
N CYS D 29 -4.09 7.94 21.80
CA CYS D 29 -4.68 8.54 23.00
C CYS D 29 -3.85 8.25 24.25
N LEU D 30 -3.41 6.99 24.41
CA LEU D 30 -2.52 6.65 25.50
C LEU D 30 -1.24 7.48 25.46
N ALA D 31 -0.63 7.60 24.27
CA ALA D 31 0.59 8.38 24.18
C ALA D 31 0.35 9.86 24.46
N GLU D 32 -0.89 10.35 24.29
CA GLU D 32 -1.15 11.74 24.64
C GLU D 32 -1.34 11.97 26.13
N GLY D 33 -1.46 10.90 26.92
CA GLY D 33 -1.79 11.02 28.32
C GLY D 33 -3.27 10.92 28.64
N HIS D 34 -4.12 10.60 27.68
CA HIS D 34 -5.52 10.47 28.00
C HIS D 34 -5.76 9.19 28.79
N GLU D 35 -6.74 9.24 29.67
CA GLU D 35 -7.24 8.03 30.29
C GLU D 35 -8.14 7.34 29.27
N THR D 36 -7.70 6.19 28.79
CA THR D 36 -8.20 5.64 27.53
C THR D 36 -9.02 4.37 27.79
N TYR D 37 -10.27 4.37 27.34
CA TYR D 37 -11.17 3.23 27.45
C TYR D 37 -11.48 2.71 26.04
N VAL D 38 -11.64 1.40 25.93
CA VAL D 38 -11.91 0.73 24.67
C VAL D 38 -13.19 -0.06 24.81
N LEU D 39 -14.14 0.18 23.90
CA LEU D 39 -15.37 -0.60 23.89
C LEU D 39 -15.07 -2.05 23.56
N GLN D 40 -15.49 -2.96 24.42
CA GLN D 40 -15.30 -4.40 24.24
C GLN D 40 -16.66 -5.02 23.93
N GLN D 41 -16.88 -5.36 22.66
CA GLN D 41 -18.13 -5.95 22.25
C GLN D 41 -18.11 -7.45 22.51
N PRO D 42 -19.28 -8.07 22.65
CA PRO D 42 -19.31 -9.52 22.80
C PRO D 42 -18.62 -10.19 21.64
N GLU D 43 -17.96 -11.32 21.94
CA GLU D 43 -17.38 -12.14 20.89
C GLU D 43 -18.47 -12.68 19.98
N THR D 44 -18.24 -12.63 18.68
CA THR D 44 -19.15 -13.25 17.72
C THR D 44 -18.64 -14.61 17.22
N ARG D 45 -17.40 -14.96 17.56
CA ARG D 45 -16.73 -16.18 17.13
C ARG D 45 -15.46 -16.30 17.96
N VAL D 46 -14.75 -17.41 17.82
CA VAL D 46 -13.41 -17.55 18.37
C VAL D 46 -12.47 -16.75 17.47
N ASP D 47 -11.81 -15.75 18.03
CA ASP D 47 -11.05 -14.77 17.23
C ASP D 47 -9.84 -14.36 18.06
N ILE D 48 -8.78 -15.16 17.98
CA ILE D 48 -7.66 -14.91 18.87
C ILE D 48 -6.98 -13.58 18.57
N GLU D 49 -6.93 -13.16 17.30
CA GLU D 49 -6.28 -11.91 16.94
C GLU D 49 -6.96 -10.74 17.63
N LYS D 50 -8.29 -10.73 17.58
CA LYS D 50 -9.05 -9.63 18.14
C LYS D 50 -8.94 -9.59 19.66
N VAL D 51 -9.01 -10.76 20.31
CA VAL D 51 -8.97 -10.79 21.76
C VAL D 51 -7.59 -10.38 22.25
N GLN D 52 -6.55 -10.86 21.61
CA GLN D 52 -5.22 -10.50 22.08
C GLN D 52 -4.93 -9.03 21.83
N LEU D 53 -5.40 -8.46 20.72
CA LEU D 53 -5.26 -7.02 20.53
C LEU D 53 -5.94 -6.25 21.67
N LEU D 54 -7.21 -6.56 21.94
CA LEU D 54 -7.95 -5.88 23.00
C LEU D 54 -7.21 -5.92 24.32
N TYR D 55 -6.82 -7.12 24.76
CA TYR D 55 -6.16 -7.20 26.05
C TYR D 55 -4.76 -6.60 26.02
N SER D 56 -4.10 -6.55 24.87
CA SER D 56 -2.81 -5.88 24.84
C SER D 56 -2.94 -4.40 25.20
N TYR D 57 -4.12 -3.80 25.03
CA TYR D 57 -4.27 -2.40 25.44
C TYR D 57 -4.21 -2.25 26.95
N LYS D 58 -4.63 -3.27 27.69
CA LYS D 58 -4.60 -3.18 29.15
C LYS D 58 -3.18 -3.05 29.65
N ARG D 59 -2.25 -3.81 29.07
CA ARG D 59 -0.85 -3.70 29.47
C ARG D 59 -0.30 -2.31 29.25
N LEU D 60 -0.82 -1.60 28.24
CA LEU D 60 -0.38 -0.24 28.02
C LEU D 60 -1.09 0.76 28.91
N GLY D 61 -2.04 0.32 29.72
CA GLY D 61 -2.76 1.23 30.58
C GLY D 61 -4.13 1.67 30.14
N ALA D 62 -4.73 1.01 29.15
CA ALA D 62 -6.12 1.25 28.81
C ALA D 62 -7.05 0.40 29.68
N ARG D 63 -8.30 0.82 29.77
CA ARG D 63 -9.36 0.02 30.36
C ARG D 63 -10.31 -0.44 29.27
N LEU D 64 -10.85 -1.64 29.47
CA LEU D 64 -11.89 -2.20 28.64
C LEU D 64 -13.23 -1.98 29.32
N ILE D 65 -14.23 -1.57 28.53
CA ILE D 65 -15.61 -1.49 29.00
C ILE D 65 -16.45 -2.39 28.11
N GLU D 66 -17.05 -3.41 28.71
CA GLU D 66 -17.93 -4.34 28.01
C GLU D 66 -19.27 -3.67 27.74
N ALA D 67 -19.73 -3.77 26.50
CA ALA D 67 -20.99 -3.18 26.08
C ALA D 67 -21.37 -3.79 24.74
N SER D 68 -22.62 -3.60 24.37
CA SER D 68 -23.17 -4.16 23.15
C SER D 68 -24.06 -3.13 22.49
N PHE D 69 -23.93 -3.01 21.17
CA PHE D 69 -24.76 -2.08 20.42
C PHE D 69 -26.23 -2.46 20.44
N SER D 70 -26.53 -3.73 20.76
CA SER D 70 -27.91 -4.18 20.95
C SER D 70 -28.44 -3.86 22.34
N ASP D 71 -27.60 -3.38 23.25
CA ASP D 71 -27.96 -3.16 24.65
C ASP D 71 -27.79 -1.68 24.93
N HIS D 72 -28.88 -0.93 24.79
CA HIS D 72 -28.81 0.53 24.91
C HIS D 72 -28.25 0.96 26.25
N GLN D 73 -28.66 0.29 27.33
CA GLN D 73 -28.19 0.69 28.65
C GLN D 73 -26.70 0.42 28.82
N SER D 74 -26.20 -0.66 28.21
CA SER D 74 -24.76 -0.90 28.25
C SER D 74 -24.00 0.25 27.58
N LEU D 75 -24.54 0.77 26.47
CA LEU D 75 -23.88 1.91 25.81
C LEU D 75 -23.92 3.15 26.68
N VAL D 76 -25.07 3.42 27.30
CA VAL D 76 -25.18 4.58 28.19
C VAL D 76 -24.17 4.47 29.33
N SER D 77 -24.09 3.30 29.95
CA SER D 77 -23.17 3.15 31.08
C SER D 77 -21.72 3.35 30.64
N ALA D 78 -21.38 2.96 29.41
CA ALA D 78 -19.99 3.13 28.96
C ALA D 78 -19.66 4.60 28.68
N VAL D 79 -20.56 5.33 28.02
CA VAL D 79 -20.23 6.72 27.74
C VAL D 79 -20.29 7.57 29.01
N LYS D 80 -21.01 7.15 30.05
CA LYS D 80 -21.02 7.95 31.28
C LYS D 80 -19.66 7.99 31.96
N GLN D 81 -18.77 7.06 31.65
CA GLN D 81 -17.48 7.01 32.32
C GLN D 81 -16.41 7.83 31.63
N VAL D 82 -16.74 8.59 30.60
CA VAL D 82 -15.72 9.29 29.84
C VAL D 82 -16.22 10.69 29.49
N ASP D 83 -15.29 11.50 28.99
CA ASP D 83 -15.56 12.84 28.52
C ASP D 83 -15.73 12.91 27.01
N ILE D 84 -15.10 12.01 26.26
CA ILE D 84 -15.00 12.11 24.82
C ILE D 84 -15.12 10.72 24.22
N VAL D 85 -15.82 10.62 23.10
CA VAL D 85 -15.99 9.37 22.37
C VAL D 85 -15.42 9.56 20.96
N VAL D 86 -14.56 8.63 20.54
CA VAL D 86 -14.10 8.53 19.16
C VAL D 86 -14.54 7.18 18.62
N ALA D 87 -15.22 7.17 17.48
CA ALA D 87 -15.58 5.92 16.81
C ALA D 87 -14.79 5.80 15.51
N ALA D 88 -14.33 4.58 15.22
CA ALA D 88 -13.58 4.26 14.01
C ALA D 88 -13.97 2.86 13.53
N MET D 89 -15.14 2.71 12.95
CA MET D 89 -15.60 1.41 12.47
C MET D 89 -15.59 1.35 10.96
N SER D 90 -15.59 0.13 10.43
CA SER D 90 -15.43 -0.06 8.99
C SER D 90 -16.46 0.76 8.23
N GLY D 91 -16.09 1.15 7.01
CA GLY D 91 -17.00 1.89 6.14
C GLY D 91 -18.33 1.20 5.88
N HIS D 97 -23.86 -2.44 7.72
CA HIS D 97 -24.36 -1.98 9.04
C HIS D 97 -23.41 -0.99 9.71
N SER D 98 -22.14 -0.99 9.29
CA SER D 98 -21.07 -0.56 10.19
C SER D 98 -21.20 0.91 10.57
N ILE D 99 -21.37 1.79 9.59
CA ILE D 99 -21.45 3.20 9.90
C ILE D 99 -22.71 3.51 10.72
N LEU D 100 -23.87 2.98 10.31
CA LEU D 100 -25.12 3.40 10.91
C LEU D 100 -25.31 2.85 12.33
N VAL D 101 -24.49 1.90 12.77
CA VAL D 101 -24.57 1.48 14.16
C VAL D 101 -24.22 2.63 15.10
N GLN D 102 -23.57 3.68 14.60
CA GLN D 102 -23.28 4.83 15.45
C GLN D 102 -24.54 5.59 15.84
N LEU D 103 -25.65 5.41 15.13
CA LEU D 103 -26.90 6.05 15.55
C LEU D 103 -27.27 5.61 16.97
N LYS D 104 -27.16 4.30 17.24
CA LYS D 104 -27.40 3.83 18.60
C LYS D 104 -26.40 4.44 19.56
N LEU D 105 -25.17 4.69 19.11
CA LEU D 105 -24.20 5.37 19.95
C LEU D 105 -24.62 6.82 20.20
N VAL D 106 -25.13 7.50 19.18
CA VAL D 106 -25.60 8.88 19.35
C VAL D 106 -26.74 8.92 20.36
N GLU D 107 -27.69 7.99 20.25
CA GLU D 107 -28.79 7.93 21.21
C GLU D 107 -28.27 7.80 22.64
N ALA D 108 -27.32 6.90 22.87
CA ALA D 108 -26.78 6.71 24.22
C ALA D 108 -26.07 7.98 24.71
N ILE D 109 -25.31 8.64 23.85
CA ILE D 109 -24.56 9.82 24.28
C ILE D 109 -25.54 10.93 24.69
N LYS D 110 -26.63 11.07 23.93
CA LYS D 110 -27.65 12.06 24.21
C LYS D 110 -28.29 11.80 25.57
N GLU D 111 -28.58 10.54 25.89
CA GLU D 111 -29.19 10.23 27.17
C GLU D 111 -28.20 10.41 28.32
N ALA D 112 -26.94 10.08 28.09
CA ALA D 112 -25.92 10.19 29.14
C ALA D 112 -25.71 11.64 29.56
N GLY D 113 -25.60 12.55 28.58
CA GLY D 113 -25.53 13.96 28.85
C GLY D 113 -24.17 14.51 29.18
N ASN D 114 -23.21 13.67 29.55
CA ASN D 114 -21.93 14.14 30.06
C ASN D 114 -20.86 14.29 28.99
N ILE D 115 -21.15 13.98 27.72
CA ILE D 115 -20.10 13.88 26.71
C ILE D 115 -19.74 15.27 26.18
N LYS D 116 -18.47 15.63 26.25
CA LYS D 116 -18.02 16.93 25.74
C LYS D 116 -17.71 16.95 24.25
N ARG D 117 -17.48 15.80 23.61
CA ARG D 117 -17.27 15.78 22.17
C ARG D 117 -17.38 14.35 21.65
N PHE D 118 -17.90 14.22 20.44
CA PHE D 118 -18.01 12.95 19.74
C PHE D 118 -17.33 13.09 18.39
N LEU D 119 -16.32 12.26 18.13
CA LEU D 119 -15.69 12.20 16.82
C LEU D 119 -16.17 10.94 16.12
N PRO D 120 -17.09 11.05 15.18
CA PRO D 120 -17.64 9.84 14.52
C PRO D 120 -16.62 9.30 13.52
N SER D 121 -17.00 8.16 12.92
CA SER D 121 -16.09 7.42 12.05
C SER D 121 -16.04 8.10 10.69
N GLU D 122 -15.04 8.97 10.53
CA GLU D 122 -14.87 9.73 9.30
C GLU D 122 -13.55 9.26 8.63
N PHE D 123 -12.47 10.05 8.81
CA PHE D 123 -11.09 9.61 8.52
C PHE D 123 -10.87 9.29 7.04
N GLY D 124 -11.63 9.93 6.16
CA GLY D 124 -11.43 9.78 4.72
C GLY D 124 -11.97 10.98 3.97
N MET D 125 -12.44 10.73 2.76
CA MET D 125 -13.09 11.78 1.99
C MET D 125 -14.17 12.46 2.81
N ASP D 126 -14.24 13.77 2.72
CA ASP D 126 -15.33 14.50 3.35
C ASP D 126 -16.64 14.13 2.65
N PRO D 127 -17.55 13.41 3.30
CA PRO D 127 -18.78 13.00 2.61
C PRO D 127 -19.72 14.15 2.32
N SER D 128 -19.60 15.27 3.03
CA SER D 128 -20.34 16.47 2.65
C SER D 128 -19.82 17.05 1.34
N ARG D 129 -18.64 16.60 0.91
CA ARG D 129 -18.09 16.81 -0.43
C ARG D 129 -17.42 18.17 -0.55
N ASP D 142 -25.24 9.36 1.99
CA ASP D 142 -24.21 8.62 2.72
C ASP D 142 -24.68 8.30 4.12
N GLN D 143 -24.29 7.13 4.60
CA GLN D 143 -24.51 6.80 6.00
C GLN D 143 -23.75 7.76 6.91
N LYS D 144 -22.57 8.22 6.50
CA LYS D 144 -21.80 9.14 7.33
C LYS D 144 -22.52 10.48 7.48
N LEU D 145 -23.16 10.97 6.42
CA LEU D 145 -23.98 12.17 6.53
C LEU D 145 -25.16 11.95 7.46
N GLU D 146 -25.80 10.78 7.36
CA GLU D 146 -26.89 10.49 8.28
C GLU D 146 -26.41 10.55 9.72
N VAL D 147 -25.20 10.05 10.00
CA VAL D 147 -24.70 10.08 11.37
C VAL D 147 -24.40 11.51 11.79
N ARG D 148 -23.84 12.33 10.89
CA ARG D 148 -23.61 13.73 11.19
C ARG D 148 -24.92 14.44 11.55
N ASN D 149 -25.99 14.19 10.80
CA ASN D 149 -27.24 14.88 11.07
C ASN D 149 -27.77 14.52 12.45
N ALA D 150 -27.72 13.24 12.82
CA ALA D 150 -28.21 12.83 14.13
C ALA D 150 -27.33 13.42 15.24
N ILE D 151 -26.02 13.48 15.04
CA ILE D 151 -25.14 14.08 16.04
C ILE D 151 -25.54 15.52 16.30
N GLU D 152 -25.63 16.31 15.22
CA GLU D 152 -25.92 17.74 15.36
C GLU D 152 -27.35 17.96 15.86
N ALA D 153 -28.33 17.23 15.30
CA ALA D 153 -29.68 17.30 15.83
C ALA D 153 -29.71 17.06 17.33
N ALA D 154 -28.95 16.07 17.81
CA ALA D 154 -28.91 15.81 19.24
C ALA D 154 -28.13 16.87 20.00
N GLY D 155 -27.54 17.84 19.31
CA GLY D 155 -26.75 18.84 20.01
C GLY D 155 -25.46 18.33 20.62
N ILE D 156 -24.95 17.20 20.16
CA ILE D 156 -23.68 16.68 20.68
C ILE D 156 -22.53 17.41 19.99
N PRO D 157 -21.59 17.99 20.72
CA PRO D 157 -20.46 18.65 20.06
C PRO D 157 -19.58 17.63 19.35
N HIS D 158 -18.94 18.06 18.25
CA HIS D 158 -18.34 17.11 17.32
C HIS D 158 -17.04 17.66 16.73
N THR D 159 -16.22 16.73 16.22
CA THR D 159 -15.14 17.05 15.30
C THR D 159 -15.12 15.99 14.22
N TYR D 160 -15.04 16.42 12.96
CA TYR D 160 -14.97 15.53 11.80
C TYR D 160 -13.55 15.57 11.25
N VAL D 161 -12.84 14.44 11.32
CA VAL D 161 -11.47 14.35 10.83
C VAL D 161 -11.51 13.79 9.42
N VAL D 162 -11.15 14.61 8.42
CA VAL D 162 -11.32 14.24 7.03
C VAL D 162 -10.06 14.55 6.24
N GLY D 163 -10.03 14.07 5.00
CA GLY D 163 -9.25 14.70 3.96
C GLY D 163 -7.97 14.00 3.52
N ALA D 164 -7.75 12.75 3.94
CA ALA D 164 -6.48 12.09 3.64
C ALA D 164 -6.71 10.64 3.22
N CYS D 165 -5.85 10.17 2.30
CA CYS D 165 -5.69 8.76 1.98
C CYS D 165 -4.75 8.09 2.98
N PHE D 166 -5.17 6.95 3.53
CA PHE D 166 -4.27 6.14 4.33
C PHE D 166 -3.07 5.74 3.50
N ALA D 167 -1.87 5.96 4.02
CA ALA D 167 -0.69 5.60 3.26
C ALA D 167 -0.66 4.11 2.95
N ALA D 168 -1.14 3.27 3.87
CA ALA D 168 -1.07 1.83 3.66
C ALA D 168 -1.92 1.38 2.47
N TYR D 169 -3.04 2.05 2.23
CA TYR D 169 -3.91 1.70 1.12
C TYR D 169 -3.57 2.41 -0.18
N PHE D 170 -2.83 3.52 -0.16
CA PHE D 170 -2.62 4.28 -1.38
C PHE D 170 -1.16 4.63 -1.68
N ALA D 171 -0.28 4.62 -0.70
CA ALA D 171 1.10 5.01 -0.93
C ALA D 171 2.00 3.81 -1.13
N GLY D 172 1.90 2.81 -0.25
CA GLY D 172 2.81 1.68 -0.32
C GLY D 172 2.67 0.85 -1.57
N ASN D 173 1.52 0.94 -2.24
CA ASN D 173 1.29 0.24 -3.50
C ASN D 173 1.45 1.17 -4.70
N LEU D 174 1.98 2.39 -4.50
CA LEU D 174 2.02 3.41 -5.55
C LEU D 174 0.63 3.62 -6.12
N SER D 175 -0.38 3.48 -5.27
CA SER D 175 -1.78 3.68 -5.63
C SER D 175 -2.31 2.64 -6.60
N GLN D 176 -1.66 1.48 -6.70
CA GLN D 176 -2.18 0.38 -7.51
C GLN D 176 -3.24 -0.40 -6.73
N MET D 177 -4.34 -0.70 -7.40
CA MET D 177 -5.40 -1.47 -6.78
C MET D 177 -4.99 -2.94 -6.63
N GLY D 178 -5.59 -3.61 -5.66
CA GLY D 178 -5.43 -5.04 -5.50
C GLY D 178 -4.15 -5.48 -4.83
N THR D 179 -3.31 -4.55 -4.38
CA THR D 179 -2.06 -4.90 -3.74
C THR D 179 -1.70 -3.79 -2.76
N LEU D 180 -0.85 -4.12 -1.80
CA LEU D 180 -0.41 -3.18 -0.79
C LEU D 180 1.09 -2.96 -0.80
N ILE D 181 1.79 -3.46 -1.82
CA ILE D 181 3.24 -3.32 -1.88
C ILE D 181 3.62 -2.78 -3.25
N PRO D 182 4.81 -2.21 -3.38
CA PRO D 182 5.19 -1.59 -4.65
C PRO D 182 5.30 -2.61 -5.76
N PRO D 183 4.91 -2.25 -6.98
CA PRO D 183 5.05 -3.17 -8.10
C PRO D 183 6.50 -3.27 -8.55
N LYS D 184 6.82 -4.38 -9.21
CA LYS D 184 8.22 -4.65 -9.53
C LYS D 184 8.69 -4.04 -10.85
N LYS D 185 7.83 -4.00 -11.88
CA LYS D 185 8.30 -3.48 -13.17
C LYS D 185 7.40 -2.42 -13.78
N LYS D 186 6.08 -2.62 -13.76
CA LYS D 186 5.11 -1.75 -14.39
C LYS D 186 4.24 -1.09 -13.33
N VAL D 187 3.72 0.09 -13.63
CA VAL D 187 2.74 0.76 -12.79
C VAL D 187 1.69 1.40 -13.68
N ASN D 188 0.42 1.26 -13.30
CA ASN D 188 -0.64 2.02 -13.96
C ASN D 188 -0.74 3.42 -13.38
N ILE D 189 -0.72 4.42 -14.26
CA ILE D 189 -0.90 5.83 -13.93
C ILE D 189 -2.32 6.23 -14.29
N TYR D 190 -3.03 6.85 -13.35
CA TYR D 190 -4.42 7.23 -13.58
C TYR D 190 -4.45 8.57 -14.29
N GLY D 191 -5.04 8.61 -15.48
CA GLY D 191 -4.96 9.82 -16.27
C GLY D 191 -3.51 10.18 -16.50
N ASP D 192 -3.21 11.47 -16.47
CA ASP D 192 -1.83 11.89 -16.55
C ASP D 192 -1.08 11.75 -15.23
N GLY D 193 -1.75 11.32 -14.16
CA GLY D 193 -1.07 11.26 -12.87
C GLY D 193 -0.57 12.59 -12.38
N ASN D 194 -1.29 13.68 -12.69
CA ASN D 194 -0.94 15.02 -12.25
C ASN D 194 -2.04 15.63 -11.37
N VAL D 195 -2.91 14.80 -10.84
CA VAL D 195 -3.95 15.22 -9.91
C VAL D 195 -3.42 15.06 -8.48
N LYS D 196 -3.43 16.14 -7.72
CA LYS D 196 -2.91 16.13 -6.35
C LYS D 196 -3.75 15.26 -5.44
N VAL D 197 -3.08 14.41 -4.67
CA VAL D 197 -3.68 13.52 -3.70
C VAL D 197 -3.00 13.76 -2.36
N VAL D 198 -3.66 13.34 -1.28
CA VAL D 198 -3.15 13.58 0.07
C VAL D 198 -2.82 12.23 0.73
N TYR D 199 -1.54 11.94 0.88
CA TYR D 199 -1.04 10.67 1.37
C TYR D 199 -0.54 10.83 2.80
N VAL D 200 -1.18 10.15 3.76
CA VAL D 200 -0.82 10.33 5.17
C VAL D 200 -0.68 8.99 5.88
N ASP D 201 0.45 8.81 6.55
CA ASP D 201 0.63 7.73 7.49
C ASP D 201 -0.56 7.61 8.44
N GLU D 202 -1.12 6.42 8.53
CA GLU D 202 -2.23 6.15 9.45
C GLU D 202 -1.89 6.58 10.89
N ASP D 203 -0.65 6.34 11.32
CA ASP D 203 -0.23 6.74 12.67
C ASP D 203 -0.37 8.24 12.87
N ASP D 204 -0.07 9.03 11.83
CA ASP D 204 -0.20 10.48 11.97
C ASP D 204 -1.65 10.91 12.02
N ILE D 205 -2.51 10.26 11.23
CA ILE D 205 -3.93 10.59 11.33
C ILE D 205 -4.43 10.34 12.75
N ALA D 206 -4.01 9.22 13.35
CA ALA D 206 -4.43 8.90 14.71
C ALA D 206 -3.85 9.89 15.72
N GLU D 207 -2.57 10.28 15.55
CA GLU D 207 -2.00 11.23 16.50
C GLU D 207 -2.65 12.60 16.36
N TYR D 208 -2.92 13.04 15.13
CA TYR D 208 -3.70 14.26 14.95
C TYR D 208 -5.06 14.15 15.63
N THR D 209 -5.70 13.00 15.50
CA THR D 209 -6.99 12.79 16.14
C THR D 209 -6.87 12.87 17.66
N ALA D 210 -5.81 12.24 18.22
CA ALA D 210 -5.64 12.27 19.66
C ALA D 210 -5.41 13.69 20.16
N LYS D 211 -4.74 14.53 19.37
CA LYS D 211 -4.46 15.90 19.77
C LYS D 211 -5.65 16.82 19.59
N THR D 212 -6.52 16.54 18.63
CA THR D 212 -7.60 17.46 18.32
C THR D 212 -8.86 17.22 19.14
N LEU D 213 -9.02 16.04 19.74
CA LEU D 213 -10.32 15.68 20.31
C LEU D 213 -10.69 16.53 21.52
N ASP D 214 -9.72 17.11 22.22
CA ASP D 214 -10.01 18.05 23.30
C ASP D 214 -9.38 19.42 23.04
N ASP D 215 -9.20 19.77 21.76
CA ASP D 215 -8.67 21.08 21.38
C ASP D 215 -9.81 22.08 21.26
N PRO D 216 -9.82 23.16 22.03
CA PRO D 216 -10.93 24.13 21.91
C PRO D 216 -11.05 24.72 20.52
N ARG D 217 -9.95 24.83 19.79
CA ARG D 217 -10.00 25.40 18.44
C ARG D 217 -10.82 24.58 17.45
N THR D 218 -11.06 23.29 17.74
CA THR D 218 -11.69 22.43 16.75
C THR D 218 -13.06 21.92 17.16
N ILE D 219 -13.65 22.47 18.22
CA ILE D 219 -14.96 21.99 18.62
C ILE D 219 -15.99 22.41 17.57
N ASN D 220 -16.87 21.48 17.21
CA ASN D 220 -17.89 21.69 16.17
C ASN D 220 -17.28 22.09 14.84
N LYS D 221 -16.10 21.58 14.52
CA LYS D 221 -15.47 21.88 13.23
C LYS D 221 -15.04 20.60 12.52
N THR D 222 -14.81 20.76 11.23
CA THR D 222 -14.16 19.78 10.39
C THR D 222 -12.67 20.05 10.40
N VAL D 223 -11.86 19.02 10.65
CA VAL D 223 -10.42 19.14 10.64
C VAL D 223 -9.92 18.37 9.43
N TYR D 224 -9.19 19.06 8.54
CA TYR D 224 -8.61 18.44 7.37
C TYR D 224 -7.19 18.00 7.69
N VAL D 225 -6.89 16.74 7.43
CA VAL D 225 -5.52 16.22 7.56
C VAL D 225 -4.88 16.34 6.19
N ARG D 226 -4.03 17.35 6.03
CA ARG D 226 -3.42 17.69 4.74
C ARG D 226 -2.00 18.19 4.98
N PRO D 227 -1.13 17.35 5.52
CA PRO D 227 0.26 17.78 5.70
C PRO D 227 0.85 18.25 4.38
N THR D 228 1.41 19.47 4.40
CA THR D 228 1.77 20.17 3.17
C THR D 228 2.65 19.32 2.27
N GLU D 229 3.74 18.75 2.82
CA GLU D 229 4.69 18.04 1.99
C GLU D 229 4.18 16.68 1.50
N ASN D 230 3.00 16.25 1.95
CA ASN D 230 2.39 15.00 1.50
C ASN D 230 1.25 15.22 0.53
N VAL D 231 1.10 16.43 0.00
CA VAL D 231 0.18 16.70 -1.11
C VAL D 231 0.97 16.43 -2.39
N LEU D 232 0.68 15.29 -3.02
CA LEU D 232 1.49 14.76 -4.11
C LEU D 232 0.58 14.21 -5.19
N THR D 233 0.97 14.42 -6.45
CA THR D 233 0.36 13.70 -7.55
C THR D 233 0.84 12.25 -7.54
N GLN D 234 0.07 11.37 -8.20
CA GLN D 234 0.50 9.97 -8.27
C GLN D 234 1.85 9.82 -8.94
N MET D 235 2.08 10.59 -10.02
CA MET D 235 3.39 10.55 -10.65
C MET D 235 4.48 11.03 -9.70
N GLU D 236 4.19 12.04 -8.88
CA GLU D 236 5.16 12.46 -7.87
C GLU D 236 5.46 11.33 -6.87
N LEU D 237 4.42 10.64 -6.42
CA LEU D 237 4.65 9.53 -5.50
C LEU D 237 5.48 8.42 -6.17
N VAL D 238 5.16 8.11 -7.44
CA VAL D 238 5.95 7.12 -8.17
C VAL D 238 7.41 7.57 -8.25
N GLN D 239 7.64 8.86 -8.50
CA GLN D 239 9.00 9.34 -8.65
C GLN D 239 9.78 9.28 -7.35
N ILE D 240 9.10 9.43 -6.21
CA ILE D 240 9.77 9.20 -4.93
C ILE D 240 10.29 7.77 -4.87
N TRP D 241 9.48 6.81 -5.32
CA TRP D 241 9.90 5.42 -5.25
C TRP D 241 11.03 5.14 -6.23
N GLU D 242 10.93 5.64 -7.46
CA GLU D 242 11.97 5.41 -8.44
C GLU D 242 13.29 6.00 -7.98
N LYS D 243 13.26 7.12 -7.25
CA LYS D 243 14.50 7.65 -6.72
C LYS D 243 15.05 6.78 -5.59
N LEU D 244 14.18 6.17 -4.80
CA LEU D 244 14.65 5.30 -3.73
C LEU D 244 15.30 4.04 -4.27
N THR D 245 14.75 3.51 -5.35
CA THR D 245 15.24 2.26 -5.92
C THR D 245 16.33 2.50 -6.96
N GLY D 246 16.29 3.62 -7.65
CA GLY D 246 17.14 3.86 -8.80
C GLY D 246 16.73 3.16 -10.07
N LYS D 247 15.48 2.69 -10.15
CA LYS D 247 14.94 2.04 -11.33
C LYS D 247 13.74 2.84 -11.82
N GLU D 248 13.68 3.08 -13.12
CA GLU D 248 12.50 3.65 -13.72
C GLU D 248 11.48 2.55 -13.96
N LEU D 249 10.24 2.79 -13.55
CA LEU D 249 9.16 1.85 -13.80
C LEU D 249 8.53 2.15 -15.14
N GLU D 250 8.02 1.11 -15.78
CA GLU D 250 7.28 1.27 -17.02
C GLU D 250 5.85 1.70 -16.69
N LYS D 251 5.39 2.77 -17.31
CA LYS D 251 4.13 3.39 -16.94
C LYS D 251 3.14 3.30 -18.08
N THR D 252 1.92 2.90 -17.76
CA THR D 252 0.79 2.98 -18.67
C THR D 252 -0.26 3.93 -18.09
N ASN D 253 -0.80 4.80 -18.94
CA ASN D 253 -1.84 5.72 -18.50
C ASN D 253 -3.19 5.10 -18.77
N ILE D 254 -4.08 5.14 -17.77
CA ILE D 254 -5.45 4.71 -17.89
C ILE D 254 -6.33 5.95 -17.91
N SER D 255 -7.12 6.08 -18.97
CA SER D 255 -8.00 7.24 -19.13
C SER D 255 -9.22 7.13 -18.20
N ALA D 256 -9.88 8.26 -18.00
CA ALA D 256 -11.09 8.26 -17.18
C ALA D 256 -12.12 7.28 -17.72
N ASN D 257 -12.41 7.36 -19.02
CA ASN D 257 -13.43 6.49 -19.60
C ASN D 257 -13.01 5.02 -19.53
N ASP D 258 -11.72 4.74 -19.73
CA ASP D 258 -11.26 3.37 -19.57
C ASP D 258 -11.41 2.88 -18.14
N PHE D 259 -11.30 3.80 -17.17
CA PHE D 259 -11.46 3.41 -15.77
C PHE D 259 -12.91 3.06 -15.47
N LEU D 260 -13.85 3.85 -16.00
CA LEU D 260 -15.27 3.60 -15.79
C LEU D 260 -15.85 2.61 -16.81
N GLN D 271 -18.51 -1.45 -8.11
CA GLN D 271 -17.55 -1.36 -7.02
C GLN D 271 -17.64 -0.03 -6.31
N ALA D 272 -17.48 -0.08 -4.99
CA ALA D 272 -17.18 1.11 -4.22
C ALA D 272 -15.69 1.43 -4.17
N GLY D 273 -14.83 0.43 -4.42
CA GLY D 273 -13.41 0.64 -4.50
C GLY D 273 -13.03 1.51 -5.68
N LEU D 274 -13.34 1.03 -6.89
CA LEU D 274 -13.41 1.91 -8.04
C LEU D 274 -14.42 2.99 -7.73
N GLY D 275 -14.09 4.23 -8.00
CA GLY D 275 -15.09 5.21 -7.64
C GLY D 275 -14.63 6.02 -6.45
N HIS D 276 -14.24 5.37 -5.36
CA HIS D 276 -13.32 6.03 -4.44
C HIS D 276 -12.07 6.45 -5.19
N PHE D 277 -11.40 5.47 -5.80
CA PHE D 277 -10.22 5.77 -6.60
C PHE D 277 -10.54 6.82 -7.66
N TYR D 278 -11.72 6.76 -8.26
CA TYR D 278 -12.05 7.72 -9.31
C TYR D 278 -12.16 9.12 -8.75
N HIS D 279 -12.91 9.28 -7.65
CA HIS D 279 -13.00 10.59 -7.02
C HIS D 279 -11.63 11.10 -6.64
N ILE D 280 -10.78 10.24 -6.08
CA ILE D 280 -9.49 10.69 -5.59
C ILE D 280 -8.57 11.07 -6.74
N PHE D 281 -8.36 10.16 -7.70
CA PHE D 281 -7.28 10.31 -8.67
C PHE D 281 -7.71 10.97 -9.97
N TYR D 282 -8.99 10.91 -10.31
CA TYR D 282 -9.47 11.60 -11.51
C TYR D 282 -10.14 12.93 -11.17
N GLU D 283 -11.03 12.97 -10.19
CA GLU D 283 -11.68 14.23 -9.85
C GLU D 283 -10.83 15.10 -8.91
N GLY D 284 -9.88 14.51 -8.20
CA GLY D 284 -9.06 15.30 -7.27
C GLY D 284 -9.84 15.76 -6.06
N CYS D 285 -10.70 14.90 -5.50
CA CYS D 285 -11.62 15.38 -4.46
C CYS D 285 -10.90 15.79 -3.17
N LEU D 286 -9.69 15.29 -2.91
CA LEU D 286 -8.99 15.66 -1.69
C LEU D 286 -8.28 17.01 -1.78
N THR D 287 -8.19 17.59 -2.98
CA THR D 287 -7.33 18.76 -3.16
C THR D 287 -7.98 19.85 -4.01
N ASP D 288 -9.25 19.75 -4.36
CA ASP D 288 -9.91 20.74 -5.21
C ASP D 288 -10.49 21.90 -4.41
N HIS D 289 -10.02 22.10 -3.19
CA HIS D 289 -10.51 23.16 -2.32
C HIS D 289 -9.39 23.54 -1.38
N GLU D 290 -9.32 24.82 -1.02
CA GLU D 290 -8.31 25.26 -0.08
C GLU D 290 -8.81 24.97 1.34
N VAL D 291 -7.87 24.84 2.28
CA VAL D 291 -8.21 24.68 3.68
C VAL D 291 -7.37 25.67 4.48
N GLY D 292 -8.00 26.38 5.41
CA GLY D 292 -7.27 27.31 6.24
C GLY D 292 -6.42 26.62 7.28
N ASP D 293 -5.33 27.29 7.66
CA ASP D 293 -4.43 26.78 8.69
C ASP D 293 -5.17 26.47 9.99
N ASP D 294 -6.26 27.18 10.30
CA ASP D 294 -6.95 26.97 11.57
C ASP D 294 -7.90 25.79 11.52
N GLU D 295 -7.97 25.12 10.37
CA GLU D 295 -8.72 23.88 10.22
C GLU D 295 -7.87 22.77 9.62
N GLU D 296 -6.55 22.91 9.56
CA GLU D 296 -5.68 21.92 8.95
C GLU D 296 -4.73 21.35 9.99
N ALA D 297 -4.75 20.02 10.13
CA ALA D 297 -4.14 19.39 11.30
C ALA D 297 -2.65 19.70 11.40
N SER D 298 -1.93 19.67 10.28
CA SER D 298 -0.49 19.88 10.40
C SER D 298 -0.14 21.30 10.81
N LYS D 299 -1.05 22.25 10.59
CA LYS D 299 -0.85 23.61 11.10
C LYS D 299 -1.35 23.75 12.53
N LEU D 300 -2.46 23.09 12.85
CA LEU D 300 -2.97 23.09 14.22
C LEU D 300 -1.98 22.43 15.18
N TYR D 301 -1.27 21.40 14.72
CA TYR D 301 -0.40 20.60 15.57
C TYR D 301 0.95 20.45 14.90
N PRO D 302 1.75 21.52 14.88
CA PRO D 302 3.01 21.48 14.13
C PRO D 302 4.09 20.67 14.80
N ASP D 303 3.87 20.23 16.03
CA ASP D 303 4.83 19.37 16.69
C ASP D 303 4.79 17.95 16.17
N VAL D 304 3.74 17.57 15.44
CA VAL D 304 3.66 16.26 14.84
C VAL D 304 4.59 16.23 13.63
N LYS D 305 5.73 15.54 13.76
CA LYS D 305 6.68 15.39 12.67
C LYS D 305 6.16 14.29 11.75
N TYR D 306 5.20 14.67 10.91
CA TYR D 306 4.49 13.66 10.13
C TYR D 306 5.44 12.94 9.17
N THR D 307 5.18 11.67 8.94
CA THR D 307 5.99 10.86 8.04
C THR D 307 5.84 11.37 6.62
N ARG D 308 6.96 11.76 5.99
CA ARG D 308 6.95 12.04 4.57
C ARG D 308 7.00 10.72 3.79
N MET D 309 6.51 10.76 2.55
CA MET D 309 6.35 9.52 1.81
C MET D 309 7.68 8.88 1.41
N ASP D 310 8.76 9.65 1.28
CA ASP D 310 10.04 9.00 1.02
C ASP D 310 10.45 8.15 2.21
N GLU D 311 10.18 8.64 3.42
CA GLU D 311 10.43 7.84 4.62
C GLU D 311 9.49 6.64 4.68
N TYR D 312 8.19 6.88 4.43
CA TYR D 312 7.19 5.83 4.52
C TYR D 312 7.52 4.67 3.59
N LEU D 313 7.98 4.96 2.39
CA LEU D 313 8.22 3.92 1.41
C LEU D 313 9.48 3.11 1.68
N LYS D 314 10.35 3.56 2.59
CA LYS D 314 11.65 2.91 2.74
C LYS D 314 11.54 1.49 3.29
N ILE D 315 10.52 1.22 4.10
CA ILE D 315 10.33 -0.13 4.62
C ILE D 315 10.12 -1.14 3.51
N PHE D 316 9.77 -0.71 2.30
CA PHE D 316 9.53 -1.64 1.22
C PHE D 316 10.79 -1.97 0.42
N LEU D 317 11.90 -1.29 0.67
CA LEU D 317 13.10 -1.47 -0.15
C LEU D 317 13.73 -2.82 0.10
N SER E 6 28.36 -12.66 13.71
CA SER E 6 27.26 -12.39 12.78
C SER E 6 27.20 -13.42 11.67
N GLY E 7 28.37 -13.85 11.21
CA GLY E 7 28.46 -14.96 10.30
C GLY E 7 28.36 -16.31 10.96
N GLU E 8 28.23 -16.38 12.27
CA GLU E 8 27.98 -17.65 12.95
C GLU E 8 26.54 -17.79 13.41
N LYS E 9 25.68 -16.82 13.10
CA LYS E 9 24.25 -16.99 13.34
C LYS E 9 23.71 -18.18 12.53
N THR E 10 22.83 -18.94 13.15
CA THR E 10 21.98 -19.84 12.39
C THR E 10 21.04 -18.99 11.53
N ARG E 11 20.90 -19.33 10.25
CA ARG E 11 19.93 -18.66 9.39
C ARG E 11 18.64 -19.47 9.36
N VAL E 12 17.52 -18.85 9.75
CA VAL E 12 16.25 -19.54 9.91
C VAL E 12 15.22 -18.93 8.97
N LEU E 13 14.53 -19.78 8.21
CA LEU E 13 13.36 -19.40 7.43
C LEU E 13 12.11 -19.85 8.16
N VAL E 14 11.24 -18.90 8.48
CA VAL E 14 9.96 -19.19 9.10
C VAL E 14 8.91 -19.18 7.99
N VAL E 15 8.20 -20.30 7.86
CA VAL E 15 7.10 -20.45 6.92
C VAL E 15 5.80 -20.35 7.72
N GLY E 16 4.93 -19.42 7.35
CA GLY E 16 3.78 -19.13 8.17
C GLY E 16 4.02 -18.01 9.15
N GLY E 17 4.83 -17.02 8.78
CA GLY E 17 5.32 -16.02 9.70
C GLY E 17 4.29 -15.02 10.18
N THR E 18 3.11 -14.91 9.55
CA THR E 18 2.08 -14.03 10.06
C THR E 18 0.98 -14.79 10.80
N GLY E 19 1.15 -16.11 10.98
CA GLY E 19 0.26 -16.89 11.79
C GLY E 19 0.35 -16.58 13.27
N THR E 20 -0.58 -17.17 14.03
CA THR E 20 -0.58 -16.98 15.48
C THR E 20 0.73 -17.44 16.10
N MET E 21 1.11 -18.68 15.84
CA MET E 21 2.38 -19.19 16.33
C MET E 21 3.54 -18.66 15.50
N GLY E 22 3.34 -18.56 14.18
CA GLY E 22 4.43 -18.12 13.30
C GLY E 22 4.96 -16.75 13.66
N ARG E 23 4.07 -15.80 13.98
CA ARG E 23 4.55 -14.45 14.29
C ARG E 23 5.42 -14.46 15.54
N ARG E 24 5.06 -15.29 16.52
CA ARG E 24 5.84 -15.40 17.74
C ARG E 24 7.15 -16.13 17.50
N ILE E 25 7.16 -17.08 16.58
CA ILE E 25 8.42 -17.74 16.25
C ILE E 25 9.36 -16.77 15.56
N VAL E 26 8.85 -15.93 14.65
CA VAL E 26 9.70 -14.92 14.03
C VAL E 26 10.38 -14.08 15.11
N ARG E 27 9.59 -13.51 16.02
CA ARG E 27 10.15 -12.65 17.06
C ARG E 27 11.10 -13.40 17.97
N ALA E 28 10.75 -14.64 18.35
CA ALA E 28 11.63 -15.37 19.24
C ALA E 28 12.96 -15.70 18.56
N CYS E 29 12.94 -15.94 17.24
CA CYS E 29 14.18 -16.22 16.53
C CYS E 29 15.06 -14.97 16.48
N LEU E 30 14.46 -13.81 16.28
CA LEU E 30 15.24 -12.57 16.32
C LEU E 30 15.81 -12.35 17.72
N ALA E 31 14.99 -12.55 18.76
CA ALA E 31 15.45 -12.31 20.11
C ALA E 31 16.59 -13.24 20.47
N GLU E 32 16.63 -14.42 19.88
CA GLU E 32 17.66 -15.39 20.18
C GLU E 32 18.95 -15.11 19.44
N GLY E 33 18.94 -14.21 18.45
CA GLY E 33 20.13 -13.89 17.67
C GLY E 33 20.24 -14.57 16.33
N HIS E 34 19.24 -15.37 15.93
CA HIS E 34 19.28 -16.00 14.63
C HIS E 34 19.10 -14.95 13.53
N GLU E 35 19.75 -15.20 12.40
CA GLU E 35 19.50 -14.40 11.22
C GLU E 35 18.20 -14.90 10.63
N THR E 36 17.15 -14.09 10.70
CA THR E 36 15.79 -14.57 10.56
C THR E 36 15.20 -14.15 9.22
N TYR E 37 14.63 -15.11 8.50
CA TYR E 37 13.97 -14.90 7.22
C TYR E 37 12.53 -15.32 7.34
N VAL E 38 11.64 -14.61 6.66
CA VAL E 38 10.22 -14.88 6.69
C VAL E 38 9.73 -15.08 5.26
N LEU E 39 9.05 -16.19 5.01
CA LEU E 39 8.48 -16.42 3.69
C LEU E 39 7.36 -15.43 3.42
N GLN E 40 7.45 -14.72 2.29
CA GLN E 40 6.43 -13.78 1.87
C GLN E 40 5.69 -14.42 0.69
N GLN E 41 4.47 -14.88 0.94
CA GLN E 41 3.67 -15.50 -0.10
C GLN E 41 2.91 -14.44 -0.89
N PRO E 42 2.54 -14.74 -2.13
CA PRO E 42 1.75 -13.77 -2.90
C PRO E 42 0.49 -13.39 -2.14
N GLU E 43 0.18 -12.10 -2.15
CA GLU E 43 -1.06 -11.65 -1.55
C GLU E 43 -2.21 -12.39 -2.19
N THR E 44 -3.13 -12.90 -1.37
CA THR E 44 -4.35 -13.54 -1.83
C THR E 44 -5.55 -12.61 -1.76
N ARG E 45 -5.34 -11.38 -1.28
CA ARG E 45 -6.34 -10.33 -1.19
C ARG E 45 -5.62 -9.12 -0.62
N VAL E 46 -6.34 -8.01 -0.57
CA VAL E 46 -5.86 -6.81 0.12
C VAL E 46 -6.01 -7.07 1.61
N ASP E 47 -4.88 -7.27 2.30
CA ASP E 47 -4.88 -7.69 3.71
C ASP E 47 -3.91 -6.79 4.48
N ILE E 48 -4.46 -5.72 5.03
CA ILE E 48 -3.65 -4.65 5.59
C ILE E 48 -2.87 -5.13 6.81
N GLU E 49 -3.52 -5.90 7.69
CA GLU E 49 -2.88 -6.34 8.93
C GLU E 49 -1.74 -7.33 8.64
N LYS E 50 -1.95 -8.21 7.67
CA LYS E 50 -0.95 -9.20 7.30
C LYS E 50 0.29 -8.55 6.70
N VAL E 51 0.10 -7.59 5.79
CA VAL E 51 1.24 -6.93 5.15
C VAL E 51 2.06 -6.14 6.17
N GLN E 52 1.39 -5.41 7.05
CA GLN E 52 2.12 -4.59 8.01
C GLN E 52 2.85 -5.42 9.05
N LEU E 53 2.29 -6.56 9.46
CA LEU E 53 3.03 -7.49 10.31
C LEU E 53 4.30 -7.98 9.61
N LEU E 54 4.17 -8.49 8.38
CA LEU E 54 5.33 -8.90 7.60
C LEU E 54 6.41 -7.83 7.56
N TYR E 55 6.06 -6.61 7.13
CA TYR E 55 7.09 -5.58 6.97
C TYR E 55 7.59 -5.07 8.32
N SER E 56 6.76 -5.15 9.38
CA SER E 56 7.26 -4.78 10.70
C SER E 56 8.43 -5.64 11.13
N TYR E 57 8.54 -6.87 10.62
CA TYR E 57 9.68 -7.70 10.99
C TYR E 57 10.99 -7.14 10.46
N LYS E 58 10.94 -6.43 9.34
CA LYS E 58 12.16 -5.86 8.75
C LYS E 58 12.77 -4.82 9.67
N ARG E 59 11.94 -4.03 10.35
CA ARG E 59 12.48 -3.10 11.33
C ARG E 59 13.27 -3.83 12.41
N LEU E 60 12.85 -5.05 12.75
CA LEU E 60 13.53 -5.83 13.76
C LEU E 60 14.77 -6.55 13.23
N GLY E 61 15.10 -6.36 11.95
CA GLY E 61 16.26 -7.03 11.37
C GLY E 61 15.98 -8.28 10.57
N ALA E 62 14.72 -8.66 10.37
CA ALA E 62 14.44 -9.85 9.58
C ALA E 62 14.44 -9.50 8.08
N ARG E 63 14.65 -10.52 7.26
CA ARG E 63 14.55 -10.37 5.82
C ARG E 63 13.37 -11.17 5.28
N LEU E 64 12.74 -10.65 4.24
CA LEU E 64 11.63 -11.31 3.56
C LEU E 64 12.13 -12.03 2.32
N ILE E 65 11.64 -13.25 2.11
CA ILE E 65 11.92 -14.01 0.89
C ILE E 65 10.59 -14.33 0.24
N GLU E 66 10.41 -13.86 -0.98
CA GLU E 66 9.19 -14.10 -1.73
C GLU E 66 9.26 -15.45 -2.44
N ALA E 67 8.20 -16.23 -2.28
CA ALA E 67 8.11 -17.54 -2.89
C ALA E 67 6.65 -17.94 -2.80
N SER E 68 6.29 -18.99 -3.55
CA SER E 68 4.91 -19.40 -3.69
C SER E 68 4.86 -20.91 -3.67
N PHE E 69 3.91 -21.47 -2.93
CA PHE E 69 3.81 -22.92 -2.88
C PHE E 69 3.36 -23.53 -4.20
N SER E 70 2.85 -22.74 -5.12
CA SER E 70 2.50 -23.20 -6.44
C SER E 70 3.67 -23.09 -7.42
N ASP E 71 4.81 -22.56 -6.99
CA ASP E 71 5.98 -22.43 -7.84
C ASP E 71 7.15 -23.17 -7.18
N HIS E 72 7.30 -24.45 -7.54
CA HIS E 72 8.28 -25.31 -6.88
C HIS E 72 9.68 -24.70 -6.89
N GLN E 73 10.10 -24.10 -8.00
CA GLN E 73 11.47 -23.60 -8.04
C GLN E 73 11.64 -22.36 -7.15
N SER E 74 10.58 -21.59 -6.93
CA SER E 74 10.70 -20.49 -5.99
C SER E 74 10.90 -21.01 -4.56
N LEU E 75 10.27 -22.13 -4.22
CA LEU E 75 10.53 -22.73 -2.90
C LEU E 75 11.97 -23.18 -2.77
N VAL E 76 12.47 -23.90 -3.78
CA VAL E 76 13.85 -24.36 -3.79
C VAL E 76 14.80 -23.18 -3.61
N SER E 77 14.54 -22.10 -4.34
CA SER E 77 15.38 -20.91 -4.30
C SER E 77 15.37 -20.27 -2.90
N ALA E 78 14.21 -20.28 -2.23
CA ALA E 78 14.12 -19.73 -0.87
C ALA E 78 14.92 -20.56 0.13
N VAL E 79 14.74 -21.88 0.13
CA VAL E 79 15.35 -22.66 1.22
C VAL E 79 16.86 -22.76 1.06
N LYS E 80 17.37 -22.57 -0.17
CA LYS E 80 18.82 -22.50 -0.37
C LYS E 80 19.45 -21.29 0.29
N GLN E 81 18.66 -20.32 0.73
CA GLN E 81 19.21 -19.13 1.36
C GLN E 81 19.35 -19.26 2.87
N VAL E 82 18.96 -20.39 3.46
CA VAL E 82 18.98 -20.52 4.91
C VAL E 82 19.56 -21.87 5.29
N ASP E 83 19.67 -22.10 6.60
CA ASP E 83 20.15 -23.35 7.16
C ASP E 83 19.05 -24.20 7.75
N ILE E 84 18.04 -23.56 8.34
CA ILE E 84 16.99 -24.25 9.06
C ILE E 84 15.65 -23.64 8.68
N VAL E 85 14.63 -24.49 8.58
CA VAL E 85 13.28 -24.07 8.23
C VAL E 85 12.35 -24.47 9.36
N VAL E 86 11.49 -23.54 9.74
CA VAL E 86 10.45 -23.77 10.74
C VAL E 86 9.12 -23.42 10.12
N ALA E 87 8.18 -24.35 10.13
CA ALA E 87 6.87 -24.07 9.56
C ALA E 87 5.84 -24.03 10.67
N ALA E 88 4.89 -23.10 10.57
CA ALA E 88 3.79 -22.98 11.52
C ALA E 88 2.52 -22.66 10.72
N MET E 89 2.08 -23.61 9.88
CA MET E 89 0.89 -23.44 9.04
C MET E 89 -0.37 -23.83 9.81
N SER E 90 -1.49 -23.28 9.34
CA SER E 90 -2.73 -23.26 10.10
C SER E 90 -3.20 -24.65 10.53
N GLY E 91 -3.03 -25.65 9.67
CA GLY E 91 -3.41 -27.02 9.99
C GLY E 91 -4.56 -27.24 10.99
N HIS E 97 -4.54 -30.08 5.09
CA HIS E 97 -4.58 -29.44 3.78
C HIS E 97 -3.64 -28.26 3.79
N SER E 98 -3.82 -27.36 4.74
CA SER E 98 -2.74 -26.44 5.08
C SER E 98 -1.53 -27.21 5.57
N ILE E 99 -1.74 -28.14 6.50
CA ILE E 99 -0.63 -28.99 6.92
C ILE E 99 0.01 -29.66 5.71
N LEU E 100 -0.82 -30.15 4.78
CA LEU E 100 -0.29 -30.94 3.67
C LEU E 100 0.52 -30.11 2.67
N VAL E 101 0.33 -28.79 2.63
CA VAL E 101 1.18 -27.94 1.81
C VAL E 101 2.66 -28.17 2.12
N GLN E 102 2.97 -28.53 3.37
CA GLN E 102 4.37 -28.76 3.75
C GLN E 102 5.04 -29.86 2.94
N LEU E 103 4.26 -30.77 2.34
CA LEU E 103 4.87 -31.77 1.48
C LEU E 103 5.63 -31.14 0.33
N LYS E 104 5.15 -30.01 -0.18
CA LYS E 104 5.89 -29.29 -1.20
C LYS E 104 7.17 -28.70 -0.62
N LEU E 105 7.10 -28.21 0.62
CA LEU E 105 8.29 -27.75 1.32
C LEU E 105 9.30 -28.88 1.46
N VAL E 106 8.83 -30.09 1.77
CA VAL E 106 9.73 -31.23 1.92
C VAL E 106 10.45 -31.51 0.61
N GLU E 107 9.71 -31.55 -0.50
CA GLU E 107 10.36 -31.85 -1.77
C GLU E 107 11.35 -30.74 -2.14
N ALA E 108 11.02 -29.48 -1.86
CA ALA E 108 11.97 -28.39 -2.15
C ALA E 108 13.22 -28.51 -1.29
N ILE E 109 13.05 -28.77 -0.01
CA ILE E 109 14.20 -28.95 0.88
C ILE E 109 15.05 -30.12 0.40
N LYS E 110 14.41 -31.22 0.02
CA LYS E 110 15.14 -32.38 -0.48
C LYS E 110 15.99 -32.01 -1.70
N GLU E 111 15.42 -31.28 -2.65
CA GLU E 111 16.18 -30.90 -3.82
C GLU E 111 17.29 -29.90 -3.48
N ALA E 112 17.03 -28.99 -2.55
CA ALA E 112 18.02 -27.97 -2.20
C ALA E 112 19.27 -28.59 -1.60
N GLY E 113 19.10 -29.58 -0.71
CA GLY E 113 20.21 -30.31 -0.14
C GLY E 113 20.96 -29.64 0.98
N ASN E 114 20.79 -28.33 1.18
CA ASN E 114 21.60 -27.56 2.11
C ASN E 114 21.01 -27.47 3.52
N ILE E 115 19.79 -27.96 3.74
CA ILE E 115 19.09 -27.67 4.99
C ILE E 115 19.58 -28.59 6.09
N LYS E 116 19.93 -27.99 7.23
CA LYS E 116 20.43 -28.75 8.37
C LYS E 116 19.34 -29.25 9.28
N ARG E 117 18.18 -28.60 9.29
CA ARG E 117 17.08 -29.09 10.11
C ARG E 117 15.77 -28.47 9.64
N PHE E 118 14.69 -29.24 9.80
CA PHE E 118 13.34 -28.79 9.49
C PHE E 118 12.45 -29.06 10.69
N LEU E 119 11.75 -28.03 11.15
CA LEU E 119 10.76 -28.16 12.21
C LEU E 119 9.42 -27.99 11.55
N PRO E 120 8.67 -29.06 11.31
CA PRO E 120 7.34 -28.91 10.69
C PRO E 120 6.35 -28.32 11.67
N SER E 121 5.16 -28.02 11.13
CA SER E 121 4.09 -27.43 11.90
C SER E 121 3.44 -28.46 12.84
N GLU E 122 3.98 -28.50 14.08
CA GLU E 122 3.53 -29.41 15.12
C GLU E 122 2.86 -28.58 16.20
N PHE E 123 3.50 -28.31 17.34
CA PHE E 123 3.04 -27.37 18.36
C PHE E 123 1.71 -27.78 18.98
N GLY E 124 1.45 -29.07 19.06
CA GLY E 124 0.27 -29.50 19.79
C GLY E 124 0.31 -30.97 20.18
N MET E 125 -0.81 -31.64 19.97
CA MET E 125 -0.87 -33.06 20.27
C MET E 125 0.12 -33.83 19.42
N ASP E 126 0.69 -34.89 20.00
CA ASP E 126 1.58 -35.75 19.24
C ASP E 126 0.75 -36.64 18.32
N PRO E 127 0.84 -36.44 17.00
CA PRO E 127 0.05 -37.25 16.07
C PRO E 127 0.52 -38.69 15.99
N SER E 128 1.61 -39.06 16.65
CA SER E 128 2.17 -40.41 16.56
C SER E 128 1.59 -41.37 17.60
N ARG E 129 0.61 -40.95 18.38
CA ARG E 129 -0.06 -41.88 19.28
C ARG E 129 -0.82 -42.94 18.48
N ASP E 142 -2.12 -36.97 11.72
CA ASP E 142 -2.51 -37.74 10.53
C ASP E 142 -2.10 -37.07 9.20
N GLN E 143 -2.64 -35.87 8.94
CA GLN E 143 -1.94 -35.00 8.00
C GLN E 143 -0.54 -34.67 8.51
N LYS E 144 -0.42 -34.46 9.82
CA LYS E 144 0.91 -34.18 10.38
C LYS E 144 1.79 -35.42 10.30
N LEU E 145 1.20 -36.60 10.49
CA LEU E 145 1.96 -37.83 10.38
C LEU E 145 2.43 -38.05 8.94
N GLU E 146 1.60 -37.69 7.96
CA GLU E 146 2.03 -37.81 6.58
C GLU E 146 3.26 -36.92 6.33
N VAL E 147 3.26 -35.72 6.89
CA VAL E 147 4.39 -34.82 6.75
C VAL E 147 5.62 -35.42 7.43
N ARG E 148 5.45 -35.95 8.64
CA ARG E 148 6.58 -36.63 9.30
C ARG E 148 7.12 -37.76 8.43
N ASN E 149 6.23 -38.57 7.84
CA ASN E 149 6.69 -39.70 7.05
C ASN E 149 7.56 -39.22 5.88
N ALA E 150 7.13 -38.15 5.22
CA ALA E 150 7.91 -37.59 4.11
C ALA E 150 9.24 -37.03 4.59
N ILE E 151 9.23 -36.27 5.70
CA ILE E 151 10.47 -35.72 6.23
C ILE E 151 11.50 -36.82 6.44
N GLU E 152 11.10 -37.87 7.15
CA GLU E 152 12.03 -38.93 7.52
C GLU E 152 12.40 -39.80 6.34
N ALA E 153 11.49 -39.98 5.37
CA ALA E 153 11.85 -40.70 4.16
C ALA E 153 12.87 -39.94 3.35
N ALA E 154 12.81 -38.61 3.35
CA ALA E 154 13.81 -37.82 2.66
C ALA E 154 15.13 -37.73 3.41
N GLY E 155 15.20 -38.25 4.63
CA GLY E 155 16.41 -38.06 5.43
C GLY E 155 16.68 -36.62 5.80
N ILE E 156 15.63 -35.84 6.07
CA ILE E 156 15.77 -34.44 6.46
C ILE E 156 15.80 -34.41 7.99
N PRO E 157 16.89 -33.96 8.60
CA PRO E 157 16.92 -33.91 10.07
C PRO E 157 15.81 -32.99 10.58
N HIS E 158 15.24 -33.34 11.73
CA HIS E 158 14.01 -32.71 12.20
C HIS E 158 14.01 -32.55 13.72
N THR E 159 13.15 -31.63 14.18
CA THR E 159 12.72 -31.60 15.58
C THR E 159 11.20 -31.42 15.59
N TYR E 160 10.51 -32.23 16.40
CA TYR E 160 9.05 -32.13 16.56
C TYR E 160 8.77 -31.52 17.92
N VAL E 161 8.19 -30.31 17.92
CA VAL E 161 7.87 -29.56 19.14
C VAL E 161 6.40 -29.82 19.46
N VAL E 162 6.11 -30.51 20.57
CA VAL E 162 4.76 -30.99 20.85
C VAL E 162 4.43 -30.81 22.31
N GLY E 163 3.16 -31.08 22.65
CA GLY E 163 2.75 -31.45 23.99
C GLY E 163 2.10 -30.39 24.86
N ALA E 164 1.67 -29.26 24.30
CA ALA E 164 1.07 -28.23 25.14
C ALA E 164 -0.17 -27.65 24.48
N CYS E 165 -1.10 -27.18 25.32
CA CYS E 165 -2.21 -26.35 24.88
C CYS E 165 -1.79 -24.90 24.84
N PHE E 166 -2.10 -24.20 23.75
CA PHE E 166 -1.91 -22.75 23.73
C PHE E 166 -2.76 -22.15 24.84
N ALA E 167 -2.12 -21.33 25.68
CA ALA E 167 -2.84 -20.71 26.79
C ALA E 167 -4.02 -19.88 26.29
N ALA E 168 -3.87 -19.23 25.13
CA ALA E 168 -4.95 -18.37 24.66
C ALA E 168 -6.17 -19.18 24.26
N TYR E 169 -5.97 -20.40 23.81
CA TYR E 169 -7.10 -21.23 23.41
C TYR E 169 -7.69 -22.05 24.56
N PHE E 170 -6.95 -22.31 25.64
CA PHE E 170 -7.43 -23.22 26.67
C PHE E 170 -7.33 -22.69 28.08
N ALA E 171 -6.51 -21.69 28.34
CA ALA E 171 -6.36 -21.22 29.71
C ALA E 171 -7.19 -19.98 29.98
N GLY E 172 -7.09 -18.97 29.10
CA GLY E 172 -7.80 -17.73 29.32
C GLY E 172 -9.30 -17.88 29.31
N ASN E 173 -9.81 -18.95 28.70
CA ASN E 173 -11.24 -19.24 28.71
C ASN E 173 -11.61 -20.30 29.75
N LEU E 174 -10.68 -20.67 30.64
CA LEU E 174 -10.90 -21.79 31.53
C LEU E 174 -11.34 -23.02 30.73
N SER E 175 -10.81 -23.14 29.52
CA SER E 175 -11.03 -24.31 28.68
C SER E 175 -12.47 -24.46 28.22
N GLN E 176 -13.24 -23.37 28.24
CA GLN E 176 -14.58 -23.37 27.69
C GLN E 176 -14.52 -23.19 26.17
N MET E 177 -15.42 -23.86 25.47
CA MET E 177 -15.46 -23.74 24.02
C MET E 177 -16.25 -22.51 23.60
N GLY E 178 -15.91 -21.99 22.44
CA GLY E 178 -16.65 -20.89 21.86
C GLY E 178 -16.29 -19.52 22.39
N THR E 179 -15.32 -19.41 23.28
CA THR E 179 -14.94 -18.14 23.87
C THR E 179 -13.45 -18.18 24.21
N LEU E 180 -12.84 -16.99 24.33
CA LEU E 180 -11.43 -16.85 24.67
C LEU E 180 -11.21 -16.05 25.96
N ILE E 181 -12.26 -15.77 26.72
CA ILE E 181 -12.14 -14.99 27.96
C ILE E 181 -12.86 -15.75 29.06
N PRO E 182 -12.56 -15.46 30.32
CA PRO E 182 -13.13 -16.24 31.40
C PRO E 182 -14.63 -16.05 31.48
N PRO E 183 -15.37 -17.10 31.73
CA PRO E 183 -16.83 -16.98 31.88
C PRO E 183 -17.14 -16.25 33.17
N LYS E 184 -18.31 -15.61 33.20
CA LYS E 184 -18.63 -14.74 34.32
C LYS E 184 -19.23 -15.49 35.51
N LYS E 185 -20.06 -16.51 35.27
CA LYS E 185 -20.78 -17.15 36.38
C LYS E 185 -20.76 -18.68 36.34
N LYS E 186 -20.81 -19.26 35.15
CA LYS E 186 -20.91 -20.71 34.98
C LYS E 186 -19.73 -21.25 34.19
N VAL E 187 -19.35 -22.48 34.50
CA VAL E 187 -18.28 -23.15 33.79
C VAL E 187 -18.65 -24.63 33.60
N ASN E 188 -18.36 -25.16 32.41
CA ASN E 188 -18.44 -26.59 32.18
C ASN E 188 -17.13 -27.25 32.58
N ILE E 189 -17.23 -28.34 33.35
CA ILE E 189 -16.09 -29.13 33.77
C ILE E 189 -16.15 -30.45 33.00
N TYR E 190 -15.02 -30.87 32.44
CA TYR E 190 -14.97 -32.09 31.64
C TYR E 190 -14.71 -33.28 32.56
N GLY E 191 -15.68 -34.19 32.63
CA GLY E 191 -15.60 -35.24 33.63
C GLY E 191 -15.64 -34.63 35.01
N ASP E 192 -14.78 -35.13 35.88
CA ASP E 192 -14.54 -34.52 37.17
C ASP E 192 -13.48 -33.42 37.12
N GLY E 193 -12.94 -33.11 35.96
CA GLY E 193 -11.92 -32.08 35.87
C GLY E 193 -10.64 -32.41 36.60
N ASN E 194 -10.31 -33.70 36.72
CA ASN E 194 -9.09 -34.13 37.40
C ASN E 194 -8.09 -34.77 36.45
N VAL E 195 -8.17 -34.46 35.17
CA VAL E 195 -7.21 -34.94 34.18
C VAL E 195 -6.20 -33.83 33.92
N LYS E 196 -4.92 -34.18 34.07
CA LYS E 196 -3.85 -33.21 33.92
C LYS E 196 -3.72 -32.75 32.47
N VAL E 197 -3.62 -31.45 32.29
CA VAL E 197 -3.43 -30.83 30.98
C VAL E 197 -2.18 -29.98 31.05
N VAL E 198 -1.66 -29.55 29.91
CA VAL E 198 -0.45 -28.73 29.86
C VAL E 198 -0.79 -27.38 29.24
N TYR E 199 -0.78 -26.33 30.05
CA TYR E 199 -1.15 -24.99 29.63
C TYR E 199 0.11 -24.13 29.52
N VAL E 200 0.38 -23.61 28.33
CA VAL E 200 1.62 -22.91 28.08
C VAL E 200 1.36 -21.65 27.27
N ASP E 201 1.90 -20.54 27.74
CA ASP E 201 1.90 -19.30 27.00
C ASP E 201 2.56 -19.50 25.63
N GLU E 202 1.88 -19.05 24.58
CA GLU E 202 2.40 -19.23 23.23
C GLU E 202 3.77 -18.60 23.06
N ASP E 203 4.02 -17.49 23.77
CA ASP E 203 5.35 -16.88 23.73
C ASP E 203 6.42 -17.84 24.23
N ASP E 204 6.10 -18.64 25.24
CA ASP E 204 7.09 -19.62 25.73
C ASP E 204 7.30 -20.75 24.74
N ILE E 205 6.22 -21.24 24.12
CA ILE E 205 6.40 -22.25 23.09
C ILE E 205 7.35 -21.73 22.02
N ALA E 206 7.16 -20.48 21.61
CA ALA E 206 7.98 -19.91 20.55
C ALA E 206 9.43 -19.73 21.00
N GLU E 207 9.64 -19.32 22.25
CA GLU E 207 11.00 -19.19 22.74
C GLU E 207 11.68 -20.56 22.84
N TYR E 208 10.98 -21.56 23.35
CA TYR E 208 11.54 -22.92 23.37
C TYR E 208 11.89 -23.37 21.95
N THR E 209 11.03 -23.03 20.98
CA THR E 209 11.28 -23.42 19.60
C THR E 209 12.54 -22.75 19.06
N ALA E 210 12.70 -21.45 19.34
CA ALA E 210 13.88 -20.73 18.86
C ALA E 210 15.17 -21.26 19.52
N LYS E 211 15.09 -21.72 20.76
CA LYS E 211 16.26 -22.25 21.42
C LYS E 211 16.59 -23.67 20.97
N THR E 212 15.58 -24.46 20.60
CA THR E 212 15.83 -25.87 20.31
C THR E 212 16.23 -26.11 18.86
N LEU E 213 15.94 -25.17 17.94
CA LEU E 213 16.04 -25.49 16.53
C LEU E 213 17.47 -25.73 16.07
N ASP E 214 18.48 -25.21 16.77
CA ASP E 214 19.87 -25.57 16.47
C ASP E 214 20.58 -26.19 17.67
N ASP E 215 19.82 -26.67 18.64
CA ASP E 215 20.39 -27.38 19.76
C ASP E 215 20.85 -28.77 19.32
N PRO E 216 22.15 -29.08 19.36
CA PRO E 216 22.58 -30.43 18.98
C PRO E 216 21.85 -31.53 19.74
N ARG E 217 21.40 -31.27 20.97
CA ARG E 217 20.77 -32.31 21.77
C ARG E 217 19.40 -32.75 21.25
N THR E 218 18.75 -31.96 20.38
CA THR E 218 17.37 -32.26 19.98
C THR E 218 17.26 -32.59 18.49
N ILE E 219 18.38 -32.87 17.82
CA ILE E 219 18.28 -33.23 16.42
C ILE E 219 17.64 -34.61 16.31
N ASN E 220 16.66 -34.73 15.40
CA ASN E 220 15.86 -35.95 15.20
C ASN E 220 15.17 -36.41 16.48
N LYS E 221 14.78 -35.47 17.33
CA LYS E 221 14.04 -35.82 18.52
C LYS E 221 12.69 -35.12 18.53
N THR E 222 11.82 -35.62 19.38
CA THR E 222 10.61 -34.92 19.77
C THR E 222 10.92 -34.16 21.05
N VAL E 223 10.54 -32.89 21.08
CA VAL E 223 10.72 -32.05 22.26
C VAL E 223 9.35 -31.78 22.86
N TYR E 224 9.11 -32.26 24.08
CA TYR E 224 7.84 -32.03 24.78
C TYR E 224 7.90 -30.73 25.57
N VAL E 225 6.91 -29.87 25.36
CA VAL E 225 6.84 -28.59 26.06
C VAL E 225 5.94 -28.80 27.27
N ARG E 226 6.54 -29.15 28.39
CA ARG E 226 5.78 -29.53 29.58
C ARG E 226 6.35 -28.84 30.82
N PRO E 227 6.32 -27.51 30.86
CA PRO E 227 6.86 -26.79 32.01
C PRO E 227 6.14 -27.24 33.28
N THR E 228 6.94 -27.62 34.29
CA THR E 228 6.44 -28.47 35.36
C THR E 228 5.27 -27.84 36.11
N GLU E 229 5.36 -26.55 36.40
CA GLU E 229 4.29 -25.94 37.19
C GLU E 229 3.03 -25.66 36.40
N ASN E 230 3.05 -25.86 35.08
CA ASN E 230 1.89 -25.59 34.24
C ASN E 230 1.14 -26.87 33.86
N VAL E 231 1.52 -27.99 34.45
CA VAL E 231 0.76 -29.23 34.34
C VAL E 231 -0.38 -29.18 35.37
N LEU E 232 -1.60 -28.98 34.89
CA LEU E 232 -2.73 -28.66 35.75
C LEU E 232 -3.97 -29.38 35.22
N THR E 233 -4.80 -29.85 36.13
CA THR E 233 -6.15 -30.26 35.76
C THR E 233 -6.99 -29.02 35.44
N GLN E 234 -8.09 -29.23 34.73
CA GLN E 234 -8.99 -28.11 34.49
C GLN E 234 -9.48 -27.52 35.81
N MET E 235 -9.80 -28.36 36.78
CA MET E 235 -10.26 -27.85 38.07
C MET E 235 -9.18 -27.03 38.77
N GLU E 236 -7.92 -27.49 38.71
CA GLU E 236 -6.84 -26.67 39.26
C GLU E 236 -6.74 -25.32 38.55
N LEU E 237 -6.95 -25.29 37.23
CA LEU E 237 -6.97 -24.03 36.51
C LEU E 237 -8.14 -23.16 36.94
N VAL E 238 -9.33 -23.75 37.00
CA VAL E 238 -10.50 -23.00 37.47
C VAL E 238 -10.26 -22.43 38.86
N GLN E 239 -9.58 -23.18 39.73
CA GLN E 239 -9.38 -22.73 41.10
C GLN E 239 -8.34 -21.62 41.17
N ILE E 240 -7.38 -21.61 40.25
CA ILE E 240 -6.47 -20.48 40.16
C ILE E 240 -7.25 -19.21 39.89
N TRP E 241 -8.22 -19.28 38.97
CA TRP E 241 -9.04 -18.14 38.63
C TRP E 241 -9.94 -17.72 39.79
N GLU E 242 -10.62 -18.69 40.42
CA GLU E 242 -11.49 -18.37 41.55
C GLU E 242 -10.72 -17.72 42.69
N LYS E 243 -9.47 -18.10 42.88
CA LYS E 243 -8.65 -17.46 43.90
C LYS E 243 -8.32 -16.03 43.50
N LEU E 244 -8.05 -15.79 42.22
CA LEU E 244 -7.77 -14.44 41.76
C LEU E 244 -9.02 -13.55 41.87
N THR E 245 -10.19 -14.08 41.53
CA THR E 245 -11.40 -13.26 41.52
C THR E 245 -12.12 -13.24 42.87
N GLY E 246 -11.88 -14.23 43.73
CA GLY E 246 -12.69 -14.35 44.94
C GLY E 246 -14.13 -14.74 44.68
N LYS E 247 -14.44 -15.25 43.50
CA LYS E 247 -15.81 -15.65 43.16
C LYS E 247 -15.81 -17.11 42.73
N GLU E 248 -16.71 -17.88 43.32
CA GLU E 248 -16.86 -19.29 42.99
C GLU E 248 -17.76 -19.44 41.78
N LEU E 249 -17.32 -20.18 40.79
CA LEU E 249 -18.11 -20.40 39.59
C LEU E 249 -19.04 -21.59 39.76
N GLU E 250 -20.24 -21.46 39.20
CA GLU E 250 -21.17 -22.57 39.18
C GLU E 250 -20.72 -23.59 38.14
N LYS E 251 -20.45 -24.82 38.58
CA LYS E 251 -19.82 -25.83 37.75
C LYS E 251 -20.85 -26.87 37.34
N THR E 252 -20.82 -27.26 36.05
CA THR E 252 -21.60 -28.38 35.53
C THR E 252 -20.62 -29.41 34.97
N ASN E 253 -20.66 -30.62 35.52
CA ASN E 253 -19.81 -31.70 35.02
C ASN E 253 -20.45 -32.39 33.82
N ILE E 254 -19.66 -32.57 32.75
CA ILE E 254 -20.12 -33.19 31.53
C ILE E 254 -19.43 -34.54 31.41
N SER E 255 -20.23 -35.61 31.39
CA SER E 255 -19.64 -36.94 31.38
C SER E 255 -18.97 -37.23 30.04
N ALA E 256 -18.04 -38.18 30.08
CA ALA E 256 -17.42 -38.64 28.85
C ALA E 256 -18.46 -39.04 27.81
N ASN E 257 -19.50 -39.77 28.24
CA ASN E 257 -20.50 -40.24 27.29
C ASN E 257 -21.27 -39.07 26.67
N ASP E 258 -21.69 -38.11 27.49
CA ASP E 258 -22.41 -36.97 26.95
C ASP E 258 -21.55 -36.13 26.03
N PHE E 259 -20.23 -36.07 26.26
CA PHE E 259 -19.37 -35.27 25.37
C PHE E 259 -19.36 -35.87 23.97
N LEU E 260 -19.47 -37.18 23.85
CA LEU E 260 -19.72 -37.85 22.57
C LEU E 260 -21.22 -37.92 22.22
N GLN E 271 -20.16 -29.60 16.12
CA GLN E 271 -19.39 -28.46 16.62
C GLN E 271 -17.88 -28.66 16.37
N ALA E 272 -17.20 -27.59 15.95
CA ALA E 272 -15.77 -27.68 15.69
C ALA E 272 -14.98 -27.87 16.97
N GLY E 273 -13.89 -28.64 16.89
CA GLY E 273 -12.97 -28.81 17.99
C GLY E 273 -13.29 -29.93 18.95
N LEU E 274 -14.53 -30.42 18.96
CA LEU E 274 -14.81 -31.62 19.75
C LEU E 274 -13.87 -32.73 19.28
N GLY E 275 -13.37 -33.51 20.21
CA GLY E 275 -12.43 -34.50 19.75
C GLY E 275 -11.03 -34.09 20.12
N HIS E 276 -10.62 -32.89 19.69
CA HIS E 276 -9.46 -32.26 20.31
C HIS E 276 -9.66 -32.14 21.81
N PHE E 277 -10.74 -31.47 22.24
CA PHE E 277 -11.05 -31.38 23.65
C PHE E 277 -11.22 -32.77 24.27
N TYR E 278 -11.77 -33.73 23.53
CA TYR E 278 -11.96 -35.05 24.11
C TYR E 278 -10.63 -35.71 24.44
N HIS E 279 -9.70 -35.74 23.47
CA HIS E 279 -8.41 -36.37 23.72
C HIS E 279 -7.66 -35.67 24.84
N ILE E 280 -7.78 -34.34 24.91
CA ILE E 280 -7.04 -33.60 25.92
C ILE E 280 -7.64 -33.82 27.31
N PHE E 281 -8.93 -33.54 27.46
CA PHE E 281 -9.47 -33.40 28.81
C PHE E 281 -10.08 -34.68 29.37
N TYR E 282 -10.45 -35.64 28.52
CA TYR E 282 -10.99 -36.92 28.98
C TYR E 282 -9.95 -38.04 28.91
N GLU E 283 -9.21 -38.15 27.82
CA GLU E 283 -8.15 -39.14 27.68
C GLU E 283 -6.81 -38.68 28.25
N GLY E 284 -6.63 -37.38 28.49
CA GLY E 284 -5.39 -36.92 29.09
C GLY E 284 -4.17 -37.18 28.23
N CYS E 285 -4.30 -36.98 26.92
CA CYS E 285 -3.24 -37.36 26.00
C CYS E 285 -1.97 -36.53 26.16
N LEU E 286 -2.02 -35.36 26.80
CA LEU E 286 -0.80 -34.58 26.94
C LEU E 286 0.02 -34.97 28.16
N THR E 287 -0.52 -35.80 29.05
CA THR E 287 0.13 -36.06 30.32
C THR E 287 0.16 -37.52 30.74
N ASP E 288 -0.33 -38.46 29.93
CA ASP E 288 -0.39 -39.82 30.47
C ASP E 288 0.94 -40.56 30.38
N HIS E 289 1.92 -40.05 29.62
CA HIS E 289 3.27 -40.60 29.57
C HIS E 289 4.25 -39.63 30.20
N GLU E 290 5.11 -40.13 31.07
CA GLU E 290 6.17 -39.27 31.59
C GLU E 290 7.19 -38.96 30.49
N VAL E 291 7.92 -37.86 30.67
CA VAL E 291 8.92 -37.40 29.71
C VAL E 291 10.23 -37.21 30.45
N GLY E 292 11.34 -37.54 29.77
CA GLY E 292 12.64 -37.39 30.37
C GLY E 292 13.16 -35.98 30.26
N ASP E 293 14.05 -35.61 31.19
CA ASP E 293 14.57 -34.26 31.18
C ASP E 293 15.30 -33.94 29.88
N ASP E 294 15.85 -34.95 29.21
CA ASP E 294 16.60 -34.71 27.99
C ASP E 294 15.68 -34.51 26.78
N GLU E 295 14.36 -34.49 26.97
CA GLU E 295 13.40 -34.27 25.90
C GLU E 295 12.29 -33.30 26.31
N GLU E 296 12.43 -32.58 27.43
CA GLU E 296 11.39 -31.67 27.88
C GLU E 296 11.93 -30.25 27.93
N ALA E 297 11.20 -29.33 27.31
CA ALA E 297 11.68 -27.98 27.07
C ALA E 297 12.13 -27.27 28.35
N SER E 298 11.32 -27.31 29.42
CA SER E 298 11.69 -26.51 30.59
C SER E 298 12.97 -27.03 31.25
N LYS E 299 13.28 -28.33 31.10
CA LYS E 299 14.55 -28.90 31.57
C LYS E 299 15.70 -28.65 30.60
N LEU E 300 15.43 -28.73 29.30
CA LEU E 300 16.48 -28.44 28.32
C LEU E 300 16.89 -26.98 28.36
N TYR E 301 15.94 -26.08 28.61
CA TYR E 301 16.17 -24.63 28.56
C TYR E 301 15.67 -24.03 29.86
N PRO E 302 16.37 -24.31 30.96
CA PRO E 302 15.88 -23.91 32.29
C PRO E 302 15.95 -22.41 32.51
N ASP E 303 16.62 -21.68 31.62
CA ASP E 303 16.66 -20.23 31.71
C ASP E 303 15.41 -19.55 31.18
N VAL E 304 14.52 -20.27 30.51
CA VAL E 304 13.24 -19.70 30.08
C VAL E 304 12.32 -19.65 31.31
N LYS E 305 12.07 -18.44 31.81
CA LYS E 305 11.17 -18.28 32.95
C LYS E 305 9.76 -18.26 32.42
N TYR E 306 9.17 -19.44 32.31
CA TYR E 306 7.90 -19.54 31.63
C TYR E 306 6.80 -18.90 32.47
N THR E 307 5.80 -18.37 31.77
CA THR E 307 4.66 -17.77 32.45
C THR E 307 3.82 -18.85 33.12
N ARG E 308 3.70 -18.77 34.44
CA ARG E 308 2.79 -19.61 35.18
C ARG E 308 1.36 -19.12 34.96
N MET E 309 0.39 -20.01 35.15
CA MET E 309 -0.96 -19.66 34.75
C MET E 309 -1.61 -18.64 35.68
N ASP E 310 -1.16 -18.53 36.93
CA ASP E 310 -1.73 -17.48 37.78
C ASP E 310 -1.30 -16.12 37.28
N GLU E 311 -0.08 -16.02 36.74
CA GLU E 311 0.34 -14.79 36.10
C GLU E 311 -0.41 -14.57 34.78
N TYR E 312 -0.48 -15.61 33.93
CA TYR E 312 -1.16 -15.48 32.65
C TYR E 312 -2.57 -14.95 32.80
N LEU E 313 -3.33 -15.48 33.78
CA LEU E 313 -4.73 -15.15 33.92
C LEU E 313 -4.98 -13.73 34.43
N LYS E 314 -3.97 -13.05 34.99
CA LYS E 314 -4.22 -11.75 35.60
C LYS E 314 -4.65 -10.70 34.58
N ILE E 315 -4.26 -10.86 33.31
CA ILE E 315 -4.62 -9.86 32.32
C ILE E 315 -6.13 -9.76 32.14
N PHE E 316 -6.87 -10.82 32.50
CA PHE E 316 -8.32 -10.81 32.32
C PHE E 316 -9.06 -10.23 33.52
N LEU E 317 -8.37 -9.94 34.62
CA LEU E 317 -9.01 -9.49 35.86
C LEU E 317 -9.73 -8.15 35.68
N SER F 6 -31.17 -5.05 -61.50
CA SER F 6 -31.41 -3.95 -60.57
C SER F 6 -32.45 -4.33 -59.52
N GLY F 7 -33.60 -4.79 -59.99
CA GLY F 7 -34.51 -5.51 -59.11
C GLY F 7 -33.98 -6.85 -58.67
N GLU F 8 -32.82 -7.26 -59.15
CA GLU F 8 -32.20 -8.50 -58.73
C GLU F 8 -31.14 -8.31 -57.65
N LYS F 9 -30.76 -7.06 -57.37
CA LYS F 9 -29.80 -6.77 -56.32
C LYS F 9 -30.33 -7.19 -54.95
N THR F 10 -29.43 -7.74 -54.12
CA THR F 10 -29.70 -7.84 -52.69
C THR F 10 -29.69 -6.45 -52.06
N ARG F 11 -30.71 -6.13 -51.26
CA ARG F 11 -30.80 -4.86 -50.55
C ARG F 11 -30.24 -5.00 -49.13
N VAL F 12 -29.23 -4.21 -48.80
CA VAL F 12 -28.44 -4.37 -47.57
C VAL F 12 -28.55 -3.09 -46.76
N LEU F 13 -28.90 -3.22 -45.48
CA LEU F 13 -28.82 -2.11 -44.53
C LEU F 13 -27.57 -2.28 -43.68
N VAL F 14 -26.69 -1.29 -43.72
CA VAL F 14 -25.49 -1.27 -42.89
C VAL F 14 -25.77 -0.41 -41.67
N VAL F 15 -25.60 -1.00 -40.50
CA VAL F 15 -25.77 -0.33 -39.22
C VAL F 15 -24.38 -0.14 -38.63
N GLY F 16 -24.03 1.10 -38.31
CA GLY F 16 -22.67 1.42 -37.93
C GLY F 16 -21.85 1.85 -39.10
N GLY F 17 -22.47 2.52 -40.08
CA GLY F 17 -21.87 2.76 -41.37
C GLY F 17 -20.78 3.83 -41.43
N THR F 18 -20.64 4.67 -40.40
CA THR F 18 -19.50 5.59 -40.32
C THR F 18 -18.38 5.07 -39.42
N GLY F 19 -18.52 3.86 -38.86
CA GLY F 19 -17.47 3.22 -38.12
C GLY F 19 -16.29 2.85 -39.00
N THR F 20 -15.23 2.36 -38.35
CA THR F 20 -14.01 1.97 -39.06
C THR F 20 -14.29 0.84 -40.03
N MET F 21 -14.88 -0.25 -39.52
CA MET F 21 -15.24 -1.36 -40.38
C MET F 21 -16.50 -1.07 -41.18
N GLY F 22 -17.43 -0.30 -40.58
CA GLY F 22 -18.71 -0.04 -41.22
C GLY F 22 -18.59 0.72 -42.52
N ARG F 23 -17.72 1.74 -42.57
CA ARG F 23 -17.57 2.50 -43.80
C ARG F 23 -17.04 1.63 -44.92
N ARG F 24 -16.11 0.74 -44.60
CA ARG F 24 -15.59 -0.15 -45.63
C ARG F 24 -16.67 -1.14 -46.10
N ILE F 25 -17.51 -1.60 -45.18
CA ILE F 25 -18.61 -2.47 -45.58
C ILE F 25 -19.57 -1.74 -46.51
N VAL F 26 -19.87 -0.48 -46.19
CA VAL F 26 -20.72 0.34 -47.06
C VAL F 26 -20.17 0.33 -48.49
N ARG F 27 -18.88 0.62 -48.63
CA ARG F 27 -18.28 0.77 -49.96
C ARG F 27 -18.09 -0.57 -50.63
N ALA F 28 -17.83 -1.63 -49.85
CA ALA F 28 -17.71 -2.96 -50.44
C ALA F 28 -19.07 -3.49 -50.90
N CYS F 29 -20.16 -3.17 -50.18
CA CYS F 29 -21.48 -3.55 -50.65
C CYS F 29 -21.81 -2.89 -51.97
N LEU F 30 -21.55 -1.58 -52.08
CA LEU F 30 -21.73 -0.87 -53.35
C LEU F 30 -20.86 -1.50 -54.43
N ALA F 31 -19.61 -1.79 -54.12
CA ALA F 31 -18.72 -2.34 -55.13
C ALA F 31 -19.18 -3.71 -55.61
N GLU F 32 -19.86 -4.48 -54.75
CA GLU F 32 -20.42 -5.75 -55.21
C GLU F 32 -21.73 -5.57 -55.98
N GLY F 33 -22.27 -4.36 -56.04
CA GLY F 33 -23.52 -4.14 -56.74
C GLY F 33 -24.76 -4.36 -55.92
N HIS F 34 -24.64 -4.43 -54.59
CA HIS F 34 -25.80 -4.49 -53.72
C HIS F 34 -26.47 -3.14 -53.65
N GLU F 35 -27.78 -3.14 -53.57
CA GLU F 35 -28.50 -1.92 -53.28
C GLU F 35 -28.32 -1.63 -51.80
N THR F 36 -27.65 -0.53 -51.48
CA THR F 36 -27.00 -0.34 -50.18
C THR F 36 -27.65 0.80 -49.43
N TYR F 37 -28.09 0.52 -48.21
CA TYR F 37 -28.71 1.49 -47.34
C TYR F 37 -27.88 1.59 -46.08
N VAL F 38 -27.81 2.79 -45.53
CA VAL F 38 -27.02 3.06 -44.35
C VAL F 38 -27.93 3.69 -43.32
N LEU F 39 -27.94 3.13 -42.11
CA LEU F 39 -28.70 3.72 -41.02
C LEU F 39 -28.10 5.07 -40.63
N GLN F 40 -28.96 6.08 -40.55
CA GLN F 40 -28.58 7.42 -40.12
C GLN F 40 -29.23 7.67 -38.77
N GLN F 41 -28.43 7.62 -37.72
CA GLN F 41 -28.91 7.91 -36.38
C GLN F 41 -28.98 9.42 -36.17
N PRO F 42 -29.74 9.87 -35.19
CA PRO F 42 -29.74 11.31 -34.89
C PRO F 42 -28.34 11.77 -34.46
N GLU F 43 -28.00 12.99 -34.86
CA GLU F 43 -26.73 13.58 -34.44
C GLU F 43 -26.67 13.67 -32.91
N THR F 44 -25.53 13.28 -32.34
CA THR F 44 -25.33 13.45 -30.90
C THR F 44 -24.55 14.73 -30.60
N ARG F 45 -24.03 15.40 -31.60
CA ARG F 45 -23.24 16.61 -31.45
C ARG F 45 -22.98 17.13 -32.86
N VAL F 46 -22.27 18.24 -32.95
CA VAL F 46 -21.82 18.74 -34.23
C VAL F 46 -20.58 17.95 -34.60
N ASP F 47 -20.62 17.28 -35.75
CA ASP F 47 -19.56 16.32 -36.10
C ASP F 47 -19.42 16.34 -37.62
N ILE F 48 -18.56 17.25 -38.11
CA ILE F 48 -18.48 17.51 -39.54
C ILE F 48 -18.05 16.26 -40.30
N GLU F 49 -17.09 15.50 -39.77
CA GLU F 49 -16.51 14.41 -40.54
C GLU F 49 -17.47 13.24 -40.65
N LYS F 50 -18.24 13.00 -39.60
CA LYS F 50 -19.23 11.93 -39.59
C LYS F 50 -20.37 12.24 -40.56
N VAL F 51 -20.93 13.45 -40.49
CA VAL F 51 -22.01 13.81 -41.40
C VAL F 51 -21.52 13.76 -42.84
N GLN F 52 -20.31 14.23 -43.08
CA GLN F 52 -19.86 14.29 -44.47
C GLN F 52 -19.56 12.89 -45.00
N LEU F 53 -19.10 11.98 -44.13
CA LEU F 53 -18.95 10.59 -44.54
C LEU F 53 -20.29 9.96 -44.90
N LEU F 54 -21.32 10.16 -44.07
CA LEU F 54 -22.63 9.62 -44.36
C LEU F 54 -23.14 10.11 -45.72
N TYR F 55 -23.11 11.41 -45.96
CA TYR F 55 -23.65 11.92 -47.21
C TYR F 55 -22.78 11.61 -48.41
N SER F 56 -21.47 11.40 -48.22
CA SER F 56 -20.64 10.96 -49.33
C SER F 56 -21.12 9.63 -49.90
N TYR F 57 -21.82 8.81 -49.11
CA TYR F 57 -22.28 7.55 -49.67
C TYR F 57 -23.36 7.75 -50.73
N LYS F 58 -24.17 8.80 -50.61
CA LYS F 58 -25.24 9.02 -51.59
C LYS F 58 -24.69 9.27 -52.98
N ARG F 59 -23.56 9.97 -53.08
CA ARG F 59 -22.92 10.16 -54.38
C ARG F 59 -22.47 8.84 -54.98
N LEU F 60 -22.12 7.86 -54.14
CA LEU F 60 -21.79 6.53 -54.64
C LEU F 60 -23.02 5.69 -54.93
N GLY F 61 -24.22 6.18 -54.64
CA GLY F 61 -25.45 5.46 -54.93
C GLY F 61 -26.13 4.79 -53.73
N ALA F 62 -25.58 4.92 -52.53
CA ALA F 62 -26.27 4.43 -51.36
C ALA F 62 -27.42 5.36 -50.99
N ARG F 63 -28.31 4.84 -50.16
CA ARG F 63 -29.40 5.60 -49.57
C ARG F 63 -29.29 5.62 -48.06
N LEU F 64 -29.81 6.67 -47.47
CA LEU F 64 -29.80 6.83 -46.03
C LEU F 64 -31.20 6.52 -45.52
N ILE F 65 -31.28 5.82 -44.39
CA ILE F 65 -32.55 5.57 -43.73
C ILE F 65 -32.43 6.09 -42.31
N GLU F 66 -33.22 7.10 -41.97
CA GLU F 66 -33.20 7.68 -40.64
C GLU F 66 -33.91 6.77 -39.65
N ALA F 67 -33.26 6.48 -38.54
CA ALA F 67 -33.87 5.70 -37.47
C ALA F 67 -33.02 5.89 -36.23
N SER F 68 -33.61 5.53 -35.09
CA SER F 68 -33.02 5.74 -33.77
C SER F 68 -33.21 4.48 -32.93
N PHE F 69 -32.15 4.04 -32.26
CA PHE F 69 -32.27 2.89 -31.36
C PHE F 69 -33.16 3.15 -30.16
N SER F 70 -33.52 4.40 -29.88
CA SER F 70 -34.47 4.69 -28.83
C SER F 70 -35.90 4.78 -29.33
N ASP F 71 -36.13 4.41 -30.60
CA ASP F 71 -37.46 4.45 -31.21
C ASP F 71 -37.64 3.11 -31.93
N HIS F 72 -38.26 2.15 -31.23
CA HIS F 72 -38.36 0.80 -31.77
C HIS F 72 -39.09 0.77 -33.11
N GLN F 73 -40.12 1.59 -33.28
CA GLN F 73 -40.85 1.57 -34.55
C GLN F 73 -40.00 2.10 -35.71
N SER F 74 -39.11 3.06 -35.44
CA SER F 74 -38.24 3.53 -36.51
C SER F 74 -37.27 2.45 -36.95
N LEU F 75 -36.85 1.58 -36.02
CA LEU F 75 -36.02 0.45 -36.38
C LEU F 75 -36.80 -0.57 -37.21
N VAL F 76 -38.01 -0.94 -36.76
CA VAL F 76 -38.86 -1.83 -37.54
C VAL F 76 -39.06 -1.26 -38.93
N SER F 77 -39.41 0.02 -39.00
CA SER F 77 -39.65 0.65 -40.30
C SER F 77 -38.42 0.60 -41.19
N ALA F 78 -37.22 0.67 -40.61
CA ALA F 78 -36.01 0.67 -41.42
C ALA F 78 -35.72 -0.71 -42.00
N VAL F 79 -35.79 -1.76 -41.18
CA VAL F 79 -35.40 -3.07 -41.67
C VAL F 79 -36.44 -3.63 -42.64
N LYS F 80 -37.68 -3.16 -42.58
CA LYS F 80 -38.66 -3.55 -43.60
C LYS F 80 -38.27 -3.09 -44.99
N GLN F 81 -37.31 -2.18 -45.13
CA GLN F 81 -36.96 -1.66 -46.44
C GLN F 81 -35.85 -2.45 -47.11
N VAL F 82 -35.28 -3.45 -46.46
CA VAL F 82 -34.12 -4.15 -46.98
C VAL F 82 -34.35 -5.65 -46.85
N ASP F 83 -33.40 -6.41 -47.39
CA ASP F 83 -33.36 -7.86 -47.29
C ASP F 83 -32.32 -8.39 -46.31
N ILE F 84 -31.19 -7.70 -46.16
CA ILE F 84 -30.12 -8.18 -45.28
C ILE F 84 -29.62 -7.01 -44.45
N VAL F 85 -29.34 -7.27 -43.17
CA VAL F 85 -28.81 -6.29 -42.24
C VAL F 85 -27.40 -6.70 -41.83
N VAL F 86 -26.46 -5.76 -41.89
CA VAL F 86 -25.09 -5.92 -41.40
C VAL F 86 -24.82 -4.85 -40.35
N ALA F 87 -24.40 -5.27 -39.16
CA ALA F 87 -24.04 -4.37 -38.08
C ALA F 87 -22.53 -4.41 -37.85
N ALA F 88 -21.94 -3.23 -37.66
CA ALA F 88 -20.52 -3.07 -37.40
C ALA F 88 -20.33 -1.94 -36.39
N MET F 89 -20.96 -2.09 -35.23
CA MET F 89 -20.84 -1.10 -34.16
C MET F 89 -19.71 -1.47 -33.21
N SER F 90 -19.19 -0.45 -32.53
CA SER F 90 -17.95 -0.59 -31.79
C SER F 90 -18.09 -1.65 -30.70
N GLY F 91 -16.99 -2.34 -30.42
CA GLY F 91 -16.97 -3.39 -29.41
C GLY F 91 -15.60 -3.61 -28.77
N HIS F 97 -21.76 -2.21 -24.09
CA HIS F 97 -22.86 -1.29 -24.29
C HIS F 97 -23.26 -1.25 -25.74
N SER F 98 -22.35 -0.72 -26.56
CA SER F 98 -22.55 -0.61 -28.00
C SER F 98 -22.98 -1.94 -28.61
N ILE F 99 -22.29 -3.03 -28.28
CA ILE F 99 -22.65 -4.32 -28.85
C ILE F 99 -24.07 -4.69 -28.45
N LEU F 100 -24.46 -4.41 -27.21
CA LEU F 100 -25.75 -4.85 -26.71
C LEU F 100 -26.90 -4.10 -27.35
N VAL F 101 -26.66 -2.89 -27.88
CA VAL F 101 -27.67 -2.18 -28.66
C VAL F 101 -28.25 -3.03 -29.78
N GLN F 102 -27.48 -4.00 -30.30
CA GLN F 102 -28.00 -4.87 -31.35
C GLN F 102 -29.18 -5.72 -30.90
N LEU F 103 -29.40 -5.87 -29.59
CA LEU F 103 -30.59 -6.60 -29.13
C LEU F 103 -31.87 -5.90 -29.59
N LYS F 104 -31.87 -4.58 -29.59
CA LYS F 104 -33.01 -3.85 -30.13
C LYS F 104 -33.18 -4.12 -31.62
N LEU F 105 -32.07 -4.26 -32.34
CA LEU F 105 -32.14 -4.57 -33.75
C LEU F 105 -32.69 -5.96 -33.98
N VAL F 106 -32.27 -6.94 -33.16
CA VAL F 106 -32.85 -8.28 -33.25
C VAL F 106 -34.36 -8.23 -33.04
N GLU F 107 -34.80 -7.49 -32.03
CA GLU F 107 -36.23 -7.35 -31.77
C GLU F 107 -36.94 -6.71 -32.95
N ALA F 108 -36.34 -5.68 -33.56
CA ALA F 108 -36.96 -5.05 -34.73
C ALA F 108 -37.02 -6.02 -35.90
N ILE F 109 -35.95 -6.77 -36.12
CA ILE F 109 -35.93 -7.71 -37.25
C ILE F 109 -36.95 -8.82 -37.04
N LYS F 110 -37.10 -9.27 -35.80
CA LYS F 110 -38.07 -10.31 -35.50
C LYS F 110 -39.47 -9.84 -35.82
N GLU F 111 -39.82 -8.62 -35.38
CA GLU F 111 -41.16 -8.12 -35.65
C GLU F 111 -41.40 -7.87 -37.14
N ALA F 112 -40.37 -7.42 -37.86
CA ALA F 112 -40.55 -7.10 -39.27
C ALA F 112 -40.80 -8.36 -40.11
N GLY F 113 -40.06 -9.43 -39.85
CA GLY F 113 -40.28 -10.71 -40.50
C GLY F 113 -39.70 -10.86 -41.89
N ASN F 114 -39.34 -9.77 -42.55
CA ASN F 114 -38.95 -9.85 -43.95
C ASN F 114 -37.44 -10.10 -44.16
N ILE F 115 -36.64 -10.15 -43.10
CA ILE F 115 -35.19 -10.15 -43.25
C ILE F 115 -34.69 -11.55 -43.61
N LYS F 116 -33.88 -11.64 -44.67
CA LYS F 116 -33.30 -12.92 -45.07
C LYS F 116 -32.06 -13.30 -44.27
N ARG F 117 -31.28 -12.33 -43.80
CA ARG F 117 -30.06 -12.66 -43.07
C ARG F 117 -29.59 -11.47 -42.27
N PHE F 118 -28.99 -11.75 -41.11
CA PHE F 118 -28.42 -10.73 -40.25
C PHE F 118 -26.96 -11.09 -39.98
N LEU F 119 -26.04 -10.18 -40.32
CA LEU F 119 -24.67 -10.34 -39.88
C LEU F 119 -24.41 -9.40 -38.71
N PRO F 120 -24.33 -9.91 -37.47
CA PRO F 120 -24.04 -9.02 -36.33
C PRO F 120 -22.60 -8.55 -36.33
N SER F 121 -22.32 -7.61 -35.42
CA SER F 121 -21.02 -6.94 -35.32
C SER F 121 -20.01 -7.90 -34.68
N GLU F 122 -19.37 -8.70 -35.53
CA GLU F 122 -18.41 -9.69 -35.09
C GLU F 122 -17.01 -9.23 -35.47
N PHE F 123 -16.41 -9.73 -36.54
CA PHE F 123 -15.23 -9.20 -37.18
C PHE F 123 -13.99 -9.27 -36.30
N GLY F 124 -13.92 -10.28 -35.44
CA GLY F 124 -12.76 -10.45 -34.61
C GLY F 124 -12.68 -11.82 -33.99
N MET F 125 -12.28 -11.87 -32.71
CA MET F 125 -12.19 -13.12 -31.99
C MET F 125 -13.56 -13.77 -31.88
N ASP F 126 -13.57 -15.09 -31.93
CA ASP F 126 -14.79 -15.87 -31.86
C ASP F 126 -15.29 -15.89 -30.42
N PRO F 127 -16.45 -15.30 -30.13
CA PRO F 127 -16.90 -15.21 -28.73
C PRO F 127 -17.45 -16.51 -28.18
N SER F 128 -17.63 -17.53 -28.99
CA SER F 128 -18.14 -18.81 -28.51
C SER F 128 -17.04 -19.73 -27.98
N ARG F 129 -15.78 -19.36 -28.18
CA ARG F 129 -14.66 -20.09 -27.61
C ARG F 129 -14.59 -19.88 -26.10
N ASP F 142 -18.55 -12.19 -25.25
CA ASP F 142 -19.54 -12.26 -24.16
C ASP F 142 -20.78 -11.38 -24.40
N GLN F 143 -20.62 -10.06 -24.52
CA GLN F 143 -21.73 -9.27 -25.08
C GLN F 143 -22.11 -9.81 -26.45
N LYS F 144 -21.12 -10.16 -27.28
CA LYS F 144 -21.43 -10.64 -28.62
C LYS F 144 -22.14 -12.00 -28.56
N LEU F 145 -21.76 -12.86 -27.62
CA LEU F 145 -22.44 -14.15 -27.48
C LEU F 145 -23.90 -13.98 -27.07
N GLU F 146 -24.19 -12.99 -26.22
CA GLU F 146 -25.57 -12.68 -25.89
C GLU F 146 -26.36 -12.25 -27.12
N VAL F 147 -25.71 -11.54 -28.04
CA VAL F 147 -26.38 -11.15 -29.28
C VAL F 147 -26.60 -12.37 -30.15
N ARG F 148 -25.62 -13.25 -30.23
CA ARG F 148 -25.80 -14.50 -30.97
C ARG F 148 -27.00 -15.29 -30.43
N ASN F 149 -27.08 -15.47 -29.11
CA ASN F 149 -28.18 -16.24 -28.54
C ASN F 149 -29.53 -15.62 -28.88
N ALA F 150 -29.62 -14.29 -28.90
CA ALA F 150 -30.88 -13.64 -29.24
C ALA F 150 -31.20 -13.81 -30.72
N ILE F 151 -30.20 -13.67 -31.59
CA ILE F 151 -30.41 -13.91 -33.01
C ILE F 151 -30.94 -15.32 -33.23
N GLU F 152 -30.33 -16.30 -32.57
CA GLU F 152 -30.67 -17.69 -32.82
C GLU F 152 -32.00 -18.05 -32.16
N ALA F 153 -32.25 -17.54 -30.95
CA ALA F 153 -33.55 -17.81 -30.32
C ALA F 153 -34.69 -17.28 -31.18
N ALA F 154 -34.48 -16.14 -31.84
CA ALA F 154 -35.49 -15.53 -32.67
C ALA F 154 -35.60 -16.19 -34.04
N GLY F 155 -34.74 -17.14 -34.35
CA GLY F 155 -34.81 -17.83 -35.63
C GLY F 155 -34.37 -17.02 -36.82
N ILE F 156 -33.52 -16.01 -36.61
CA ILE F 156 -33.09 -15.12 -37.67
C ILE F 156 -31.84 -15.72 -38.32
N PRO F 157 -31.87 -16.05 -39.61
CA PRO F 157 -30.66 -16.55 -40.28
C PRO F 157 -29.51 -15.55 -40.18
N HIS F 158 -28.30 -16.09 -40.02
CA HIS F 158 -27.14 -15.31 -39.64
C HIS F 158 -25.91 -15.77 -40.42
N THR F 159 -24.91 -14.88 -40.49
CA THR F 159 -23.54 -15.29 -40.76
C THR F 159 -22.65 -14.56 -39.76
N TYR F 160 -21.68 -15.27 -39.18
CA TYR F 160 -20.74 -14.68 -38.23
C TYR F 160 -19.37 -14.63 -38.92
N VAL F 161 -18.89 -13.42 -39.21
CA VAL F 161 -17.62 -13.22 -39.89
C VAL F 161 -16.57 -12.97 -38.81
N VAL F 162 -15.64 -13.90 -38.62
CA VAL F 162 -14.73 -13.88 -37.46
C VAL F 162 -13.32 -14.20 -37.93
N GLY F 163 -12.38 -14.13 -36.99
CA GLY F 163 -11.13 -14.82 -37.14
C GLY F 163 -9.89 -14.06 -37.58
N ALA F 164 -9.93 -12.73 -37.65
CA ALA F 164 -8.74 -12.00 -38.11
C ALA F 164 -8.51 -10.75 -37.29
N CYS F 165 -7.23 -10.39 -37.15
CA CYS F 165 -6.85 -9.08 -36.63
C CYS F 165 -6.90 -8.04 -37.74
N PHE F 166 -7.52 -6.89 -37.47
CA PHE F 166 -7.42 -5.78 -38.41
C PHE F 166 -5.94 -5.43 -38.62
N ALA F 167 -5.54 -5.30 -39.88
CA ALA F 167 -4.15 -4.96 -40.17
C ALA F 167 -3.75 -3.63 -39.53
N ALA F 168 -4.68 -2.67 -39.47
CA ALA F 168 -4.31 -1.35 -38.99
C ALA F 168 -4.02 -1.34 -37.49
N TYR F 169 -4.64 -2.26 -36.75
CA TYR F 169 -4.44 -2.33 -35.32
C TYR F 169 -3.33 -3.26 -34.90
N PHE F 170 -2.87 -4.19 -35.77
CA PHE F 170 -1.94 -5.23 -35.35
C PHE F 170 -0.77 -5.43 -36.30
N ALA F 171 -0.89 -5.05 -37.56
CA ALA F 171 0.21 -5.23 -38.48
C ALA F 171 1.03 -3.96 -38.64
N GLY F 172 0.37 -2.83 -38.88
CA GLY F 172 1.08 -1.58 -39.11
C GLY F 172 1.96 -1.15 -37.95
N ASN F 173 1.70 -1.66 -36.74
CA ASN F 173 2.50 -1.33 -35.56
C ASN F 173 3.41 -2.48 -35.13
N LEU F 174 3.55 -3.53 -35.94
CA LEU F 174 4.25 -4.76 -35.53
C LEU F 174 3.67 -5.33 -34.24
N SER F 175 2.36 -5.11 -34.04
CA SER F 175 1.60 -5.59 -32.89
C SER F 175 2.06 -4.96 -31.59
N GLN F 176 2.68 -3.77 -31.63
CA GLN F 176 2.97 -3.02 -30.41
C GLN F 176 1.71 -2.29 -29.97
N MET F 177 1.50 -2.23 -28.66
CA MET F 177 0.35 -1.51 -28.12
C MET F 177 0.64 -0.02 -28.03
N GLY F 178 -0.43 0.77 -28.10
CA GLY F 178 -0.32 2.19 -27.91
C GLY F 178 0.14 2.96 -29.12
N THR F 179 0.38 2.30 -30.24
CA THR F 179 0.79 3.03 -31.43
C THR F 179 0.20 2.30 -32.63
N LEU F 180 0.08 3.03 -33.74
CA LEU F 180 -0.38 2.45 -35.00
C LEU F 180 0.67 2.53 -36.12
N ILE F 181 1.92 2.85 -35.80
CA ILE F 181 2.95 2.93 -36.83
C ILE F 181 4.14 2.09 -36.37
N PRO F 182 4.99 1.67 -37.30
CA PRO F 182 6.12 0.80 -36.91
C PRO F 182 7.07 1.53 -35.96
N PRO F 183 7.60 0.83 -34.97
CA PRO F 183 8.60 1.45 -34.10
C PRO F 183 9.92 1.63 -34.84
N LYS F 184 10.71 2.59 -34.36
CA LYS F 184 11.93 2.96 -35.09
C LYS F 184 13.14 2.10 -34.71
N LYS F 185 13.26 1.66 -33.46
CA LYS F 185 14.44 0.87 -33.08
C LYS F 185 14.15 -0.36 -32.24
N LYS F 186 13.14 -0.34 -31.38
CA LYS F 186 12.90 -1.40 -30.42
C LYS F 186 11.52 -1.97 -30.65
N VAL F 187 11.38 -3.26 -30.38
CA VAL F 187 10.10 -3.93 -30.50
C VAL F 187 9.95 -4.94 -29.37
N ASN F 188 8.76 -4.96 -28.75
CA ASN F 188 8.40 -5.99 -27.80
C ASN F 188 7.86 -7.21 -28.55
N ILE F 189 8.40 -8.38 -28.21
CA ILE F 189 7.97 -9.66 -28.75
C ILE F 189 7.21 -10.39 -27.64
N TYR F 190 6.04 -10.93 -27.98
CA TYR F 190 5.19 -11.60 -27.00
C TYR F 190 5.60 -13.07 -26.90
N GLY F 191 6.09 -13.46 -25.73
CA GLY F 191 6.69 -14.78 -25.61
C GLY F 191 7.87 -14.93 -26.54
N ASP F 192 7.95 -16.07 -27.21
CA ASP F 192 8.94 -16.27 -28.27
C ASP F 192 8.53 -15.63 -29.59
N GLY F 193 7.31 -15.10 -29.70
CA GLY F 193 6.82 -14.58 -30.96
C GLY F 193 6.63 -15.64 -32.03
N ASN F 194 6.41 -16.89 -31.63
CA ASN F 194 6.19 -18.01 -32.54
C ASN F 194 4.74 -18.52 -32.51
N VAL F 195 3.80 -17.70 -32.07
CA VAL F 195 2.39 -18.03 -32.08
C VAL F 195 1.73 -17.45 -33.32
N LYS F 196 1.07 -18.29 -34.11
CA LYS F 196 0.43 -17.85 -35.35
C LYS F 196 -0.76 -16.92 -35.08
N VAL F 197 -0.79 -15.80 -35.79
CA VAL F 197 -1.85 -14.80 -35.75
C VAL F 197 -2.36 -14.59 -37.18
N VAL F 198 -3.55 -14.00 -37.32
CA VAL F 198 -4.14 -13.78 -38.63
C VAL F 198 -4.23 -12.27 -38.87
N TYR F 199 -3.42 -11.75 -39.81
CA TYR F 199 -3.37 -10.32 -40.12
C TYR F 199 -4.06 -10.05 -41.45
N VAL F 200 -5.12 -9.25 -41.43
CA VAL F 200 -5.90 -9.03 -42.64
C VAL F 200 -6.22 -7.56 -42.79
N ASP F 201 -5.98 -7.05 -43.99
CA ASP F 201 -6.41 -5.73 -44.39
C ASP F 201 -7.91 -5.59 -44.20
N GLU F 202 -8.33 -4.49 -43.57
CA GLU F 202 -9.73 -4.29 -43.26
C GLU F 202 -10.58 -4.19 -44.52
N ASP F 203 -10.01 -3.69 -45.62
CA ASP F 203 -10.74 -3.67 -46.89
C ASP F 203 -11.09 -5.07 -47.35
N ASP F 204 -10.18 -6.04 -47.15
CA ASP F 204 -10.44 -7.42 -47.51
C ASP F 204 -11.50 -8.04 -46.61
N ILE F 205 -11.45 -7.77 -45.30
CA ILE F 205 -12.52 -8.25 -44.43
C ILE F 205 -13.86 -7.74 -44.93
N ALA F 206 -13.92 -6.45 -45.29
CA ALA F 206 -15.17 -5.89 -45.76
C ALA F 206 -15.59 -6.49 -47.10
N GLU F 207 -14.63 -6.78 -47.99
CA GLU F 207 -15.00 -7.38 -49.28
C GLU F 207 -15.54 -8.80 -49.11
N TYR F 208 -14.86 -9.62 -48.30
CA TYR F 208 -15.40 -10.94 -47.96
C TYR F 208 -16.80 -10.82 -47.37
N THR F 209 -17.01 -9.81 -46.53
CA THR F 209 -18.33 -9.64 -45.91
C THR F 209 -19.40 -9.36 -46.96
N ALA F 210 -19.10 -8.46 -47.90
CA ALA F 210 -20.04 -8.16 -48.97
C ALA F 210 -20.30 -9.40 -49.82
N LYS F 211 -19.30 -10.25 -50.03
CA LYS F 211 -19.50 -11.43 -50.87
C LYS F 211 -20.24 -12.54 -50.14
N THR F 212 -20.07 -12.67 -48.83
CA THR F 212 -20.67 -13.79 -48.11
C THR F 212 -22.11 -13.51 -47.71
N LEU F 213 -22.51 -12.24 -47.65
CA LEU F 213 -23.75 -11.91 -46.96
C LEU F 213 -24.98 -12.48 -47.67
N ASP F 214 -24.93 -12.72 -48.99
CA ASP F 214 -26.00 -13.41 -49.69
C ASP F 214 -25.51 -14.70 -50.35
N ASP F 215 -24.42 -15.26 -49.87
CA ASP F 215 -23.92 -16.52 -50.38
C ASP F 215 -24.69 -17.67 -49.75
N PRO F 216 -25.40 -18.50 -50.53
CA PRO F 216 -26.18 -19.59 -49.92
C PRO F 216 -25.33 -20.56 -49.13
N ARG F 217 -24.05 -20.68 -49.47
CA ARG F 217 -23.16 -21.58 -48.76
C ARG F 217 -22.92 -21.16 -47.32
N THR F 218 -23.08 -19.88 -46.98
CA THR F 218 -22.68 -19.41 -45.65
C THR F 218 -23.86 -19.06 -44.76
N ILE F 219 -25.08 -19.40 -45.15
CA ILE F 219 -26.22 -19.13 -44.31
C ILE F 219 -26.12 -19.96 -43.04
N ASN F 220 -26.33 -19.32 -41.89
CA ASN F 220 -26.19 -19.93 -40.56
C ASN F 220 -24.81 -20.53 -40.33
N LYS F 221 -23.78 -19.96 -40.92
CA LYS F 221 -22.42 -20.41 -40.73
C LYS F 221 -21.56 -19.32 -40.10
N THR F 222 -20.50 -19.77 -39.44
CA THR F 222 -19.37 -18.90 -39.12
C THR F 222 -18.41 -18.92 -40.30
N VAL F 223 -18.04 -17.75 -40.80
CA VAL F 223 -17.03 -17.65 -41.85
C VAL F 223 -15.75 -17.11 -41.23
N TYR F 224 -14.69 -17.92 -41.25
CA TYR F 224 -13.39 -17.51 -40.77
C TYR F 224 -12.65 -16.79 -41.89
N VAL F 225 -12.15 -15.59 -41.58
CA VAL F 225 -11.32 -14.83 -42.51
C VAL F 225 -9.87 -15.17 -42.15
N ARG F 226 -9.30 -16.10 -42.90
CA ARG F 226 -7.96 -16.59 -42.61
C ARG F 226 -7.23 -16.81 -43.93
N PRO F 227 -6.94 -15.73 -44.65
CA PRO F 227 -6.19 -15.88 -45.91
C PRO F 227 -4.86 -16.53 -45.64
N THR F 228 -4.56 -17.58 -46.41
CA THR F 228 -3.53 -18.53 -46.03
C THR F 228 -2.17 -17.87 -45.84
N GLU F 229 -1.76 -17.00 -46.75
CA GLU F 229 -0.44 -16.40 -46.61
C GLU F 229 -0.38 -15.28 -45.59
N ASN F 230 -1.48 -14.92 -44.92
CA ASN F 230 -1.46 -13.91 -43.87
C ASN F 230 -1.54 -14.53 -42.48
N VAL F 231 -1.39 -15.85 -42.38
CA VAL F 231 -1.26 -16.54 -41.11
C VAL F 231 0.22 -16.51 -40.73
N LEU F 232 0.56 -15.67 -39.76
CA LEU F 232 1.95 -15.28 -39.49
C LEU F 232 2.17 -15.15 -37.99
N THR F 233 3.32 -15.63 -37.53
CA THR F 233 3.72 -15.30 -36.18
C THR F 233 4.15 -13.84 -36.11
N GLN F 234 4.17 -13.30 -34.89
CA GLN F 234 4.63 -11.92 -34.72
C GLN F 234 6.07 -11.77 -35.20
N MET F 235 6.91 -12.75 -34.92
CA MET F 235 8.29 -12.70 -35.40
C MET F 235 8.33 -12.71 -36.92
N GLU F 236 7.46 -13.50 -37.55
CA GLU F 236 7.40 -13.49 -39.00
C GLU F 236 6.95 -12.12 -39.52
N LEU F 237 5.97 -11.50 -38.85
CA LEU F 237 5.58 -10.16 -39.26
C LEU F 237 6.73 -9.19 -39.10
N VAL F 238 7.39 -9.21 -37.94
CA VAL F 238 8.54 -8.35 -37.69
C VAL F 238 9.63 -8.58 -38.75
N GLN F 239 9.86 -9.85 -39.14
CA GLN F 239 10.92 -10.11 -40.13
C GLN F 239 10.53 -9.65 -41.52
N ILE F 240 9.24 -9.66 -41.86
CA ILE F 240 8.81 -9.02 -43.11
C ILE F 240 9.19 -7.54 -43.10
N TRP F 241 8.98 -6.86 -41.98
CA TRP F 241 9.32 -5.45 -41.88
C TRP F 241 10.83 -5.24 -41.98
N GLU F 242 11.60 -6.04 -41.22
CA GLU F 242 13.05 -5.89 -41.25
C GLU F 242 13.61 -6.11 -42.64
N LYS F 243 12.99 -6.99 -43.43
CA LYS F 243 13.42 -7.18 -44.82
C LYS F 243 13.11 -5.94 -45.67
N LEU F 244 11.96 -5.30 -45.43
CA LEU F 244 11.60 -4.10 -46.19
C LEU F 244 12.52 -2.94 -45.87
N THR F 245 12.86 -2.74 -44.60
CA THR F 245 13.67 -1.62 -44.15
C THR F 245 15.17 -1.88 -44.18
N GLY F 246 15.59 -3.14 -44.09
CA GLY F 246 16.99 -3.44 -43.95
C GLY F 246 17.57 -3.14 -42.60
N LYS F 247 16.75 -2.93 -41.57
CA LYS F 247 17.28 -2.61 -40.26
C LYS F 247 16.72 -3.58 -39.22
N GLU F 248 17.62 -4.20 -38.47
CA GLU F 248 17.20 -5.14 -37.45
C GLU F 248 16.70 -4.41 -36.20
N LEU F 249 15.54 -4.79 -35.72
CA LEU F 249 14.99 -4.14 -34.53
C LEU F 249 15.50 -4.82 -33.27
N GLU F 250 15.68 -4.02 -32.23
CA GLU F 250 16.07 -4.53 -30.94
C GLU F 250 14.86 -5.15 -30.25
N LYS F 251 14.95 -6.44 -29.95
CA LYS F 251 13.81 -7.23 -29.51
C LYS F 251 13.90 -7.53 -28.03
N THR F 252 12.82 -7.28 -27.30
CA THR F 252 12.64 -7.70 -25.91
C THR F 252 11.47 -8.69 -25.84
N ASN F 253 11.76 -9.91 -25.35
CA ASN F 253 10.75 -10.93 -25.18
C ASN F 253 10.05 -10.73 -23.84
N ILE F 254 8.73 -10.59 -23.88
CA ILE F 254 7.90 -10.42 -22.70
C ILE F 254 7.27 -11.76 -22.39
N SER F 255 7.50 -12.27 -21.18
CA SER F 255 6.89 -13.55 -20.84
C SER F 255 5.41 -13.34 -20.55
N ALA F 256 4.67 -14.45 -20.58
CA ALA F 256 3.25 -14.39 -20.24
C ALA F 256 3.05 -13.73 -18.88
N ASN F 257 3.82 -14.14 -17.88
CA ASN F 257 3.59 -13.61 -16.54
C ASN F 257 3.95 -12.13 -16.46
N ASP F 258 5.06 -11.72 -17.06
CA ASP F 258 5.35 -10.29 -17.12
C ASP F 258 4.26 -9.53 -17.88
N PHE F 259 3.61 -10.18 -18.85
CA PHE F 259 2.53 -9.50 -19.58
C PHE F 259 1.31 -9.32 -18.69
N LEU F 260 1.02 -10.30 -17.84
CA LEU F 260 -0.13 -10.26 -16.92
C LEU F 260 0.19 -9.59 -15.57
N LYS F 266 -8.14 -8.33 -12.77
CA LYS F 266 -9.12 -9.36 -12.45
C LYS F 266 -10.51 -8.74 -12.42
N GLU F 267 -10.80 -8.09 -11.29
CA GLU F 267 -11.77 -7.01 -11.23
C GLU F 267 -11.11 -5.67 -11.53
N ILE F 268 -9.81 -5.58 -11.31
CA ILE F 268 -9.13 -4.29 -11.22
C ILE F 268 -8.92 -3.72 -12.63
N PRO F 269 -9.18 -2.43 -12.82
CA PRO F 269 -8.89 -1.81 -14.11
C PRO F 269 -7.44 -2.02 -14.50
N HIS F 270 -7.19 -2.13 -15.80
CA HIS F 270 -5.83 -2.23 -16.31
C HIS F 270 -5.78 -1.64 -17.71
N GLN F 271 -4.58 -1.67 -18.27
CA GLN F 271 -4.33 -1.11 -19.59
C GLN F 271 -5.32 -1.65 -20.63
N ALA F 272 -5.87 -0.75 -21.45
CA ALA F 272 -6.85 -1.15 -22.45
C ALA F 272 -6.27 -2.19 -23.42
N GLY F 273 -7.03 -3.24 -23.70
CA GLY F 273 -6.65 -4.22 -24.70
C GLY F 273 -5.75 -5.34 -24.22
N LEU F 274 -5.21 -5.26 -23.00
CA LEU F 274 -4.48 -6.40 -22.47
C LEU F 274 -5.45 -7.54 -22.38
N GLY F 275 -5.05 -8.70 -22.80
CA GLY F 275 -6.11 -9.68 -22.67
C GLY F 275 -6.64 -10.00 -24.03
N HIS F 276 -7.18 -9.02 -24.75
CA HIS F 276 -7.27 -9.20 -26.19
C HIS F 276 -5.90 -9.63 -26.73
N PHE F 277 -4.87 -8.82 -26.47
CA PHE F 277 -3.53 -9.19 -26.91
C PHE F 277 -3.09 -10.52 -26.29
N TYR F 278 -3.45 -10.75 -25.03
CA TYR F 278 -3.08 -12.02 -24.40
C TYR F 278 -3.71 -13.21 -25.12
N HIS F 279 -5.01 -13.14 -25.41
CA HIS F 279 -5.65 -14.24 -26.12
C HIS F 279 -5.02 -14.46 -27.49
N ILE F 280 -4.69 -13.38 -28.19
CA ILE F 280 -4.23 -13.50 -29.57
C ILE F 280 -2.83 -14.07 -29.61
N PHE F 281 -1.92 -13.47 -28.86
CA PHE F 281 -0.48 -13.66 -29.05
C PHE F 281 0.11 -14.69 -28.09
N TYR F 282 -0.50 -14.92 -26.94
CA TYR F 282 0.00 -15.97 -26.04
C TYR F 282 -0.81 -17.25 -26.15
N GLU F 283 -2.14 -17.15 -26.24
CA GLU F 283 -2.97 -18.34 -26.41
C GLU F 283 -3.14 -18.76 -27.86
N GLY F 284 -2.83 -17.91 -28.84
CA GLY F 284 -3.07 -18.28 -30.23
C GLY F 284 -4.52 -18.55 -30.58
N CYS F 285 -5.44 -17.77 -30.00
CA CYS F 285 -6.86 -18.05 -30.14
C CYS F 285 -7.35 -17.93 -31.57
N LEU F 286 -6.62 -17.24 -32.45
CA LEU F 286 -7.07 -17.09 -33.83
C LEU F 286 -6.67 -18.27 -34.72
N THR F 287 -5.74 -19.10 -34.26
CA THR F 287 -5.15 -20.14 -35.11
C THR F 287 -5.08 -21.50 -34.43
N ASP F 288 -5.67 -21.68 -33.26
CA ASP F 288 -5.45 -22.96 -32.60
C ASP F 288 -6.33 -24.07 -33.15
N HIS F 289 -7.31 -23.76 -34.01
CA HIS F 289 -8.17 -24.78 -34.62
C HIS F 289 -8.15 -24.61 -36.12
N GLU F 290 -8.00 -25.72 -36.83
CA GLU F 290 -8.00 -25.68 -38.28
C GLU F 290 -9.41 -25.37 -38.78
N VAL F 291 -9.49 -24.80 -39.97
CA VAL F 291 -10.79 -24.45 -40.58
C VAL F 291 -10.88 -25.12 -41.93
N GLY F 292 -12.09 -25.58 -42.28
CA GLY F 292 -12.31 -26.21 -43.57
C GLY F 292 -12.46 -25.18 -44.68
N ASP F 293 -12.14 -25.61 -45.89
CA ASP F 293 -12.30 -24.76 -47.06
C ASP F 293 -13.72 -24.24 -47.18
N ASP F 294 -14.71 -25.01 -46.75
CA ASP F 294 -16.08 -24.59 -46.90
C ASP F 294 -16.48 -23.52 -45.89
N GLU F 295 -15.57 -23.10 -45.02
CA GLU F 295 -15.91 -22.09 -44.03
C GLU F 295 -14.82 -21.02 -43.90
N GLU F 296 -13.93 -20.91 -44.88
CA GLU F 296 -12.83 -19.96 -44.83
C GLU F 296 -12.91 -19.02 -46.02
N ALA F 297 -12.80 -17.72 -45.74
CA ALA F 297 -13.15 -16.70 -46.72
C ALA F 297 -12.29 -16.81 -47.99
N SER F 298 -10.99 -16.98 -47.86
CA SER F 298 -10.15 -16.93 -49.04
C SER F 298 -10.34 -18.17 -49.92
N LYS F 299 -10.84 -19.29 -49.36
CA LYS F 299 -11.25 -20.43 -50.17
C LYS F 299 -12.64 -20.23 -50.77
N LEU F 300 -13.57 -19.66 -50.01
CA LEU F 300 -14.90 -19.40 -50.54
C LEU F 300 -14.86 -18.35 -51.65
N TYR F 301 -14.00 -17.34 -51.53
CA TYR F 301 -13.94 -16.22 -52.47
C TYR F 301 -12.52 -16.10 -52.99
N PRO F 302 -12.07 -17.08 -53.77
CA PRO F 302 -10.67 -17.07 -54.22
C PRO F 302 -10.37 -15.95 -55.19
N ASP F 303 -11.38 -15.28 -55.73
CA ASP F 303 -11.16 -14.12 -56.58
C ASP F 303 -10.74 -12.87 -55.80
N VAL F 304 -10.95 -12.84 -54.49
CA VAL F 304 -10.45 -11.71 -53.70
C VAL F 304 -8.94 -11.84 -53.61
N LYS F 305 -8.21 -10.92 -54.22
CA LYS F 305 -6.74 -10.94 -54.20
C LYS F 305 -6.28 -10.18 -52.96
N TYR F 306 -6.30 -10.88 -51.83
CA TYR F 306 -6.13 -10.18 -50.56
C TYR F 306 -4.72 -9.61 -50.45
N THR F 307 -4.64 -8.49 -49.74
CA THR F 307 -3.36 -7.82 -49.53
C THR F 307 -2.49 -8.64 -48.58
N ARG F 308 -1.35 -9.09 -49.08
CA ARG F 308 -0.34 -9.70 -48.23
C ARG F 308 0.34 -8.62 -47.39
N MET F 309 0.95 -9.04 -46.30
CA MET F 309 1.46 -8.09 -45.33
C MET F 309 2.75 -7.39 -45.78
N ASP F 310 3.56 -8.02 -46.65
CA ASP F 310 4.70 -7.28 -47.19
C ASP F 310 4.21 -6.13 -48.08
N GLU F 311 3.10 -6.33 -48.80
CA GLU F 311 2.49 -5.22 -49.52
C GLU F 311 1.86 -4.22 -48.56
N TYR F 312 1.12 -4.69 -47.56
CA TYR F 312 0.43 -3.79 -46.63
C TYR F 312 1.42 -2.84 -45.94
N LEU F 313 2.57 -3.35 -45.53
CA LEU F 313 3.53 -2.58 -44.75
C LEU F 313 4.25 -1.51 -45.57
N LYS F 314 4.22 -1.58 -46.90
CA LYS F 314 5.02 -0.66 -47.70
C LYS F 314 4.59 0.80 -47.51
N ILE F 315 3.32 1.05 -47.17
CA ILE F 315 2.86 2.41 -47.00
C ILE F 315 3.63 3.13 -45.89
N PHE F 316 4.25 2.39 -44.96
CA PHE F 316 4.94 2.96 -43.81
C PHE F 316 6.42 3.19 -44.05
N LEU F 317 6.97 2.80 -45.19
CA LEU F 317 8.40 2.93 -45.45
C LEU F 317 8.80 4.37 -45.72
#